data_1P0Z
#
_entry.id   1P0Z
#
_cell.length_a   61.613
_cell.length_b   84.333
_cell.length_c   97.710
_cell.angle_alpha   112.83
_cell.angle_beta   107.36
_cell.angle_gamma   93.74
#
_symmetry.space_group_name_H-M   'P 1'
#
loop_
_entity.id
_entity.type
_entity.pdbx_description
1 polymer 'Sensor kinase citA'
2 non-polymer 'CITRATE ANION'
3 non-polymer 'SODIUM ION'
4 non-polymer 'bis(mu4-oxo)-bis(mu3-oxo)-octakis(mu2-oxo)-dodecaoxo-heptamolybdenum (VI)'
5 non-polymer 'MO(VI)(=O)(OH)2 CLUSTER'
6 water water
#
_entity_poly.entity_id   1
_entity_poly.type   'polypeptide(L)'
_entity_poly.pdbx_seq_one_letter_code
;EERLHYQVGQRALIQAMQISAMPELVEAVQKRDLARIKALIDPMRSFSDATYITVGDASGQRLYHVNPDEIGKSMEGGDS
DEALINAKSYVSVRKGSLGSSLRGKSPIQDATGKVIGIVSVGYTIEQLEHH
;
_entity_poly.pdbx_strand_id   A,B,C,D,E,F,G,H,I,J
#
loop_
_chem_comp.id
_chem_comp.type
_chem_comp.name
_chem_comp.formula
FLC non-polymer 'CITRATE ANION' 'C6 H5 O7 -3'
MO7 non-polymer 'bis(mu4-oxo)-bis(mu3-oxo)-octakis(mu2-oxo)-dodecaoxo-heptamolybdenum (VI)' 'Mo7 O24 -6'
NA non-polymer 'SODIUM ION' 'Na 1'
OMO non-polymer 'MO(VI)(=O)(OH)2 CLUSTER' 'H2 Mo O3 6'
#
# COMPACT_ATOMS: atom_id res chain seq x y z
N GLU A 1 -1.95 -30.70 41.29
CA GLU A 1 -3.03 -31.20 42.21
C GLU A 1 -4.28 -30.32 42.12
N GLU A 2 -4.13 -29.09 41.62
CA GLU A 2 -5.28 -28.20 41.48
C GLU A 2 -6.04 -28.68 40.25
N ARG A 3 -7.35 -28.92 40.40
CA ARG A 3 -8.12 -29.40 39.25
C ARG A 3 -9.31 -28.54 38.91
N LEU A 4 -9.69 -28.54 37.63
CA LEU A 4 -10.92 -27.87 37.21
C LEU A 4 -11.73 -28.98 36.50
N HIS A 5 -12.54 -29.71 37.28
CA HIS A 5 -13.36 -30.83 36.77
C HIS A 5 -12.57 -31.65 35.77
N TYR A 6 -11.47 -32.19 36.27
CA TYR A 6 -10.55 -32.96 35.43
C TYR A 6 -11.21 -34.07 34.62
N GLN A 7 -12.01 -34.91 35.27
CA GLN A 7 -12.64 -36.00 34.52
C GLN A 7 -13.59 -35.51 33.46
N VAL A 8 -14.35 -34.46 33.76
CA VAL A 8 -15.26 -33.94 32.75
C VAL A 8 -14.46 -33.45 31.53
N GLY A 9 -13.37 -32.72 31.77
CA GLY A 9 -12.59 -32.21 30.65
C GLY A 9 -12.03 -33.36 29.81
N GLN A 10 -11.58 -34.44 30.45
CA GLN A 10 -11.03 -35.57 29.69
C GLN A 10 -12.11 -36.23 28.85
N ARG A 11 -13.32 -36.35 29.40
CA ARG A 11 -14.47 -36.92 28.68
C ARG A 11 -14.79 -36.05 27.47
N ALA A 12 -14.76 -34.74 27.68
CA ALA A 12 -15.07 -33.83 26.56
C ALA A 12 -14.01 -33.93 25.48
N LEU A 13 -12.75 -33.99 25.91
CA LEU A 13 -11.65 -34.03 24.95
C LEU A 13 -11.66 -35.32 24.12
N ILE A 14 -11.89 -36.44 24.80
N ILE A 14 -11.87 -36.47 24.77
CA ILE A 14 -11.92 -37.73 24.11
CA ILE A 14 -11.85 -37.70 24.00
C ILE A 14 -13.00 -37.72 23.06
C ILE A 14 -13.02 -37.71 23.02
N GLN A 15 -14.18 -37.22 23.43
CA GLN A 15 -15.31 -37.17 22.50
C GLN A 15 -15.02 -36.23 21.32
N ALA A 16 -14.38 -35.09 21.59
CA ALA A 16 -14.11 -34.15 20.48
C ALA A 16 -13.11 -34.74 19.50
N MET A 17 -12.13 -35.45 20.04
CA MET A 17 -11.15 -36.11 19.18
C MET A 17 -11.85 -37.18 18.33
N GLN A 18 -12.70 -37.98 18.93
CA GLN A 18 -13.40 -39.04 18.20
C GLN A 18 -14.29 -38.48 17.12
N ILE A 19 -15.06 -37.45 17.44
CA ILE A 19 -15.98 -36.90 16.47
C ILE A 19 -15.21 -36.24 15.34
N SER A 20 -14.16 -35.48 15.68
CA SER A 20 -13.45 -34.75 14.63
C SER A 20 -12.74 -35.66 13.63
N ALA A 21 -12.48 -36.89 14.04
CA ALA A 21 -11.77 -37.86 13.18
C ALA A 21 -12.71 -38.70 12.32
N MET A 22 -14.02 -38.52 12.48
CA MET A 22 -14.95 -39.33 11.68
C MET A 22 -14.85 -39.01 10.20
N PRO A 23 -14.55 -40.00 9.34
CA PRO A 23 -14.46 -39.75 7.91
C PRO A 23 -15.70 -39.09 7.34
N GLU A 24 -16.89 -39.49 7.81
CA GLU A 24 -18.10 -38.86 7.29
C GLU A 24 -18.20 -37.38 7.63
N LEU A 25 -17.70 -37.01 8.81
CA LEU A 25 -17.74 -35.59 9.19
C LEU A 25 -16.72 -34.82 8.37
N VAL A 26 -15.53 -35.41 8.17
CA VAL A 26 -14.51 -34.74 7.39
C VAL A 26 -15.10 -34.44 6.00
N GLU A 27 -15.75 -35.44 5.41
CA GLU A 27 -16.37 -35.23 4.09
C GLU A 27 -17.49 -34.20 4.08
N ALA A 28 -18.37 -34.25 5.07
CA ALA A 28 -19.48 -33.31 5.13
C ALA A 28 -18.96 -31.89 5.30
N VAL A 29 -17.86 -31.72 6.04
CA VAL A 29 -17.30 -30.39 6.24
C VAL A 29 -16.65 -29.86 4.94
N GLN A 30 -15.93 -30.73 4.24
N GLN A 30 -15.93 -30.73 4.24
CA GLN A 30 -15.26 -30.35 2.99
CA GLN A 30 -15.27 -30.37 2.99
C GLN A 30 -16.31 -29.87 2.00
C GLN A 30 -16.31 -29.87 2.00
N LYS A 31 -17.46 -30.53 1.98
CA LYS A 31 -18.56 -30.20 1.08
C LYS A 31 -19.49 -29.10 1.59
N ARG A 32 -19.28 -28.72 2.85
CA ARG A 32 -20.07 -27.70 3.54
C ARG A 32 -21.54 -28.09 3.50
N ASP A 33 -21.80 -29.38 3.70
CA ASP A 33 -23.15 -29.88 3.68
C ASP A 33 -23.77 -29.81 5.08
N LEU A 34 -24.44 -28.71 5.40
CA LEU A 34 -25.05 -28.48 6.72
C LEU A 34 -26.05 -29.52 7.20
N ALA A 35 -26.93 -29.98 6.30
CA ALA A 35 -27.91 -30.99 6.69
C ALA A 35 -27.22 -32.29 7.02
N ARG A 36 -26.18 -32.62 6.24
CA ARG A 36 -25.44 -33.86 6.46
C ARG A 36 -24.73 -33.78 7.84
N ILE A 37 -24.13 -32.62 8.14
CA ILE A 37 -23.47 -32.43 9.43
C ILE A 37 -24.48 -32.58 10.56
N LYS A 38 -25.64 -31.95 10.41
CA LYS A 38 -26.68 -32.05 11.43
C LYS A 38 -27.11 -33.51 11.64
N ALA A 39 -27.29 -34.25 10.55
CA ALA A 39 -27.68 -35.66 10.63
C ALA A 39 -26.64 -36.50 11.37
N LEU A 40 -25.37 -36.12 11.23
CA LEU A 40 -24.29 -36.85 11.90
C LEU A 40 -24.15 -36.47 13.38
N ILE A 41 -24.25 -35.17 13.66
CA ILE A 41 -24.03 -34.71 15.03
C ILE A 41 -25.22 -34.83 15.97
N ASP A 42 -26.44 -34.58 15.47
CA ASP A 42 -27.60 -34.67 16.35
C ASP A 42 -27.67 -35.97 17.15
N PRO A 43 -27.50 -37.13 16.49
CA PRO A 43 -27.58 -38.36 17.29
C PRO A 43 -26.48 -38.44 18.33
N MET A 44 -25.31 -37.89 18.01
CA MET A 44 -24.21 -37.91 18.97
C MET A 44 -24.47 -36.97 20.14
N ARG A 45 -25.10 -35.84 19.83
CA ARG A 45 -25.44 -34.84 20.86
C ARG A 45 -26.48 -35.47 21.80
N SER A 46 -27.43 -36.19 21.22
N SER A 46 -27.45 -36.19 21.24
CA SER A 46 -28.48 -36.86 21.97
CA SER A 46 -28.47 -36.83 22.07
C SER A 46 -27.92 -37.95 22.89
C SER A 46 -27.87 -37.94 22.94
N PHE A 47 -27.02 -38.77 22.35
CA PHE A 47 -26.43 -39.89 23.09
C PHE A 47 -25.39 -39.47 24.15
N SER A 48 -24.57 -38.48 23.87
CA SER A 48 -23.56 -38.01 24.84
C SER A 48 -24.25 -37.31 26.01
N ASP A 49 -23.59 -37.23 27.16
CA ASP A 49 -24.13 -36.48 28.28
C ASP A 49 -23.62 -35.05 28.19
N ALA A 50 -22.84 -34.73 27.16
CA ALA A 50 -22.37 -33.33 27.01
C ALA A 50 -23.54 -32.35 26.86
N THR A 51 -23.32 -31.12 27.27
CA THR A 51 -24.34 -30.07 27.13
C THR A 51 -24.54 -29.70 25.68
N TYR A 52 -23.43 -29.64 24.93
CA TYR A 52 -23.50 -29.24 23.55
C TYR A 52 -22.32 -29.73 22.74
N ILE A 53 -22.47 -29.63 21.41
CA ILE A 53 -21.37 -29.91 20.51
C ILE A 53 -21.47 -28.82 19.44
N THR A 54 -20.34 -28.20 19.14
CA THR A 54 -20.29 -27.18 18.11
C THR A 54 -19.29 -27.64 17.05
N VAL A 55 -19.61 -27.41 15.77
CA VAL A 55 -18.68 -27.75 14.70
C VAL A 55 -18.44 -26.46 13.91
N GLY A 56 -17.17 -26.15 13.70
CA GLY A 56 -16.85 -24.96 12.93
C GLY A 56 -15.99 -25.27 11.72
N ASP A 57 -15.97 -24.35 10.74
CA ASP A 57 -15.12 -24.57 9.58
C ASP A 57 -13.71 -24.04 9.84
N ALA A 58 -12.87 -24.01 8.81
CA ALA A 58 -11.49 -23.60 8.99
C ALA A 58 -11.29 -22.19 9.52
N SER A 59 -12.24 -21.29 9.22
CA SER A 59 -12.13 -19.92 9.69
C SER A 59 -12.89 -19.74 11.00
N GLY A 60 -13.48 -20.83 11.51
CA GLY A 60 -14.22 -20.73 12.75
C GLY A 60 -15.67 -20.32 12.57
N GLN A 61 -16.18 -20.38 11.35
CA GLN A 61 -17.60 -20.09 11.13
C GLN A 61 -18.38 -21.38 11.51
N ARG A 62 -19.42 -21.26 12.32
CA ARG A 62 -20.15 -22.47 12.74
C ARG A 62 -20.95 -23.16 11.64
N LEU A 63 -20.72 -24.47 11.53
CA LEU A 63 -21.44 -25.32 10.61
C LEU A 63 -22.54 -26.07 11.38
N TYR A 64 -22.41 -26.10 12.72
CA TYR A 64 -23.39 -26.74 13.57
C TYR A 64 -23.32 -26.16 14.97
N HIS A 65 -24.49 -25.93 15.56
CA HIS A 65 -24.59 -25.46 16.94
C HIS A 65 -25.97 -25.94 17.42
N VAL A 66 -26.12 -26.11 18.72
CA VAL A 66 -27.41 -26.58 19.25
C VAL A 66 -28.49 -25.53 19.03
N ASN A 67 -28.09 -24.27 18.92
CA ASN A 67 -29.01 -23.15 18.66
C ASN A 67 -28.85 -22.77 17.21
N PRO A 68 -29.91 -23.01 16.42
CA PRO A 68 -29.92 -22.74 14.98
C PRO A 68 -29.41 -21.43 14.46
N ASP A 69 -29.69 -20.36 15.19
CA ASP A 69 -29.24 -19.04 14.71
C ASP A 69 -27.73 -18.84 14.72
N GLU A 70 -27.02 -19.64 15.53
CA GLU A 70 -25.58 -19.53 15.63
C GLU A 70 -24.88 -20.12 14.42
N ILE A 71 -25.59 -20.95 13.67
CA ILE A 71 -24.97 -21.53 12.49
C ILE A 71 -24.76 -20.42 11.46
N GLY A 72 -23.56 -20.33 10.92
CA GLY A 72 -23.26 -19.29 9.96
C GLY A 72 -22.58 -18.10 10.62
N LYS A 73 -22.57 -18.06 11.95
CA LYS A 73 -21.91 -16.99 12.69
C LYS A 73 -20.54 -17.48 13.17
N SER A 74 -19.62 -16.55 13.42
CA SER A 74 -18.26 -16.90 13.84
C SER A 74 -18.13 -17.27 15.31
N MET A 75 -17.23 -18.20 15.60
CA MET A 75 -16.92 -18.60 16.98
C MET A 75 -15.96 -17.49 17.43
N GLU A 76 -16.46 -16.58 18.27
CA GLU A 76 -15.67 -15.42 18.70
C GLU A 76 -15.12 -15.51 20.10
N GLY A 77 -15.22 -16.69 20.71
CA GLY A 77 -14.74 -16.85 22.08
C GLY A 77 -13.26 -16.66 22.26
N GLY A 78 -12.48 -16.87 21.19
CA GLY A 78 -11.05 -16.71 21.30
C GLY A 78 -10.26 -17.91 21.80
N ASP A 79 -10.95 -19.03 22.03
CA ASP A 79 -10.24 -20.21 22.52
C ASP A 79 -10.21 -21.33 21.49
N SER A 80 -10.35 -20.98 20.21
CA SER A 80 -10.34 -21.99 19.17
C SER A 80 -9.08 -21.89 18.30
N ASP A 81 -8.28 -20.84 18.51
CA ASP A 81 -7.10 -20.64 17.67
C ASP A 81 -6.10 -21.78 17.68
N GLU A 82 -5.84 -22.35 18.85
CA GLU A 82 -4.81 -23.38 18.88
C GLU A 82 -5.20 -24.62 18.08
N ALA A 83 -6.50 -24.90 17.97
CA ALA A 83 -6.93 -26.04 17.18
C ALA A 83 -6.97 -25.64 15.69
N LEU A 84 -7.53 -24.47 15.40
CA LEU A 84 -7.68 -24.04 14.01
C LEU A 84 -6.39 -23.68 13.31
N ILE A 85 -5.46 -23.09 14.05
CA ILE A 85 -4.20 -22.68 13.47
C ILE A 85 -3.08 -23.66 13.68
N ASN A 86 -2.99 -24.22 14.90
CA ASN A 86 -1.91 -25.12 15.24
C ASN A 86 -2.24 -26.59 15.40
N ALA A 87 -3.47 -26.95 15.06
CA ALA A 87 -3.94 -28.32 15.08
C ALA A 87 -3.79 -29.03 16.42
N LYS A 88 -3.91 -28.26 17.50
CA LYS A 88 -3.84 -28.81 18.85
C LYS A 88 -5.22 -29.28 19.35
N SER A 89 -5.20 -30.31 20.20
CA SER A 89 -6.44 -30.80 20.86
C SER A 89 -6.23 -30.49 22.35
N TYR A 90 -7.25 -29.96 23.01
CA TYR A 90 -7.05 -29.52 24.40
C TYR A 90 -8.39 -29.25 25.11
N VAL A 91 -8.30 -29.06 26.43
CA VAL A 91 -9.44 -28.71 27.25
C VAL A 91 -9.37 -27.20 27.49
N SER A 92 -10.51 -26.53 27.32
N SER A 92 -10.50 -26.52 27.34
CA SER A 92 -10.57 -25.08 27.51
CA SER A 92 -10.50 -25.08 27.60
C SER A 92 -11.79 -24.77 28.38
C SER A 92 -11.75 -24.79 28.43
N VAL A 93 -11.80 -23.60 29.03
CA VAL A 93 -12.97 -23.21 29.84
C VAL A 93 -13.37 -21.82 29.40
N ARG A 94 -14.67 -21.64 29.18
CA ARG A 94 -15.14 -20.31 28.78
C ARG A 94 -16.64 -20.20 28.87
N LYS A 95 -17.09 -18.97 29.14
CA LYS A 95 -18.53 -18.69 29.19
C LYS A 95 -18.99 -18.14 27.84
N GLY A 96 -19.44 -19.06 26.97
CA GLY A 96 -19.99 -18.68 25.69
C GLY A 96 -21.49 -18.47 25.95
N SER A 97 -22.26 -18.45 24.87
CA SER A 97 -23.71 -18.20 24.95
C SER A 97 -24.44 -19.19 25.87
N LEU A 98 -23.91 -20.41 25.99
CA LEU A 98 -24.54 -21.42 26.79
C LEU A 98 -24.09 -21.49 28.26
N GLY A 99 -23.24 -20.57 28.66
CA GLY A 99 -22.82 -20.55 30.05
C GLY A 99 -21.37 -21.03 30.26
N SER A 100 -20.81 -20.77 31.42
CA SER A 100 -19.44 -21.20 31.72
C SER A 100 -19.36 -22.71 31.55
N SER A 101 -18.51 -23.14 30.61
CA SER A 101 -18.41 -24.56 30.31
C SER A 101 -17.00 -25.02 30.03
N LEU A 102 -16.74 -26.29 30.33
N LEU A 102 -16.76 -26.30 30.31
CA LEU A 102 -15.43 -26.91 30.05
CA LEU A 102 -15.47 -26.90 29.97
C LEU A 102 -15.60 -27.50 28.63
C LEU A 102 -15.67 -27.40 28.55
N ARG A 103 -14.67 -27.21 27.71
CA ARG A 103 -14.77 -27.66 26.32
C ARG A 103 -13.61 -28.56 25.98
N GLY A 104 -13.90 -29.60 25.23
CA GLY A 104 -12.80 -30.41 24.69
C GLY A 104 -12.82 -29.97 23.22
N LYS A 105 -11.67 -29.54 22.68
CA LYS A 105 -11.58 -29.06 21.29
C LYS A 105 -10.57 -29.86 20.53
N SER A 106 -10.88 -30.12 19.25
CA SER A 106 -9.92 -30.88 18.43
C SER A 106 -10.17 -30.46 16.98
N PRO A 107 -9.11 -30.36 16.17
CA PRO A 107 -9.31 -29.95 14.77
C PRO A 107 -9.86 -31.10 13.96
N ILE A 108 -10.60 -30.78 12.91
N ILE A 108 -10.52 -30.73 12.87
CA ILE A 108 -11.07 -31.78 11.94
CA ILE A 108 -11.03 -31.66 11.87
C ILE A 108 -10.03 -31.58 10.82
C ILE A 108 -9.91 -31.53 10.84
N GLN A 109 -9.38 -32.65 10.38
CA GLN A 109 -8.31 -32.59 9.37
C GLN A 109 -8.56 -33.44 8.14
N ASP A 110 -8.09 -32.98 6.98
CA ASP A 110 -8.22 -33.85 5.81
C ASP A 110 -7.11 -34.90 5.86
N ALA A 111 -7.03 -35.78 4.84
CA ALA A 111 -6.02 -36.84 4.87
C ALA A 111 -4.57 -36.35 4.90
N THR A 112 -4.31 -35.15 4.39
CA THR A 112 -2.94 -34.59 4.37
C THR A 112 -2.57 -33.88 5.67
N GLY A 113 -3.53 -33.81 6.60
CA GLY A 113 -3.27 -33.13 7.85
C GLY A 113 -3.71 -31.68 7.90
N LYS A 114 -4.20 -31.15 6.78
CA LYS A 114 -4.64 -29.75 6.75
C LYS A 114 -5.85 -29.55 7.67
N VAL A 115 -5.84 -28.52 8.49
CA VAL A 115 -7.03 -28.29 9.33
C VAL A 115 -8.15 -27.68 8.47
N ILE A 116 -9.32 -28.33 8.51
CA ILE A 116 -10.48 -27.82 7.77
C ILE A 116 -11.63 -27.43 8.69
N GLY A 117 -11.39 -27.55 10.00
CA GLY A 117 -12.49 -27.18 10.91
C GLY A 117 -12.16 -27.56 12.34
N ILE A 118 -13.18 -27.53 13.19
CA ILE A 118 -12.97 -27.80 14.62
C ILE A 118 -14.25 -28.40 15.23
N VAL A 119 -14.06 -29.26 16.22
CA VAL A 119 -15.18 -29.81 16.97
C VAL A 119 -14.94 -29.42 18.44
N SER A 120 -16.00 -28.93 19.08
CA SER A 120 -15.92 -28.53 20.49
C SER A 120 -17.06 -29.26 21.20
N VAL A 121 -16.71 -30.05 22.22
CA VAL A 121 -17.73 -30.75 23.00
C VAL A 121 -17.71 -30.06 24.37
N GLY A 122 -18.86 -29.58 24.80
CA GLY A 122 -18.87 -28.81 26.03
C GLY A 122 -19.83 -29.28 27.11
N TYR A 123 -19.40 -29.02 28.35
CA TYR A 123 -20.20 -29.35 29.55
C TYR A 123 -20.34 -28.08 30.38
N THR A 124 -21.56 -27.54 30.51
N THR A 124 -21.58 -27.64 30.56
CA THR A 124 -21.73 -26.33 31.30
CA THR A 124 -21.86 -26.45 31.37
C THR A 124 -21.63 -26.70 32.78
C THR A 124 -21.59 -26.80 32.84
N ILE A 125 -20.71 -26.04 33.47
CA ILE A 125 -20.38 -26.35 34.83
C ILE A 125 -21.48 -26.34 35.86
N GLU A 126 -22.33 -25.35 35.75
CA GLU A 126 -23.38 -25.26 36.73
C GLU A 126 -24.32 -26.43 36.65
N GLN A 127 -24.39 -27.09 35.48
CA GLN A 127 -25.28 -28.23 35.28
C GLN A 127 -24.68 -29.60 35.62
N LEU A 128 -23.41 -29.63 36.02
CA LEU A 128 -22.83 -30.93 36.37
C LEU A 128 -23.56 -31.55 37.59
N GLU A 129 -23.61 -32.88 37.62
CA GLU A 129 -24.22 -33.61 38.70
C GLU A 129 -23.04 -33.92 39.60
N HIS A 130 -23.01 -33.22 40.70
CA HIS A 130 -21.90 -33.35 41.57
C HIS A 130 -21.75 -34.69 42.28
N HIS A 131 -20.51 -34.96 42.65
CA HIS A 131 -20.21 -36.20 43.34
C HIS A 131 -19.98 -35.87 44.82
N GLU B 1 -18.09 41.29 -26.03
CA GLU B 1 -16.96 42.07 -26.63
C GLU B 1 -15.65 41.94 -25.84
N GLU B 2 -15.71 41.40 -24.62
CA GLU B 2 -14.52 41.21 -23.78
C GLU B 2 -13.65 40.05 -24.32
N ARG B 3 -12.35 40.28 -24.37
CA ARG B 3 -11.43 39.26 -24.85
C ARG B 3 -10.28 39.01 -23.92
N LEU B 4 -9.70 37.82 -24.07
CA LEU B 4 -8.50 37.48 -23.33
C LEU B 4 -7.53 36.97 -24.43
N HIS B 5 -6.76 37.92 -24.98
CA HIS B 5 -5.82 37.66 -26.07
C HIS B 5 -6.41 36.67 -27.07
N TYR B 6 -7.52 37.12 -27.64
CA TYR B 6 -8.28 36.30 -28.57
C TYR B 6 -7.44 35.71 -29.68
N GLN B 7 -6.70 36.56 -30.41
CA GLN B 7 -5.87 36.05 -31.51
C GLN B 7 -4.81 35.03 -31.09
N VAL B 8 -4.22 35.25 -29.92
CA VAL B 8 -3.22 34.29 -29.41
C VAL B 8 -3.89 32.95 -29.13
N GLY B 9 -5.07 33.00 -28.50
CA GLY B 9 -5.76 31.75 -28.18
C GLY B 9 -6.11 31.01 -29.45
N GLN B 10 -6.55 31.73 -30.49
CA GLN B 10 -6.90 31.02 -31.73
C GLN B 10 -5.67 30.41 -32.38
N ARG B 11 -4.54 31.11 -32.34
CA ARG B 11 -3.29 30.54 -32.88
C ARG B 11 -2.88 29.25 -32.13
N ALA B 12 -3.03 29.28 -30.80
CA ALA B 12 -2.68 28.13 -30.01
C ALA B 12 -3.58 26.95 -30.30
N LEU B 13 -4.86 27.25 -30.43
CA LEU B 13 -5.85 26.20 -30.69
C LEU B 13 -5.63 25.53 -32.05
N ILE B 14 -5.41 26.34 -33.08
N ILE B 14 -5.43 26.31 -33.11
CA ILE B 14 -5.20 25.79 -34.41
CA ILE B 14 -5.24 25.66 -34.40
C ILE B 14 -3.96 24.91 -34.41
C ILE B 14 -3.95 24.86 -34.39
N GLN B 15 -2.89 25.37 -33.76
CA GLN B 15 -1.67 24.59 -33.71
C GLN B 15 -1.89 23.28 -32.95
N ALA B 16 -2.62 23.32 -31.84
CA ALA B 16 -2.83 22.09 -31.07
C ALA B 16 -3.65 21.09 -31.88
N MET B 17 -4.62 21.60 -32.62
N MET B 17 -4.62 21.59 -32.63
CA MET B 17 -5.44 20.73 -33.44
CA MET B 17 -5.45 20.71 -33.44
C MET B 17 -4.56 20.09 -34.53
C MET B 17 -4.64 20.11 -34.60
N GLN B 18 -3.74 20.90 -35.19
CA GLN B 18 -2.89 20.38 -36.25
C GLN B 18 -1.89 19.35 -35.74
N ILE B 19 -1.27 19.61 -34.59
CA ILE B 19 -0.29 18.69 -34.06
C ILE B 19 -0.95 17.38 -33.61
N SER B 20 -2.09 17.50 -32.91
CA SER B 20 -2.72 16.28 -32.38
C SER B 20 -3.23 15.34 -33.45
N ALA B 21 -3.42 15.86 -34.67
CA ALA B 21 -3.92 15.06 -35.77
C ALA B 21 -2.81 14.43 -36.62
N MET B 22 -1.55 14.72 -36.31
CA MET B 22 -0.47 14.15 -37.10
C MET B 22 -0.39 12.62 -36.95
N PRO B 23 -0.50 11.88 -38.07
CA PRO B 23 -0.43 10.42 -37.96
C PRO B 23 0.81 9.94 -37.26
N GLU B 24 1.94 10.61 -37.46
CA GLU B 24 3.18 10.18 -36.81
C GLU B 24 3.09 10.31 -35.29
N LEU B 25 2.40 11.35 -34.82
CA LEU B 25 2.28 11.56 -33.38
C LEU B 25 1.31 10.53 -32.82
N VAL B 26 0.22 10.28 -33.53
CA VAL B 26 -0.75 9.29 -33.08
C VAL B 26 -0.01 7.95 -32.87
N GLU B 27 0.80 7.57 -33.85
CA GLU B 27 1.55 6.31 -33.73
C GLU B 27 2.57 6.32 -32.60
N ALA B 28 3.31 7.42 -32.44
CA ALA B 28 4.31 7.48 -31.40
C ALA B 28 3.66 7.44 -30.01
N VAL B 29 2.47 8.00 -29.89
CA VAL B 29 1.79 7.98 -28.61
C VAL B 29 1.30 6.57 -28.31
N GLN B 30 0.76 5.88 -29.32
CA GLN B 30 0.27 4.50 -29.13
C GLN B 30 1.39 3.57 -28.67
N LYS B 31 2.58 3.78 -29.21
CA LYS B 31 3.74 2.98 -28.87
C LYS B 31 4.41 3.51 -27.63
N ARG B 32 3.94 4.66 -27.15
CA ARG B 32 4.53 5.30 -25.98
C ARG B 32 6.04 5.51 -26.20
N ASP B 33 6.42 5.80 -27.45
CA ASP B 33 7.84 6.04 -27.78
C ASP B 33 8.23 7.50 -27.48
N LEU B 34 8.80 7.75 -26.29
CA LEU B 34 9.18 9.09 -25.87
C LEU B 34 10.20 9.81 -26.75
N ALA B 35 11.21 9.08 -27.20
CA ALA B 35 12.22 9.69 -28.05
C ALA B 35 11.62 10.11 -29.38
N ARG B 36 10.70 9.32 -29.90
CA ARG B 36 10.06 9.64 -31.18
C ARG B 36 9.19 10.89 -31.01
N ILE B 37 8.46 10.95 -29.91
CA ILE B 37 7.61 12.10 -29.66
C ILE B 37 8.50 13.35 -29.56
N LYS B 38 9.60 13.23 -28.82
CA LYS B 38 10.51 14.36 -28.70
C LYS B 38 11.04 14.80 -30.08
N ALA B 39 11.36 13.84 -30.93
CA ALA B 39 11.91 14.14 -32.26
C ALA B 39 10.88 14.87 -33.13
N LEU B 40 9.60 14.52 -32.92
CA LEU B 40 8.52 15.13 -33.66
C LEU B 40 8.18 16.54 -33.16
N ILE B 41 8.11 16.68 -31.84
CA ILE B 41 7.72 17.94 -31.24
C ILE B 41 8.77 19.02 -31.14
N ASP B 42 10.02 18.65 -30.88
CA ASP B 42 11.07 19.66 -30.75
C ASP B 42 11.14 20.64 -31.94
N PRO B 43 11.13 20.15 -33.20
CA PRO B 43 11.19 21.08 -34.34
C PRO B 43 9.96 21.98 -34.43
N MET B 44 8.80 21.46 -34.00
CA MET B 44 7.59 22.27 -34.04
C MET B 44 7.69 23.39 -33.00
N ARG B 45 8.30 23.08 -31.86
CA ARG B 45 8.50 24.08 -30.81
C ARG B 45 9.40 25.18 -31.34
N SER B 46 10.46 24.79 -32.04
CA SER B 46 11.40 25.76 -32.57
C SER B 46 10.72 26.67 -33.57
N PHE B 47 9.98 26.08 -34.51
CA PHE B 47 9.33 26.88 -35.55
C PHE B 47 8.15 27.75 -35.04
N SER B 48 7.38 27.22 -34.10
CA SER B 48 6.25 27.99 -33.54
C SER B 48 6.76 29.13 -32.66
N ASP B 49 5.95 30.18 -32.49
CA ASP B 49 6.29 31.23 -31.56
C ASP B 49 5.66 30.92 -30.19
N ALA B 50 5.02 29.75 -30.06
CA ALA B 50 4.43 29.40 -28.75
C ALA B 50 5.52 29.26 -27.69
N THR B 51 5.15 29.45 -26.42
CA THR B 51 6.10 29.32 -25.32
C THR B 51 6.43 27.84 -25.05
N TYR B 52 5.43 26.98 -25.14
CA TYR B 52 5.67 25.57 -24.88
C TYR B 52 4.63 24.69 -25.56
N ILE B 53 4.93 23.40 -25.62
CA ILE B 53 3.98 22.42 -26.15
C ILE B 53 4.10 21.23 -25.16
N THR B 54 2.97 20.77 -24.66
CA THR B 54 2.95 19.61 -23.76
C THR B 54 2.14 18.51 -24.46
N VAL B 55 2.59 17.25 -24.35
CA VAL B 55 1.82 16.14 -24.92
C VAL B 55 1.55 15.17 -23.75
N GLY B 56 0.29 14.79 -23.58
CA GLY B 56 -0.07 13.86 -22.51
C GLY B 56 -0.71 12.59 -23.09
N ASP B 57 -0.69 11.51 -22.32
CA ASP B 57 -1.33 10.28 -22.75
C ASP B 57 -2.81 10.31 -22.34
N ALA B 58 -3.51 9.18 -22.53
CA ALA B 58 -4.95 9.14 -22.26
C ALA B 58 -5.38 9.49 -20.84
N SER B 59 -4.49 9.27 -19.88
CA SER B 59 -4.75 9.59 -18.47
C SER B 59 -4.18 10.93 -18.09
N GLY B 60 -3.56 11.62 -19.04
CA GLY B 60 -3.02 12.91 -18.71
C GLY B 60 -1.59 12.82 -18.19
N GLN B 61 -0.97 11.66 -18.36
CA GLN B 61 0.41 11.51 -17.91
C GLN B 61 1.26 12.13 -19.01
N ARG B 62 2.18 13.02 -18.65
CA ARG B 62 2.94 13.67 -19.71
C ARG B 62 3.95 12.79 -20.47
N LEU B 63 3.88 12.85 -21.80
CA LEU B 63 4.80 12.14 -22.68
C LEU B 63 5.88 13.10 -23.19
N TYR B 64 5.59 14.40 -23.09
CA TYR B 64 6.53 15.43 -23.53
C TYR B 64 6.22 16.74 -22.81
N HIS B 65 7.28 17.43 -22.40
CA HIS B 65 7.18 18.74 -21.75
C HIS B 65 8.52 19.43 -22.00
N VAL B 66 8.53 20.77 -22.00
CA VAL B 66 9.79 21.46 -22.23
C VAL B 66 10.78 21.17 -21.08
N ASN B 67 10.29 20.79 -19.90
CA ASN B 67 11.12 20.43 -18.73
C ASN B 67 11.05 18.91 -18.48
N PRO B 68 12.19 18.22 -18.67
CA PRO B 68 12.37 16.78 -18.54
C PRO B 68 11.73 16.07 -17.38
N ASP B 69 11.87 16.61 -16.18
CA ASP B 69 11.31 15.98 -15.00
C ASP B 69 9.79 15.93 -14.97
N GLU B 70 9.15 16.75 -15.79
CA GLU B 70 7.69 16.76 -15.84
C GLU B 70 7.17 15.60 -16.65
N ILE B 71 8.03 14.98 -17.46
CA ILE B 71 7.61 13.86 -18.27
C ILE B 71 7.45 12.68 -17.33
N GLY B 72 6.34 11.99 -17.49
CA GLY B 72 6.09 10.87 -16.60
C GLY B 72 5.25 11.32 -15.42
N LYS B 73 5.07 12.63 -15.24
CA LYS B 73 4.25 13.17 -14.15
C LYS B 73 2.87 13.54 -14.74
N SER B 74 1.83 13.55 -13.89
N SER B 74 1.86 13.59 -13.86
CA SER B 74 0.49 13.86 -14.39
CA SER B 74 0.48 13.91 -14.25
C SER B 74 0.22 15.36 -14.55
C SER B 74 0.17 15.39 -14.49
N MET B 75 -0.63 15.68 -15.52
CA MET B 75 -1.05 17.05 -15.78
C MET B 75 -2.16 17.26 -14.72
N GLU B 76 -1.87 18.01 -13.65
CA GLU B 76 -2.81 18.22 -12.56
C GLU B 76 -3.50 19.58 -12.55
N GLY B 77 -3.34 20.34 -13.63
CA GLY B 77 -3.96 21.64 -13.70
C GLY B 77 -5.49 21.66 -13.65
N GLY B 78 -6.11 20.55 -14.06
CA GLY B 78 -7.56 20.48 -14.02
C GLY B 78 -8.27 21.02 -15.25
N ASP B 79 -7.50 21.45 -16.26
CA ASP B 79 -8.15 21.99 -17.47
C ASP B 79 -7.92 21.12 -18.70
N SER B 80 -7.67 19.82 -18.46
CA SER B 80 -7.47 18.89 -19.55
C SER B 80 -8.61 17.88 -19.70
N ASP B 81 -9.54 17.87 -18.74
CA ASP B 81 -10.61 16.86 -18.76
C ASP B 81 -11.52 16.94 -19.98
N GLU B 82 -11.84 18.13 -20.43
CA GLU B 82 -12.76 18.17 -21.58
C GLU B 82 -12.16 17.60 -22.86
N ALA B 83 -10.85 17.68 -23.00
CA ALA B 83 -10.21 17.06 -24.17
C ALA B 83 -10.06 15.56 -23.94
N LEU B 84 -9.56 15.17 -22.76
CA LEU B 84 -9.29 13.76 -22.49
C LEU B 84 -10.51 12.88 -22.35
N ILE B 85 -11.54 13.43 -21.73
CA ILE B 85 -12.77 12.67 -21.52
C ILE B 85 -13.79 12.93 -22.62
N ASN B 86 -13.99 14.20 -22.97
CA ASN B 86 -15.01 14.53 -23.96
C ASN B 86 -14.60 14.91 -25.37
N ALA B 87 -13.31 14.72 -25.65
CA ALA B 87 -12.75 14.96 -26.96
C ALA B 87 -12.97 16.35 -27.50
N LYS B 88 -13.05 17.34 -26.59
CA LYS B 88 -13.22 18.73 -27.03
C LYS B 88 -11.86 19.42 -27.30
N SER B 89 -11.89 20.42 -28.20
CA SER B 89 -10.72 21.25 -28.51
C SER B 89 -11.15 22.66 -28.09
N TYR B 90 -10.28 23.35 -27.33
CA TYR B 90 -10.66 24.63 -26.77
C TYR B 90 -9.45 25.43 -26.28
N VAL B 91 -9.75 26.68 -25.98
CA VAL B 91 -8.76 27.59 -25.42
C VAL B 91 -8.99 27.65 -23.90
N SER B 92 -7.89 27.46 -23.16
N SER B 92 -7.92 27.60 -23.14
CA SER B 92 -7.93 27.49 -21.69
CA SER B 92 -8.10 27.74 -21.70
C SER B 92 -6.86 28.41 -21.09
C SER B 92 -7.00 28.64 -21.19
N VAL B 93 -7.10 29.02 -19.93
CA VAL B 93 -6.06 29.85 -19.34
C VAL B 93 -5.71 29.29 -17.95
N ARG B 94 -4.40 29.18 -17.66
CA ARG B 94 -4.03 28.73 -16.32
C ARG B 94 -2.56 29.01 -16.05
N LYS B 95 -2.27 29.18 -14.75
CA LYS B 95 -0.91 29.36 -14.27
C LYS B 95 -0.34 27.98 -13.84
N GLY B 96 0.27 27.28 -14.80
CA GLY B 96 0.94 26.02 -14.54
C GLY B 96 2.38 26.39 -14.13
N SER B 97 3.24 25.40 -14.11
CA SER B 97 4.65 25.60 -13.71
C SER B 97 5.35 26.72 -14.48
N LEU B 98 4.96 26.91 -15.75
CA LEU B 98 5.58 27.89 -16.63
C LEU B 98 5.01 29.30 -16.57
N GLY B 99 4.00 29.51 -15.71
CA GLY B 99 3.42 30.84 -15.57
C GLY B 99 2.03 30.94 -16.20
N SER B 100 1.29 32.02 -15.89
CA SER B 100 -0.06 32.21 -16.42
C SER B 100 0.05 32.17 -17.97
N SER B 101 -0.68 31.23 -18.58
CA SER B 101 -0.56 31.06 -20.03
C SER B 101 -1.88 30.70 -20.67
N LEU B 102 -2.08 31.14 -21.91
N LEU B 102 -1.99 31.03 -21.94
CA LEU B 102 -3.29 30.78 -22.67
CA LEU B 102 -3.15 30.66 -22.70
C LEU B 102 -2.88 29.49 -23.43
C LEU B 102 -2.76 29.33 -23.32
N ARG B 103 -3.71 28.43 -23.35
CA ARG B 103 -3.45 27.11 -23.94
C ARG B 103 -4.49 26.77 -24.98
N GLY B 104 -4.02 26.18 -26.06
CA GLY B 104 -4.93 25.65 -27.07
C GLY B 104 -4.81 24.15 -26.79
N LYS B 105 -5.93 23.47 -26.56
CA LYS B 105 -5.87 22.03 -26.27
C LYS B 105 -6.73 21.25 -27.24
N SER B 106 -6.26 20.05 -27.57
CA SER B 106 -7.01 19.19 -28.52
C SER B 106 -6.64 17.73 -28.23
N PRO B 107 -7.62 16.82 -28.28
CA PRO B 107 -7.30 15.41 -28.03
C PRO B 107 -6.53 14.79 -29.21
N ILE B 108 -5.79 13.73 -28.90
CA ILE B 108 -5.11 12.89 -29.91
C ILE B 108 -6.06 11.68 -29.95
N GLN B 109 -6.47 11.28 -31.15
CA GLN B 109 -7.41 10.16 -31.27
C GLN B 109 -6.85 9.11 -32.19
N ASP B 110 -7.16 7.84 -31.92
CA ASP B 110 -6.69 6.78 -32.82
C ASP B 110 -7.73 6.55 -33.94
N ALA B 111 -7.50 5.55 -34.79
CA ALA B 111 -8.41 5.31 -35.92
C ALA B 111 -9.83 4.94 -35.53
N THR B 112 -10.03 4.40 -34.33
CA THR B 112 -11.38 4.04 -33.88
C THR B 112 -12.13 5.29 -33.39
N GLY B 113 -11.39 6.37 -33.16
CA GLY B 113 -12.01 7.58 -32.70
C GLY B 113 -11.87 7.78 -31.22
N LYS B 114 -11.35 6.78 -30.50
CA LYS B 114 -11.21 6.98 -29.08
C LYS B 114 -10.02 7.93 -28.75
N VAL B 115 -10.11 8.61 -27.61
CA VAL B 115 -9.05 9.53 -27.22
C VAL B 115 -7.86 8.75 -26.63
N ILE B 116 -6.66 9.02 -27.13
CA ILE B 116 -5.46 8.38 -26.63
C ILE B 116 -4.44 9.35 -26.04
N GLY B 117 -4.80 10.64 -26.00
CA GLY B 117 -3.84 11.62 -25.45
C GLY B 117 -4.36 13.04 -25.68
N ILE B 118 -3.47 13.99 -25.45
CA ILE B 118 -3.82 15.40 -25.58
C ILE B 118 -2.57 16.22 -25.96
N VAL B 119 -2.81 17.29 -26.74
CA VAL B 119 -1.76 18.22 -27.08
C VAL B 119 -2.20 19.57 -26.53
N SER B 120 -1.28 20.23 -25.83
CA SER B 120 -1.53 21.55 -25.28
C SER B 120 -0.43 22.50 -25.82
N VAL B 121 -0.82 23.57 -26.53
CA VAL B 121 0.14 24.56 -27.05
C VAL B 121 -0.09 25.82 -26.23
N GLY B 122 0.96 26.30 -25.57
CA GLY B 122 0.76 27.44 -24.70
C GLY B 122 1.60 28.69 -24.94
N TYR B 123 1.01 29.81 -24.62
CA TYR B 123 1.66 31.13 -24.74
C TYR B 123 1.59 31.79 -23.37
N THR B 124 2.75 32.04 -22.76
N THR B 124 2.76 32.04 -22.78
CA THR B 124 2.71 32.70 -21.45
CA THR B 124 2.77 32.70 -21.46
C THR B 124 2.40 34.17 -21.68
C THR B 124 2.41 34.17 -21.68
N ILE B 125 1.41 34.65 -20.95
CA ILE B 125 0.93 36.00 -21.12
C ILE B 125 1.94 37.10 -20.86
N GLU B 126 2.74 36.92 -19.82
CA GLU B 126 3.70 37.94 -19.48
C GLU B 126 4.69 38.16 -20.61
N GLN B 127 4.94 37.11 -21.40
CA GLN B 127 5.88 37.18 -22.50
C GLN B 127 5.37 37.64 -23.87
N LEU B 128 4.07 37.88 -23.99
CA LEU B 128 3.54 38.34 -25.26
C LEU B 128 4.16 39.68 -25.68
N GLU B 129 4.31 39.89 -27.00
CA GLU B 129 4.84 41.14 -27.54
C GLU B 129 3.61 41.98 -27.84
N HIS B 130 3.41 42.95 -26.99
CA HIS B 130 2.21 43.70 -27.14
C HIS B 130 2.07 44.55 -28.39
N HIS B 131 0.82 44.82 -28.74
CA HIS B 131 0.55 45.62 -29.92
C HIS B 131 0.15 47.03 -29.48
N GLU C 1 50.75 5.24 16.92
CA GLU C 1 49.68 4.47 17.64
C GLU C 1 48.63 3.86 16.68
N GLU C 2 48.74 4.18 15.38
CA GLU C 2 47.80 3.67 14.38
C GLU C 2 48.00 2.16 14.20
N ARG C 3 46.90 1.42 14.15
CA ARG C 3 47.00 -0.02 14.03
C ARG C 3 46.14 -0.54 12.91
N LEU C 4 46.58 -1.68 12.36
CA LEU C 4 45.78 -2.38 11.35
C LEU C 4 45.67 -3.83 11.89
N HIS C 5 44.61 -4.01 12.70
CA HIS C 5 44.30 -5.32 13.34
C HIS C 5 45.59 -5.95 13.86
N TYR C 6 46.20 -5.22 14.78
CA TYR C 6 47.48 -5.62 15.28
C TYR C 6 47.53 -7.05 15.82
N GLN C 7 46.59 -7.39 16.69
CA GLN C 7 46.60 -8.74 17.29
C GLN C 7 46.38 -9.84 16.24
N VAL C 8 45.54 -9.56 15.27
CA VAL C 8 45.32 -10.57 14.20
C VAL C 8 46.62 -10.77 13.41
N GLY C 9 47.30 -9.67 13.07
CA GLY C 9 48.54 -9.81 12.32
C GLY C 9 49.59 -10.57 13.12
N GLN C 10 49.67 -10.32 14.43
CA GLN C 10 50.65 -11.04 15.23
C GLN C 10 50.31 -12.54 15.29
N ARG C 11 49.02 -12.87 15.41
CA ARG C 11 48.60 -14.29 15.41
C ARG C 11 48.98 -14.95 14.07
N ALA C 12 48.72 -14.24 12.97
CA ALA C 12 49.04 -14.78 11.65
C ALA C 12 50.55 -14.98 11.50
N LEU C 13 51.34 -14.00 11.94
CA LEU C 13 52.80 -14.10 11.82
C LEU C 13 53.37 -15.24 12.67
N ILE C 14 52.96 -15.38 13.92
N ILE C 14 52.89 -15.34 13.91
CA ILE C 14 53.53 -16.48 14.71
CA ILE C 14 53.37 -16.41 14.81
C ILE C 14 53.15 -17.81 14.10
C ILE C 14 53.12 -17.76 14.16
N GLN C 15 51.93 -17.94 13.58
CA GLN C 15 51.56 -19.20 12.96
C GLN C 15 52.38 -19.47 11.71
N ALA C 16 52.63 -18.43 10.90
CA ALA C 16 53.40 -18.67 9.69
C ALA C 16 54.84 -19.06 10.03
N MET C 17 55.36 -18.47 11.10
N MET C 17 55.38 -18.48 11.10
CA MET C 17 56.71 -18.77 11.49
CA MET C 17 56.76 -18.81 11.47
C MET C 17 56.77 -20.24 11.94
C MET C 17 56.84 -20.22 12.05
N GLN C 18 55.80 -20.64 12.75
CA GLN C 18 55.76 -22.00 13.29
C GLN C 18 55.62 -23.01 12.20
N ILE C 19 54.70 -22.77 11.29
CA ILE C 19 54.47 -23.73 10.21
C ILE C 19 55.68 -23.84 9.27
N SER C 20 56.27 -22.70 8.92
CA SER C 20 57.38 -22.71 8.00
C SER C 20 58.63 -23.42 8.55
N ALA C 21 58.72 -23.52 9.88
CA ALA C 21 59.87 -24.16 10.53
C ALA C 21 59.66 -25.65 10.80
N MET C 22 58.48 -26.16 10.51
CA MET C 22 58.24 -27.60 10.76
C MET C 22 59.13 -28.48 9.87
N PRO C 23 59.99 -29.33 10.47
CA PRO C 23 60.86 -30.20 9.66
C PRO C 23 60.11 -31.00 8.61
N GLU C 24 58.89 -31.43 8.95
CA GLU C 24 58.12 -32.22 8.00
C GLU C 24 57.72 -31.40 6.79
N LEU C 25 57.46 -30.13 7.00
CA LEU C 25 57.07 -29.32 5.85
C LEU C 25 58.31 -28.98 5.00
N VAL C 26 59.43 -28.70 5.64
CA VAL C 26 60.67 -28.42 4.95
C VAL C 26 60.97 -29.62 4.02
N GLU C 27 60.86 -30.84 4.54
CA GLU C 27 61.13 -32.02 3.72
C GLU C 27 60.14 -32.19 2.57
N ALA C 28 58.84 -32.04 2.87
CA ALA C 28 57.81 -32.20 1.86
C ALA C 28 57.97 -31.17 0.75
N VAL C 29 58.41 -29.95 1.11
CA VAL C 29 58.62 -28.93 0.10
C VAL C 29 59.84 -29.28 -0.76
N GLN C 30 60.89 -29.72 -0.08
CA GLN C 30 62.14 -30.13 -0.73
C GLN C 30 61.86 -31.23 -1.75
N LYS C 31 60.95 -32.15 -1.41
CA LYS C 31 60.58 -33.26 -2.28
C LYS C 31 59.50 -32.89 -3.27
N ARG C 32 58.91 -31.70 -3.11
CA ARG C 32 57.81 -31.21 -3.95
C ARG C 32 56.65 -32.23 -3.96
N ASP C 33 56.43 -32.83 -2.80
CA ASP C 33 55.39 -33.83 -2.58
C ASP C 33 54.11 -33.14 -2.18
N LEU C 34 53.23 -32.83 -3.15
CA LEU C 34 51.97 -32.12 -2.91
C LEU C 34 50.96 -32.78 -1.97
N ALA C 35 50.86 -34.11 -2.06
CA ALA C 35 49.91 -34.81 -1.19
C ALA C 35 50.37 -34.74 0.26
N ARG C 36 51.69 -34.86 0.47
N ARG C 36 51.67 -34.87 0.46
CA ARG C 36 52.31 -34.80 1.81
CA ARG C 36 52.19 -34.80 1.81
C ARG C 36 52.13 -33.42 2.45
C ARG C 36 51.86 -33.41 2.36
N ILE C 37 52.27 -32.38 1.64
CA ILE C 37 52.04 -30.99 2.08
C ILE C 37 50.57 -30.81 2.43
N LYS C 38 49.67 -31.32 1.59
CA LYS C 38 48.25 -31.19 1.88
C LYS C 38 47.89 -31.91 3.18
N ALA C 39 48.49 -33.09 3.39
CA ALA C 39 48.22 -33.86 4.60
C ALA C 39 48.70 -33.12 5.85
N LEU C 40 49.78 -32.34 5.72
CA LEU C 40 50.33 -31.61 6.85
C LEU C 40 49.53 -30.34 7.12
N ILE C 41 49.21 -29.62 6.05
CA ILE C 41 48.53 -28.33 6.19
C ILE C 41 47.05 -28.37 6.46
N ASP C 42 46.32 -29.29 5.81
CA ASP C 42 44.88 -29.35 6.04
C ASP C 42 44.46 -29.36 7.50
N PRO C 43 45.04 -30.26 8.31
CA PRO C 43 44.67 -30.31 9.72
C PRO C 43 44.94 -28.95 10.42
N MET C 44 46.01 -28.28 10.03
CA MET C 44 46.34 -27.00 10.66
C MET C 44 45.40 -25.92 10.22
N ARG C 45 45.02 -25.96 8.95
CA ARG C 45 44.07 -25.02 8.42
C ARG C 45 42.73 -25.21 9.15
N SER C 46 42.38 -26.47 9.43
CA SER C 46 41.13 -26.79 10.13
C SER C 46 41.17 -26.27 11.58
N PHE C 47 42.27 -26.57 12.25
CA PHE C 47 42.43 -26.19 13.64
C PHE C 47 42.61 -24.67 13.92
N SER C 48 43.33 -23.97 13.04
CA SER C 48 43.55 -22.53 13.19
C SER C 48 42.25 -21.77 12.90
N ASP C 49 42.12 -20.54 13.39
CA ASP C 49 40.96 -19.73 13.06
C ASP C 49 41.30 -18.86 11.82
N ALA C 50 42.50 -19.02 11.29
CA ALA C 50 42.87 -18.30 10.06
C ALA C 50 41.92 -18.65 8.92
N THR C 51 41.73 -17.70 8.01
CA THR C 51 40.88 -17.91 6.84
C THR C 51 41.54 -18.89 5.85
N TYR C 52 42.86 -18.77 5.68
CA TYR C 52 43.55 -19.62 4.76
C TYR C 52 45.02 -19.74 5.08
N ILE C 53 45.66 -20.72 4.45
CA ILE C 53 47.11 -20.90 4.56
C ILE C 53 47.56 -21.24 3.14
N THR C 54 48.58 -20.54 2.67
CA THR C 54 49.15 -20.79 1.34
C THR C 54 50.59 -21.18 1.50
N VAL C 55 51.05 -22.17 0.75
CA VAL C 55 52.45 -22.59 0.79
C VAL C 55 52.99 -22.45 -0.64
N GLY C 56 54.12 -21.76 -0.78
CA GLY C 56 54.72 -21.58 -2.10
C GLY C 56 56.14 -22.13 -2.14
N ASP C 57 56.62 -22.44 -3.34
CA ASP C 57 57.99 -22.90 -3.47
C ASP C 57 58.93 -21.68 -3.57
N ALA C 58 60.21 -21.92 -3.83
CA ALA C 58 61.19 -20.84 -3.85
C ALA C 58 60.91 -19.76 -4.88
N SER C 59 60.17 -20.14 -5.92
N SER C 59 60.19 -20.09 -5.94
CA SER C 59 59.82 -19.23 -7.02
CA SER C 59 59.89 -19.08 -6.96
C SER C 59 58.41 -18.65 -6.89
C SER C 59 58.53 -18.43 -6.75
N GLY C 60 57.79 -18.90 -5.74
CA GLY C 60 56.48 -18.38 -5.49
C GLY C 60 55.40 -19.21 -6.16
N GLN C 61 55.74 -20.38 -6.69
CA GLN C 61 54.70 -21.23 -7.30
C GLN C 61 53.93 -21.94 -6.15
N ARG C 62 52.61 -21.90 -6.15
CA ARG C 62 51.90 -22.51 -5.02
C ARG C 62 52.00 -24.04 -4.97
N LEU C 63 52.30 -24.53 -3.77
CA LEU C 63 52.36 -25.97 -3.48
C LEU C 63 51.09 -26.34 -2.72
N TYR C 64 50.45 -25.34 -2.12
CA TYR C 64 49.19 -25.54 -1.40
C TYR C 64 48.36 -24.26 -1.36
N HIS C 65 47.05 -24.40 -1.48
CA HIS C 65 46.11 -23.29 -1.43
C HIS C 65 44.78 -23.89 -1.03
N VAL C 66 43.93 -23.12 -0.37
CA VAL C 66 42.62 -23.65 0.02
C VAL C 66 41.78 -24.00 -1.20
N ASN C 67 42.07 -23.35 -2.32
N ASN C 67 42.07 -23.35 -2.33
CA ASN C 67 41.38 -23.65 -3.57
CA ASN C 67 41.37 -23.64 -3.58
C ASN C 67 42.38 -24.43 -4.42
C ASN C 67 42.37 -24.43 -4.43
N PRO C 68 42.16 -25.74 -4.57
CA PRO C 68 43.05 -26.61 -5.35
C PRO C 68 43.46 -26.03 -6.69
N ASP C 69 42.55 -25.30 -7.32
CA ASP C 69 42.83 -24.72 -8.60
C ASP C 69 44.00 -23.73 -8.65
N GLU C 70 44.33 -23.16 -7.49
CA GLU C 70 45.44 -22.20 -7.43
C GLU C 70 46.81 -22.88 -7.28
N ILE C 71 46.80 -24.18 -6.95
CA ILE C 71 48.05 -24.91 -6.80
C ILE C 71 48.71 -25.04 -8.17
N GLY C 72 50.01 -24.78 -8.24
CA GLY C 72 50.70 -24.85 -9.52
C GLY C 72 50.76 -23.49 -10.22
N LYS C 73 49.99 -22.52 -9.72
CA LYS C 73 49.99 -21.17 -10.27
C LYS C 73 50.86 -20.29 -9.37
N SER C 74 51.35 -19.20 -9.93
CA SER C 74 52.27 -18.31 -9.22
C SER C 74 51.56 -17.33 -8.28
N MET C 75 52.21 -17.03 -7.16
CA MET C 75 51.69 -16.03 -6.20
C MET C 75 52.13 -14.71 -6.86
N GLU C 76 51.15 -14.04 -7.47
N GLU C 76 51.20 -13.99 -7.46
CA GLU C 76 51.36 -12.79 -8.20
CA GLU C 76 51.58 -12.76 -8.16
C GLU C 76 50.91 -11.54 -7.47
C GLU C 76 51.21 -11.49 -7.41
N GLY C 77 50.78 -11.62 -6.16
CA GLY C 77 50.34 -10.46 -5.39
C GLY C 77 51.41 -9.41 -5.18
N GLY C 78 52.69 -9.79 -5.26
CA GLY C 78 53.76 -8.83 -5.09
C GLY C 78 54.22 -8.57 -3.67
N ASP C 79 53.60 -9.28 -2.71
CA ASP C 79 54.00 -9.06 -1.32
C ASP C 79 54.73 -10.26 -0.72
N SER C 80 55.35 -11.05 -1.59
CA SER C 80 56.10 -12.23 -1.12
C SER C 80 57.59 -12.13 -1.31
N ASP C 81 58.06 -11.07 -2.01
CA ASP C 81 59.47 -10.94 -2.29
C ASP C 81 60.38 -10.84 -1.06
N GLU C 82 59.95 -10.12 -0.03
CA GLU C 82 60.85 -9.99 1.09
C GLU C 82 61.10 -11.28 1.82
N ALA C 83 60.14 -12.21 1.76
CA ALA C 83 60.34 -13.51 2.38
C ALA C 83 61.14 -14.41 1.43
N LEU C 84 60.76 -14.40 0.15
CA LEU C 84 61.41 -15.30 -0.81
C LEU C 84 62.81 -14.95 -1.18
N ILE C 85 63.08 -13.64 -1.24
CA ILE C 85 64.41 -13.18 -1.61
C ILE C 85 65.25 -12.83 -0.41
N ASN C 86 64.66 -12.15 0.56
CA ASN C 86 65.42 -11.68 1.70
C ASN C 86 65.22 -12.37 3.02
N ALA C 87 64.45 -13.47 2.98
CA ALA C 87 64.20 -14.31 4.16
C ALA C 87 63.60 -13.58 5.35
N LYS C 88 62.83 -12.53 5.06
CA LYS C 88 62.15 -11.80 6.11
C LYS C 88 60.78 -12.41 6.48
N SER C 89 60.36 -12.22 7.73
CA SER C 89 59.06 -12.66 8.23
C SER C 89 58.33 -11.37 8.58
N TYR C 90 57.06 -11.26 8.19
CA TYR C 90 56.37 -9.99 8.39
C TYR C 90 54.85 -10.10 8.20
N VAL C 91 54.15 -9.02 8.54
CA VAL C 91 52.73 -8.93 8.34
C VAL C 91 52.52 -8.04 7.10
N SER C 92 51.68 -8.51 6.19
N SER C 92 51.64 -8.44 6.22
CA SER C 92 51.37 -7.77 4.95
CA SER C 92 51.34 -7.60 5.07
C SER C 92 49.84 -7.76 4.76
C SER C 92 49.83 -7.61 4.94
N VAL C 93 49.31 -6.77 4.05
CA VAL C 93 47.87 -6.71 3.81
C VAL C 93 47.68 -6.66 2.30
N ARG C 94 46.76 -7.49 1.79
CA ARG C 94 46.49 -7.44 0.36
C ARG C 94 45.21 -8.11 0.01
N LYS C 95 44.61 -7.67 -1.08
N LYS C 95 44.61 -7.66 -1.08
CA LYS C 95 43.37 -8.27 -1.56
CA LYS C 95 43.37 -8.28 -1.54
C LYS C 95 43.72 -9.26 -2.67
C LYS C 95 43.72 -9.26 -2.66
N GLY C 96 43.89 -10.52 -2.27
CA GLY C 96 44.15 -11.57 -3.24
C GLY C 96 42.77 -12.13 -3.61
N SER C 97 42.76 -13.31 -4.22
CA SER C 97 41.53 -13.97 -4.64
C SER C 97 40.53 -14.17 -3.52
N LEU C 98 41.03 -14.32 -2.30
CA LEU C 98 40.17 -14.56 -1.16
C LEU C 98 39.67 -13.30 -0.43
N GLY C 99 40.00 -12.13 -0.97
CA GLY C 99 39.53 -10.88 -0.38
C GLY C 99 40.62 -10.16 0.41
N SER C 100 40.36 -8.89 0.76
CA SER C 100 41.37 -8.11 1.52
C SER C 100 41.70 -8.83 2.82
N SER C 101 42.96 -9.20 2.97
CA SER C 101 43.33 -9.99 4.14
C SER C 101 44.67 -9.60 4.71
N LEU C 102 44.80 -9.81 6.02
N LEU C 102 44.80 -9.81 6.02
CA LEU C 102 46.06 -9.54 6.72
CA LEU C 102 46.09 -9.59 6.67
C LEU C 102 46.82 -10.88 6.70
C LEU C 102 46.80 -10.91 6.50
N ARG C 103 48.08 -10.87 6.22
CA ARG C 103 48.87 -12.09 6.08
C ARG C 103 50.09 -12.09 6.96
N GLY C 104 50.39 -13.24 7.57
CA GLY C 104 51.67 -13.38 8.28
C GLY C 104 52.48 -14.22 7.26
N LYS C 105 53.67 -13.74 6.86
CA LYS C 105 54.53 -14.45 5.90
C LYS C 105 55.86 -14.77 6.50
N SER C 106 56.37 -15.96 6.20
CA SER C 106 57.70 -16.35 6.71
C SER C 106 58.30 -17.34 5.70
N PRO C 107 59.61 -17.26 5.47
CA PRO C 107 60.21 -18.19 4.52
C PRO C 107 60.35 -19.59 5.10
N ILE C 108 60.40 -20.56 4.19
CA ILE C 108 60.74 -21.95 4.58
C ILE C 108 62.23 -21.99 4.16
N GLN C 109 63.09 -22.57 5.00
CA GLN C 109 64.52 -22.56 4.74
C GLN C 109 65.15 -23.93 4.98
N ASP C 110 66.17 -24.21 4.17
CA ASP C 110 66.90 -25.46 4.42
C ASP C 110 67.91 -25.20 5.54
N ALA C 111 68.73 -26.20 5.88
CA ALA C 111 69.65 -26.05 6.98
C ALA C 111 70.73 -24.97 6.84
N THR C 112 71.00 -24.53 5.62
CA THR C 112 72.02 -23.50 5.39
C THR C 112 71.42 -22.10 5.53
N GLY C 113 70.09 -22.05 5.69
CA GLY C 113 69.43 -20.75 5.79
C GLY C 113 68.87 -20.32 4.44
N LYS C 114 69.19 -21.10 3.38
CA LYS C 114 68.70 -20.78 2.06
C LYS C 114 67.18 -20.93 1.99
N VAL C 115 66.52 -19.97 1.35
CA VAL C 115 65.07 -20.00 1.24
C VAL C 115 64.60 -21.00 0.19
N ILE C 116 63.71 -21.91 0.59
CA ILE C 116 63.17 -22.89 -0.36
C ILE C 116 61.65 -22.76 -0.56
N GLY C 117 61.06 -21.75 0.07
CA GLY C 117 59.63 -21.60 -0.05
C GLY C 117 59.10 -20.52 0.90
N ILE C 118 57.78 -20.49 1.01
CA ILE C 118 57.12 -19.48 1.86
C ILE C 118 55.80 -19.99 2.40
N VAL C 119 55.47 -19.59 3.63
CA VAL C 119 54.16 -19.89 4.21
C VAL C 119 53.50 -18.52 4.43
N SER C 120 52.23 -18.45 4.07
CA SER C 120 51.42 -17.24 4.29
C SER C 120 50.15 -17.69 5.03
N VAL C 121 49.90 -17.09 6.21
CA VAL C 121 48.71 -17.41 7.00
C VAL C 121 47.86 -16.15 6.92
N GLY C 122 46.64 -16.29 6.42
CA GLY C 122 45.81 -15.09 6.20
C GLY C 122 44.48 -15.06 6.90
N TYR C 123 44.07 -13.83 7.24
CA TYR C 123 42.78 -13.58 7.89
C TYR C 123 42.07 -12.55 7.03
N THR C 124 40.94 -12.93 6.43
N THR C 124 40.95 -12.94 6.43
CA THR C 124 40.23 -11.95 5.61
CA THR C 124 40.20 -11.98 5.62
C THR C 124 39.52 -10.95 6.52
C THR C 124 39.61 -10.95 6.58
N ILE C 125 39.77 -9.67 6.29
CA ILE C 125 39.26 -8.64 7.19
C ILE C 125 37.75 -8.53 7.33
N GLU C 126 37.05 -8.70 6.24
CA GLU C 126 35.59 -8.58 6.27
C GLU C 126 34.98 -9.62 7.20
N GLN C 127 35.67 -10.74 7.34
CA GLN C 127 35.20 -11.82 8.16
C GLN C 127 35.64 -11.88 9.62
N LEU C 128 36.44 -10.92 10.07
CA LEU C 128 36.81 -10.90 11.47
C LEU C 128 35.56 -10.72 12.35
N GLU C 129 35.53 -11.36 13.52
CA GLU C 129 34.42 -11.20 14.46
C GLU C 129 34.97 -10.07 15.31
N HIS C 130 34.33 -8.94 15.22
CA HIS C 130 34.79 -7.77 15.91
C HIS C 130 34.65 -7.76 17.42
N HIS C 131 35.44 -6.91 18.05
CA HIS C 131 35.40 -6.75 19.49
C HIS C 131 34.67 -5.43 19.83
N GLU D 1 19.73 37.10 23.27
CA GLU D 1 21.08 37.70 23.39
C GLU D 1 22.19 36.78 22.85
N GLU D 2 22.01 35.47 23.00
CA GLU D 2 23.02 34.51 22.49
C GLU D 2 22.97 34.46 20.97
N ARG D 3 24.13 34.63 20.35
CA ARG D 3 24.17 34.60 18.89
C ARG D 3 25.14 33.57 18.35
N LEU D 4 24.90 33.16 17.11
CA LEU D 4 25.82 32.25 16.40
C LEU D 4 26.06 32.99 15.08
N HIS D 5 27.07 33.89 15.09
CA HIS D 5 27.45 34.68 13.89
C HIS D 5 26.19 35.17 13.18
N TYR D 6 25.43 35.94 13.94
CA TYR D 6 24.16 36.45 13.45
C TYR D 6 24.25 37.17 12.11
N GLN D 7 25.20 38.10 11.98
CA GLN D 7 25.28 38.84 10.71
C GLN D 7 25.65 37.95 9.54
N VAL D 8 26.56 37.02 9.79
CA VAL D 8 26.95 36.07 8.73
C VAL D 8 25.72 35.27 8.27
N GLY D 9 24.95 34.76 9.23
CA GLY D 9 23.79 33.98 8.88
C GLY D 9 22.80 34.80 8.05
N GLN D 10 22.59 36.06 8.44
CA GLN D 10 21.66 36.91 7.71
C GLN D 10 22.15 37.16 6.27
N ARG D 11 23.45 37.33 6.10
CA ARG D 11 24.01 37.56 4.75
C ARG D 11 23.82 36.28 3.92
N ALA D 12 24.03 35.14 4.56
CA ALA D 12 23.90 33.87 3.83
C ALA D 12 22.44 33.70 3.39
N LEU D 13 21.52 33.99 4.30
CA LEU D 13 20.10 33.82 4.02
C LEU D 13 19.63 34.77 2.91
N ILE D 14 19.99 36.04 3.00
CA ILE D 14 19.58 37.00 1.95
C ILE D 14 20.11 36.53 0.60
N GLN D 15 21.37 36.10 0.57
CA GLN D 15 21.92 35.65 -0.71
C GLN D 15 21.22 34.40 -1.22
N ALA D 16 20.89 33.45 -0.34
CA ALA D 16 20.22 32.24 -0.81
C ALA D 16 18.83 32.57 -1.35
N MET D 17 18.15 33.49 -0.70
CA MET D 17 16.81 33.90 -1.16
C MET D 17 16.96 34.57 -2.55
N GLN D 18 17.93 35.46 -2.69
CA GLN D 18 18.10 36.14 -3.97
C GLN D 18 18.43 35.17 -5.08
N ILE D 19 19.40 34.28 -4.86
CA ILE D 19 19.79 33.34 -5.91
C ILE D 19 18.67 32.39 -6.27
N SER D 20 17.95 31.87 -5.26
CA SER D 20 16.89 30.90 -5.55
C SER D 20 15.72 31.49 -6.33
N ALA D 21 15.61 32.81 -6.35
CA ALA D 21 14.51 33.49 -7.06
C ALA D 21 14.90 33.97 -8.45
N MET D 22 16.14 33.78 -8.85
CA MET D 22 16.58 34.23 -10.18
C MET D 22 15.89 33.40 -11.26
N PRO D 23 15.12 34.05 -12.15
CA PRO D 23 14.42 33.32 -13.21
C PRO D 23 15.36 32.42 -14.03
N GLU D 24 16.59 32.89 -14.30
CA GLU D 24 17.53 32.08 -15.06
C GLU D 24 17.86 30.78 -14.33
N LEU D 25 17.96 30.85 -12.99
CA LEU D 25 18.26 29.61 -12.25
C LEU D 25 17.04 28.70 -12.20
N VAL D 26 15.85 29.26 -11.98
CA VAL D 26 14.64 28.44 -11.98
C VAL D 26 14.57 27.66 -13.30
N GLU D 27 14.80 28.33 -14.43
CA GLU D 27 14.73 27.64 -15.72
C GLU D 27 15.81 26.57 -15.90
N ALA D 28 17.05 26.92 -15.53
CA ALA D 28 18.16 25.97 -15.67
C ALA D 28 17.91 24.72 -14.80
N VAL D 29 17.32 24.92 -13.61
CA VAL D 29 17.01 23.78 -12.76
C VAL D 29 15.91 22.95 -13.38
N GLN D 30 14.91 23.66 -13.90
CA GLN D 30 13.78 23.00 -14.55
C GLN D 30 14.34 22.18 -15.73
N LYS D 31 15.33 22.73 -16.44
CA LYS D 31 15.94 22.02 -17.58
C LYS D 31 17.03 21.00 -17.18
N ARG D 32 17.42 21.02 -15.91
CA ARG D 32 18.50 20.16 -15.40
C ARG D 32 19.76 20.38 -16.26
N ASP D 33 19.99 21.62 -16.66
CA ASP D 33 21.13 21.98 -17.49
C ASP D 33 22.30 22.30 -16.57
N LEU D 34 23.08 21.27 -16.24
CA LEU D 34 24.20 21.46 -15.33
C LEU D 34 25.18 22.51 -15.74
N ALA D 35 25.50 22.58 -17.03
CA ALA D 35 26.46 23.56 -17.50
C ALA D 35 25.93 24.98 -17.33
N ARG D 36 24.64 25.16 -17.58
CA ARG D 36 24.08 26.49 -17.44
C ARG D 36 24.06 26.89 -15.95
N ILE D 37 23.69 25.94 -15.08
CA ILE D 37 23.67 26.24 -13.64
C ILE D 37 25.07 26.64 -13.22
N LYS D 38 26.08 25.89 -13.67
CA LYS D 38 27.47 26.24 -13.33
C LYS D 38 27.85 27.65 -13.81
N ALA D 39 27.44 27.96 -15.03
CA ALA D 39 27.72 29.27 -15.62
C ALA D 39 27.06 30.39 -14.82
N LEU D 40 25.90 30.12 -14.25
CA LEU D 40 25.18 31.12 -13.46
C LEU D 40 25.79 31.24 -12.04
N ILE D 41 26.07 30.11 -11.41
CA ILE D 41 26.57 30.14 -10.04
C ILE D 41 28.04 30.43 -9.84
N ASP D 42 28.92 29.97 -10.73
CA ASP D 42 30.34 30.25 -10.54
C ASP D 42 30.70 31.72 -10.29
N PRO D 43 30.24 32.61 -11.14
CA PRO D 43 30.58 34.03 -10.90
C PRO D 43 30.03 34.53 -9.54
N MET D 44 28.86 34.04 -9.12
CA MET D 44 28.29 34.48 -7.83
C MET D 44 29.12 33.98 -6.67
N ARG D 45 29.58 32.73 -6.77
N ARG D 45 29.57 32.73 -6.80
CA ARG D 45 30.41 32.18 -5.71
CA ARG D 45 30.42 32.09 -5.79
C ARG D 45 31.70 32.99 -5.61
C ARG D 45 31.71 32.92 -5.63
N SER D 46 32.26 33.33 -6.77
CA SER D 46 33.48 34.12 -6.86
C SER D 46 33.27 35.53 -6.26
N PHE D 47 32.15 36.14 -6.62
CA PHE D 47 31.87 37.51 -6.17
C PHE D 47 31.50 37.62 -4.68
N SER D 48 30.68 36.68 -4.21
CA SER D 48 30.29 36.64 -2.79
C SER D 48 31.51 36.29 -1.92
N ASP D 49 31.44 36.66 -0.64
CA ASP D 49 32.49 36.28 0.27
C ASP D 49 32.11 34.94 0.91
N ALA D 50 30.97 34.38 0.49
CA ALA D 50 30.60 33.05 1.01
C ALA D 50 31.63 31.99 0.64
N THR D 51 31.76 30.96 1.46
CA THR D 51 32.69 29.88 1.20
C THR D 51 32.22 29.01 0.04
N TYR D 52 30.92 28.78 -0.01
CA TYR D 52 30.39 27.91 -1.04
C TYR D 52 28.94 28.16 -1.29
N ILE D 53 28.48 27.63 -2.43
CA ILE D 53 27.05 27.68 -2.75
C ILE D 53 26.76 26.28 -3.29
N THR D 54 25.68 25.69 -2.83
CA THR D 54 25.22 24.39 -3.30
C THR D 54 23.82 24.55 -3.87
N VAL D 55 23.54 23.89 -5.02
CA VAL D 55 22.21 23.95 -5.59
C VAL D 55 21.74 22.48 -5.70
N GLY D 56 20.54 22.20 -5.21
CA GLY D 56 20.00 20.85 -5.26
C GLY D 56 18.68 20.84 -5.98
N ASP D 57 18.30 19.66 -6.50
CA ASP D 57 16.99 19.54 -7.15
C ASP D 57 15.91 19.27 -6.11
N ALA D 58 14.68 18.98 -6.57
CA ALA D 58 13.59 18.79 -5.66
C ALA D 58 13.77 17.64 -4.65
N SER D 59 14.57 16.67 -5.04
CA SER D 59 14.85 15.50 -4.21
C SER D 59 16.13 15.68 -3.38
N GLY D 60 16.80 16.82 -3.50
CA GLY D 60 18.05 17.02 -2.77
C GLY D 60 19.28 16.49 -3.50
N GLN D 61 19.13 16.08 -4.76
CA GLN D 61 20.31 15.62 -5.51
C GLN D 61 21.03 16.89 -5.97
N ARG D 62 22.34 16.97 -5.73
CA ARG D 62 23.04 18.19 -6.12
C ARG D 62 23.18 18.41 -7.61
N LEU D 63 22.84 19.62 -8.04
CA LEU D 63 22.99 20.06 -9.42
C LEU D 63 24.25 20.92 -9.53
N TYR D 64 24.73 21.43 -8.37
CA TYR D 64 25.95 22.23 -8.33
C TYR D 64 26.57 22.16 -6.94
N HIS D 65 27.89 22.05 -6.90
CA HIS D 65 28.66 22.06 -5.65
C HIS D 65 30.05 22.53 -6.05
N VAL D 66 30.79 23.10 -5.11
CA VAL D 66 32.14 23.58 -5.41
C VAL D 66 33.08 22.42 -5.76
N ASN D 67 32.81 21.22 -5.24
CA ASN D 67 33.62 20.04 -5.55
C ASN D 67 32.81 19.17 -6.55
N PRO D 68 33.33 19.06 -7.79
CA PRO D 68 32.67 18.30 -8.87
C PRO D 68 32.10 16.93 -8.58
N ASP D 69 32.80 16.09 -7.82
CA ASP D 69 32.30 14.75 -7.54
C ASP D 69 31.01 14.72 -6.73
N GLU D 70 30.70 15.80 -6.01
CA GLU D 70 29.48 15.85 -5.20
C GLU D 70 28.25 16.09 -6.08
N ILE D 71 28.45 16.57 -7.29
CA ILE D 71 27.31 16.79 -8.18
C ILE D 71 26.74 15.44 -8.56
N GLY D 72 25.43 15.30 -8.45
CA GLY D 72 24.81 14.03 -8.76
C GLY D 72 24.60 13.18 -7.51
N LYS D 73 25.22 13.58 -6.41
CA LYS D 73 25.05 12.89 -5.14
C LYS D 73 24.02 13.64 -4.28
N SER D 74 23.38 12.94 -3.35
CA SER D 74 22.32 13.49 -2.50
C SER D 74 22.86 14.33 -1.34
N MET D 75 22.15 15.40 -1.01
CA MET D 75 22.48 16.24 0.15
C MET D 75 21.92 15.40 1.32
N GLU D 76 22.81 14.79 2.08
N GLU D 76 22.79 14.79 2.12
CA GLU D 76 22.40 13.94 3.19
CA GLU D 76 22.32 13.95 3.21
C GLU D 76 22.68 14.50 4.57
C GLU D 76 22.46 14.56 4.61
N GLY D 77 22.86 15.82 4.66
CA GLY D 77 23.06 16.46 5.94
C GLY D 77 21.84 16.46 6.84
N GLY D 78 20.64 16.41 6.26
CA GLY D 78 19.43 16.39 7.05
C GLY D 78 18.86 17.73 7.46
N ASP D 79 19.46 18.80 6.93
CA ASP D 79 18.98 20.15 7.27
C ASP D 79 18.41 20.89 6.04
N SER D 80 17.97 20.11 5.06
CA SER D 80 17.39 20.70 3.86
C SER D 80 15.87 20.41 3.78
N ASP D 81 15.36 19.55 4.66
CA ASP D 81 13.94 19.21 4.58
C ASP D 81 12.95 20.35 4.68
N GLU D 82 13.20 21.30 5.57
CA GLU D 82 12.23 22.36 5.71
C GLU D 82 12.10 23.25 4.45
N ALA D 83 13.16 23.31 3.67
CA ALA D 83 13.11 24.08 2.42
C ALA D 83 12.49 23.21 1.34
N LEU D 84 12.96 21.97 1.22
CA LEU D 84 12.49 21.10 0.14
C LEU D 84 11.06 20.64 0.27
N ILE D 85 10.64 20.40 1.51
CA ILE D 85 9.29 19.92 1.75
C ILE D 85 8.32 21.03 2.12
N ASN D 86 8.75 21.94 3.00
CA ASN D 86 7.86 22.98 3.49
C ASN D 86 8.09 24.38 2.98
N ALA D 87 9.00 24.52 2.00
CA ALA D 87 9.27 25.80 1.35
C ALA D 87 9.71 26.93 2.27
N LYS D 88 10.36 26.55 3.39
CA LYS D 88 10.86 27.54 4.33
C LYS D 88 12.28 28.01 3.95
N SER D 89 12.61 29.25 4.33
CA SER D 89 13.95 29.83 4.12
C SER D 89 14.49 30.08 5.53
N TYR D 90 15.74 29.68 5.78
CA TYR D 90 16.26 29.78 7.15
C TYR D 90 17.79 29.66 7.21
N VAL D 91 18.34 29.90 8.42
CA VAL D 91 19.74 29.77 8.70
C VAL D 91 19.91 28.42 9.41
N SER D 92 20.91 27.66 8.99
CA SER D 92 21.16 26.37 9.60
C SER D 92 22.68 26.28 9.85
N VAL D 93 23.10 25.37 10.74
CA VAL D 93 24.53 25.19 10.97
C VAL D 93 24.81 23.71 10.88
N ARG D 94 25.88 23.36 10.15
CA ARG D 94 26.23 21.94 10.06
C ARG D 94 27.62 21.72 9.51
N LYS D 95 28.22 20.62 9.96
CA LYS D 95 29.54 20.24 9.45
C LYS D 95 29.37 19.24 8.30
N GLY D 96 29.28 19.79 7.08
CA GLY D 96 29.23 18.96 5.92
C GLY D 96 30.69 18.72 5.48
N SER D 97 30.86 18.25 4.24
CA SER D 97 32.18 17.93 3.72
C SER D 97 33.16 19.09 3.81
N LEU D 98 32.64 20.32 3.70
CA LEU D 98 33.48 21.51 3.74
C LEU D 98 33.81 22.06 5.13
N GLY D 99 33.30 21.42 6.18
CA GLY D 99 33.58 21.91 7.51
C GLY D 99 32.37 22.55 8.17
N SER D 100 32.43 22.77 9.48
CA SER D 100 31.31 23.38 10.20
C SER D 100 31.02 24.76 9.56
N SER D 101 29.80 24.90 9.04
CA SER D 101 29.44 26.13 8.34
C SER D 101 28.03 26.59 8.64
N LEU D 102 27.82 27.90 8.58
N LEU D 102 27.84 27.89 8.56
CA LEU D 102 26.50 28.51 8.78
CA LEU D 102 26.50 28.43 8.71
C LEU D 102 25.92 28.65 7.37
C LEU D 102 25.99 28.40 7.27
N ARG D 103 24.73 28.07 7.13
CA ARG D 103 24.09 28.04 5.79
C ARG D 103 22.84 28.87 5.77
N GLY D 104 22.62 29.55 4.65
CA GLY D 104 21.34 30.23 4.46
C GLY D 104 20.71 29.33 3.39
N LYS D 105 19.47 28.89 3.59
CA LYS D 105 18.78 27.96 2.69
C LYS D 105 17.46 28.53 2.27
N SER D 106 17.11 28.32 0.98
CA SER D 106 15.84 28.83 0.47
C SER D 106 15.46 27.93 -0.68
N PRO D 107 14.15 27.63 -0.81
CA PRO D 107 13.70 26.77 -1.93
C PRO D 107 13.73 27.53 -3.26
N ILE D 108 13.84 26.77 -4.33
CA ILE D 108 13.67 27.27 -5.73
C ILE D 108 12.22 26.83 -6.01
N GLN D 109 11.42 27.73 -6.56
CA GLN D 109 9.99 27.41 -6.81
C GLN D 109 9.56 27.76 -8.23
N ASP D 110 8.62 26.98 -8.76
CA ASP D 110 8.09 27.31 -10.10
C ASP D 110 6.93 28.32 -9.90
N ALA D 111 6.23 28.68 -10.98
CA ALA D 111 5.19 29.69 -10.88
C ALA D 111 4.01 29.37 -9.97
N THR D 112 3.80 28.09 -9.68
CA THR D 112 2.67 27.68 -8.84
C THR D 112 3.05 27.68 -7.37
N GLY D 113 4.33 27.89 -7.10
CA GLY D 113 4.83 27.87 -5.73
C GLY D 113 5.44 26.52 -5.37
N LYS D 114 5.26 25.53 -6.24
CA LYS D 114 5.81 24.22 -5.97
C LYS D 114 7.34 24.29 -5.90
N VAL D 115 7.89 23.57 -4.93
CA VAL D 115 9.35 23.55 -4.76
C VAL D 115 10.01 22.65 -5.82
N ILE D 116 11.02 23.17 -6.55
CA ILE D 116 11.73 22.39 -7.53
C ILE D 116 13.23 22.26 -7.22
N GLY D 117 13.63 22.78 -6.05
CA GLY D 117 15.04 22.68 -5.70
C GLY D 117 15.34 23.52 -4.48
N ILE D 118 16.64 23.69 -4.23
CA ILE D 118 17.10 24.42 -3.05
C ILE D 118 18.44 25.06 -3.31
N VAL D 119 18.65 26.25 -2.73
CA VAL D 119 19.94 26.90 -2.78
C VAL D 119 20.42 27.04 -1.34
N SER D 120 21.68 26.70 -1.13
CA SER D 120 22.31 26.80 0.18
C SER D 120 23.59 27.64 0.00
N VAL D 121 23.71 28.76 0.75
CA VAL D 121 24.90 29.59 0.68
C VAL D 121 25.58 29.39 2.03
N GLY D 122 26.84 28.98 2.01
CA GLY D 122 27.50 28.64 3.26
C GLY D 122 28.77 29.40 3.56
N TYR D 123 28.99 29.62 4.85
CA TYR D 123 30.21 30.28 5.37
C TYR D 123 30.84 29.33 6.37
N THR D 124 32.01 28.80 6.07
N THR D 124 32.05 28.87 6.07
CA THR D 124 32.67 27.89 7.01
CA THR D 124 32.78 27.98 7.01
C THR D 124 33.20 28.76 8.19
C THR D 124 33.20 28.84 8.22
N ILE D 125 32.80 28.40 9.41
CA ILE D 125 33.09 29.19 10.59
C ILE D 125 34.55 29.42 10.90
N GLU D 126 35.37 28.41 10.71
CA GLU D 126 36.78 28.59 11.05
C GLU D 126 37.45 29.60 10.12
N GLN D 127 36.86 29.82 8.95
CA GLN D 127 37.42 30.74 8.00
C GLN D 127 36.93 32.18 8.13
N LEU D 128 36.04 32.45 9.08
CA LEU D 128 35.57 33.81 9.27
C LEU D 128 36.73 34.75 9.71
N GLU D 129 36.76 35.98 9.19
CA GLU D 129 37.75 37.01 9.57
C GLU D 129 37.06 37.66 10.77
N HIS D 130 37.58 37.39 11.95
CA HIS D 130 36.95 37.89 13.14
C HIS D 130 37.00 39.39 13.36
N HIS D 131 36.05 39.87 14.16
CA HIS D 131 36.00 41.29 14.47
C HIS D 131 36.54 41.54 15.90
N GLU E 1 -3.18 -24.44 -17.75
CA GLU E 1 -4.48 -25.13 -17.50
C GLU E 1 -5.18 -24.64 -16.21
N GLU E 2 -4.55 -23.73 -15.47
CA GLU E 2 -5.13 -23.19 -14.24
C GLU E 2 -6.30 -22.25 -14.54
N ARG E 3 -7.44 -22.48 -13.89
CA ARG E 3 -8.63 -21.68 -14.14
C ARG E 3 -9.21 -21.07 -12.88
N LEU E 4 -9.92 -19.97 -13.09
CA LEU E 4 -10.66 -19.30 -12.01
C LEU E 4 -12.08 -19.11 -12.60
N HIS E 5 -12.92 -20.14 -12.40
CA HIS E 5 -14.29 -20.18 -12.93
C HIS E 5 -14.34 -19.63 -14.39
N TYR E 6 -13.58 -20.31 -15.27
CA TYR E 6 -13.46 -19.88 -16.67
C TYR E 6 -14.77 -19.65 -17.37
N GLN E 7 -15.68 -20.63 -17.31
CA GLN E 7 -16.98 -20.45 -17.99
C GLN E 7 -17.81 -19.30 -17.44
N VAL E 8 -17.74 -19.10 -16.12
CA VAL E 8 -18.48 -17.99 -15.53
C VAL E 8 -17.95 -16.67 -16.04
N GLY E 9 -16.62 -16.54 -16.07
CA GLY E 9 -15.99 -15.31 -16.57
C GLY E 9 -16.36 -15.05 -18.03
N GLN E 10 -16.38 -16.08 -18.87
CA GLN E 10 -16.73 -15.87 -20.27
C GLN E 10 -18.19 -15.40 -20.41
N ARG E 11 -19.07 -15.98 -19.59
N ARG E 11 -19.08 -15.99 -19.61
CA ARG E 11 -20.49 -15.61 -19.58
CA ARG E 11 -20.47 -15.59 -19.65
C ARG E 11 -20.62 -14.14 -19.21
C ARG E 11 -20.62 -14.13 -19.22
N ALA E 12 -19.88 -13.75 -18.17
CA ALA E 12 -19.95 -12.38 -17.70
C ALA E 12 -19.43 -11.43 -18.75
N LEU E 13 -18.33 -11.80 -19.40
CA LEU E 13 -17.73 -10.94 -20.42
C LEU E 13 -18.65 -10.75 -21.61
N ILE E 14 -19.19 -11.85 -22.13
N ILE E 14 -19.18 -11.84 -22.15
CA ILE E 14 -20.11 -11.77 -23.25
CA ILE E 14 -20.06 -11.69 -23.30
C ILE E 14 -21.28 -10.85 -22.94
C ILE E 14 -21.28 -10.82 -22.94
N GLN E 15 -21.87 -11.03 -21.76
CA GLN E 15 -23.02 -10.21 -21.36
C GLN E 15 -22.62 -8.73 -21.23
N ALA E 16 -21.44 -8.46 -20.69
CA ALA E 16 -21.05 -7.05 -20.55
C ALA E 16 -20.81 -6.42 -21.93
N MET E 17 -20.27 -7.19 -22.87
CA MET E 17 -20.03 -6.66 -24.21
C MET E 17 -21.38 -6.38 -24.88
N GLN E 18 -22.33 -7.30 -24.70
CA GLN E 18 -23.63 -7.08 -25.31
C GLN E 18 -24.39 -5.90 -24.74
N ILE E 19 -24.40 -5.77 -23.41
CA ILE E 19 -25.13 -4.68 -22.77
C ILE E 19 -24.48 -3.33 -23.11
N SER E 20 -23.15 -3.28 -23.05
CA SER E 20 -22.47 -2.01 -23.33
C SER E 20 -22.64 -1.51 -24.74
N ALA E 21 -23.01 -2.40 -25.66
CA ALA E 21 -23.21 -2.01 -27.06
C ALA E 21 -24.65 -1.63 -27.42
N MET E 22 -25.56 -1.69 -26.45
CA MET E 22 -26.97 -1.37 -26.72
C MET E 22 -27.15 0.10 -27.02
N PRO E 23 -27.64 0.41 -28.22
CA PRO E 23 -27.85 1.84 -28.57
C PRO E 23 -28.68 2.57 -27.52
N GLU E 24 -29.69 1.90 -26.96
CA GLU E 24 -30.55 2.52 -25.98
C GLU E 24 -29.76 2.89 -24.73
N LEU E 25 -28.76 2.07 -24.39
CA LEU E 25 -27.97 2.36 -23.19
C LEU E 25 -26.97 3.47 -23.49
N VAL E 26 -26.38 3.43 -24.68
CA VAL E 26 -25.43 4.46 -25.09
C VAL E 26 -26.15 5.82 -24.96
N GLU E 27 -27.36 5.91 -25.50
CA GLU E 27 -28.10 7.16 -25.42
C GLU E 27 -28.45 7.59 -23.99
N ALA E 28 -28.91 6.65 -23.18
CA ALA E 28 -29.27 6.95 -21.81
C ALA E 28 -28.06 7.42 -21.00
N VAL E 29 -26.89 6.86 -21.31
CA VAL E 29 -25.69 7.27 -20.59
C VAL E 29 -25.30 8.70 -21.01
N GLN E 30 -25.43 9.04 -22.29
CA GLN E 30 -25.10 10.40 -22.74
C GLN E 30 -25.97 11.46 -22.06
N LYS E 31 -27.21 11.10 -21.71
CA LYS E 31 -28.13 12.02 -21.07
C LYS E 31 -28.17 11.90 -19.55
N ARG E 32 -27.35 10.99 -19.02
CA ARG E 32 -27.28 10.73 -17.58
C ARG E 32 -28.69 10.55 -17.05
N ASP E 33 -29.51 9.88 -17.85
CA ASP E 33 -30.90 9.62 -17.46
C ASP E 33 -30.90 8.35 -16.61
N LEU E 34 -30.77 8.56 -15.31
CA LEU E 34 -30.72 7.45 -14.40
C LEU E 34 -31.94 6.54 -14.42
N ALA E 35 -33.13 7.13 -14.54
CA ALA E 35 -34.35 6.33 -14.55
C ALA E 35 -34.41 5.45 -15.77
N ARG E 36 -33.96 5.97 -16.89
CA ARG E 36 -33.97 5.22 -18.13
C ARG E 36 -32.96 4.08 -18.04
N ILE E 37 -31.79 4.37 -17.49
CA ILE E 37 -30.78 3.34 -17.37
C ILE E 37 -31.33 2.23 -16.49
N LYS E 38 -31.99 2.61 -15.39
CA LYS E 38 -32.56 1.63 -14.49
C LYS E 38 -33.62 0.77 -15.22
N ALA E 39 -34.46 1.43 -16.03
CA ALA E 39 -35.51 0.74 -16.78
C ALA E 39 -34.91 -0.26 -17.78
N LEU E 40 -33.74 0.06 -18.31
CA LEU E 40 -33.08 -0.82 -19.28
C LEU E 40 -32.35 -1.96 -18.61
N ILE E 41 -31.64 -1.67 -17.52
CA ILE E 41 -30.86 -2.69 -16.85
C ILE E 41 -31.62 -3.64 -15.91
N ASP E 42 -32.62 -3.14 -15.18
CA ASP E 42 -33.34 -4.01 -14.27
C ASP E 42 -33.84 -5.32 -14.94
N PRO E 43 -34.43 -5.22 -16.13
CA PRO E 43 -34.92 -6.44 -16.80
C PRO E 43 -33.79 -7.41 -17.23
N MET E 44 -32.63 -6.87 -17.55
CA MET E 44 -31.50 -7.71 -17.91
C MET E 44 -30.94 -8.41 -16.66
N ARG E 45 -30.94 -7.70 -15.55
CA ARG E 45 -30.49 -8.24 -14.28
C ARG E 45 -31.48 -9.37 -13.95
N SER E 46 -32.78 -9.16 -14.18
CA SER E 46 -33.76 -10.22 -13.88
C SER E 46 -33.55 -11.46 -14.74
N PHE E 47 -33.34 -11.25 -16.02
CA PHE E 47 -33.17 -12.35 -16.96
C PHE E 47 -31.83 -13.09 -16.83
N SER E 48 -30.76 -12.36 -16.49
CA SER E 48 -29.44 -12.98 -16.32
C SER E 48 -29.32 -13.73 -14.99
N ASP E 49 -28.41 -14.70 -14.94
CA ASP E 49 -28.16 -15.37 -13.68
C ASP E 49 -27.00 -14.66 -12.96
N ALA E 50 -26.52 -13.56 -13.53
CA ALA E 50 -25.44 -12.82 -12.84
C ALA E 50 -25.91 -12.29 -11.47
N THR E 51 -24.96 -12.07 -10.58
CA THR E 51 -25.26 -11.53 -9.25
C THR E 51 -25.61 -10.04 -9.34
N TYR E 52 -24.90 -9.31 -10.18
CA TYR E 52 -25.15 -7.88 -10.28
C TYR E 52 -24.66 -7.33 -11.61
N ILE E 53 -25.11 -6.13 -11.92
CA ILE E 53 -24.65 -5.41 -13.10
C ILE E 53 -24.41 -3.98 -12.61
N THR E 54 -23.26 -3.42 -12.94
CA THR E 54 -22.96 -2.03 -12.56
C THR E 54 -22.73 -1.25 -13.84
N VAL E 55 -23.22 0.00 -13.92
CA VAL E 55 -22.97 0.83 -15.09
C VAL E 55 -22.32 2.11 -14.57
N GLY E 56 -21.18 2.45 -15.14
CA GLY E 56 -20.49 3.68 -14.71
C GLY E 56 -20.34 4.65 -15.87
N ASP E 57 -20.15 5.92 -15.55
CA ASP E 57 -19.92 6.90 -16.61
C ASP E 57 -18.42 6.92 -17.00
N ALA E 58 -18.01 7.89 -17.80
CA ALA E 58 -16.65 7.91 -18.30
C ALA E 58 -15.58 8.03 -17.23
N SER E 59 -15.96 8.52 -16.05
CA SER E 59 -15.00 8.66 -14.97
C SER E 59 -15.21 7.64 -13.88
N GLY E 60 -16.06 6.65 -14.14
CA GLY E 60 -16.25 5.65 -13.12
C GLY E 60 -17.31 5.99 -12.10
N GLN E 61 -18.07 7.08 -12.33
CA GLN E 61 -19.12 7.39 -11.36
C GLN E 61 -20.28 6.47 -11.73
N ARG E 62 -20.81 5.77 -10.74
CA ARG E 62 -21.92 4.83 -11.03
C ARG E 62 -23.22 5.48 -11.40
N LEU E 63 -23.77 5.01 -12.52
CA LEU E 63 -25.05 5.48 -13.03
C LEU E 63 -26.10 4.44 -12.63
N TYR E 64 -25.64 3.24 -12.29
CA TYR E 64 -26.53 2.14 -11.87
C TYR E 64 -25.77 1.14 -11.02
N HIS E 65 -26.42 0.62 -9.98
CA HIS E 65 -25.85 -0.39 -9.10
C HIS E 65 -27.05 -1.06 -8.46
N VAL E 66 -26.89 -2.32 -8.04
CA VAL E 66 -28.00 -3.02 -7.41
C VAL E 66 -28.37 -2.37 -6.09
N ASN E 67 -27.40 -1.75 -5.43
CA ASN E 67 -27.66 -1.04 -4.16
C ASN E 67 -27.77 0.44 -4.56
N PRO E 68 -28.97 1.03 -4.46
CA PRO E 68 -29.18 2.43 -4.82
C PRO E 68 -28.21 3.44 -4.24
N ASP E 69 -27.82 3.21 -2.99
CA ASP E 69 -26.91 4.11 -2.30
C ASP E 69 -25.53 4.22 -2.98
N GLU E 70 -25.18 3.28 -3.83
CA GLU E 70 -23.89 3.32 -4.51
C GLU E 70 -23.93 4.15 -5.80
N ILE E 71 -25.14 4.50 -6.26
CA ILE E 71 -25.26 5.29 -7.48
C ILE E 71 -24.79 6.71 -7.14
N GLY E 72 -24.00 7.33 -8.02
CA GLY E 72 -23.50 8.67 -7.74
C GLY E 72 -22.13 8.61 -7.08
N LYS E 73 -21.72 7.42 -6.62
CA LYS E 73 -20.41 7.25 -6.00
C LYS E 73 -19.44 6.64 -7.00
N SER E 74 -18.15 6.79 -6.72
CA SER E 74 -17.14 6.31 -7.64
C SER E 74 -16.79 4.82 -7.51
N MET E 75 -16.52 4.22 -8.66
CA MET E 75 -16.06 2.81 -8.68
C MET E 75 -14.57 2.94 -8.33
N GLU E 76 -14.21 2.61 -7.09
CA GLU E 76 -12.86 2.75 -6.61
C GLU E 76 -12.05 1.45 -6.55
N GLY E 77 -12.61 0.36 -7.10
CA GLY E 77 -11.94 -0.92 -7.05
C GLY E 77 -10.56 -0.98 -7.73
N GLY E 78 -10.36 -0.14 -8.73
CA GLY E 78 -9.08 -0.08 -9.42
C GLY E 78 -8.97 -1.03 -10.59
N ASP E 79 -10.05 -1.73 -10.92
CA ASP E 79 -9.99 -2.69 -12.03
C ASP E 79 -10.87 -2.26 -13.22
N SER E 80 -11.17 -0.96 -13.32
CA SER E 80 -11.98 -0.45 -14.40
C SER E 80 -11.18 0.40 -15.37
N ASP E 81 -9.92 0.68 -15.05
CA ASP E 81 -9.11 1.56 -15.91
C ASP E 81 -8.88 1.05 -17.31
N GLU E 82 -8.63 -0.25 -17.48
CA GLU E 82 -8.37 -0.71 -18.84
C GLU E 82 -9.57 -0.57 -19.77
N ALA E 83 -10.77 -0.63 -19.21
CA ALA E 83 -11.97 -0.40 -20.05
C ALA E 83 -12.18 1.12 -20.27
N LEU E 84 -12.13 1.89 -19.18
CA LEU E 84 -12.43 3.33 -19.22
C LEU E 84 -11.39 4.14 -19.98
N ILE E 85 -10.12 3.77 -19.83
CA ILE E 85 -9.07 4.51 -20.48
C ILE E 85 -8.64 3.90 -21.79
N ASN E 86 -8.48 2.58 -21.81
CA ASN E 86 -8.01 1.92 -23.01
C ASN E 86 -9.00 1.12 -23.84
N ALA E 87 -10.27 1.24 -23.48
CA ALA E 87 -11.37 0.59 -24.20
C ALA E 87 -11.23 -0.95 -24.34
N LYS E 88 -10.60 -1.60 -23.36
N LYS E 88 -10.59 -1.60 -23.37
CA LYS E 88 -10.43 -3.06 -23.36
CA LYS E 88 -10.42 -3.06 -23.39
C LYS E 88 -11.63 -3.75 -22.71
C LYS E 88 -11.64 -3.74 -22.73
N SER E 89 -11.93 -4.99 -23.13
CA SER E 89 -13.04 -5.75 -22.51
C SER E 89 -12.31 -6.95 -21.93
N TYR E 90 -12.63 -7.33 -20.69
CA TYR E 90 -11.88 -8.39 -20.05
C TYR E 90 -12.60 -8.91 -18.81
N VAL E 91 -12.05 -10.02 -18.31
CA VAL E 91 -12.53 -10.63 -17.08
C VAL E 91 -11.62 -10.18 -15.94
N SER E 92 -12.23 -9.78 -14.83
N SER E 92 -12.20 -9.74 -14.83
CA SER E 92 -11.48 -9.36 -13.67
CA SER E 92 -11.39 -9.34 -13.69
C SER E 92 -12.03 -10.07 -12.42
C SER E 92 -12.03 -9.91 -12.41
N VAL E 93 -11.23 -10.09 -11.35
CA VAL E 93 -11.75 -10.64 -10.10
C VAL E 93 -11.46 -9.62 -8.98
N ARG E 94 -12.47 -9.30 -8.16
CA ARG E 94 -12.22 -8.40 -7.03
C ARG E 94 -13.34 -8.50 -6.02
N LYS E 95 -12.98 -8.21 -4.78
CA LYS E 95 -13.93 -8.15 -3.67
C LYS E 95 -14.38 -6.71 -3.49
N GLY E 96 -15.49 -6.39 -4.13
CA GLY E 96 -16.08 -5.07 -3.95
C GLY E 96 -17.09 -5.23 -2.80
N SER E 97 -17.98 -4.25 -2.67
CA SER E 97 -19.02 -4.26 -1.63
C SER E 97 -19.88 -5.52 -1.63
N LEU E 98 -20.07 -6.11 -2.81
CA LEU E 98 -20.88 -7.32 -2.92
C LEU E 98 -20.17 -8.65 -2.72
N GLY E 99 -18.88 -8.63 -2.36
CA GLY E 99 -18.16 -9.86 -2.12
C GLY E 99 -17.22 -10.20 -3.28
N SER E 100 -16.28 -11.12 -3.03
CA SER E 100 -15.34 -11.53 -4.07
C SER E 100 -16.15 -12.01 -5.27
N SER E 101 -15.92 -11.39 -6.42
CA SER E 101 -16.73 -11.71 -7.60
C SER E 101 -15.92 -11.65 -8.89
N LEU E 102 -16.36 -12.43 -9.88
N LEU E 102 -16.34 -12.44 -9.87
CA LEU E 102 -15.71 -12.42 -11.19
CA LEU E 102 -15.69 -12.36 -11.17
C LEU E 102 -16.54 -11.42 -12.01
C LEU E 102 -16.53 -11.33 -11.89
N ARG E 103 -15.87 -10.48 -12.67
CA ARG E 103 -16.53 -9.45 -13.44
C ARG E 103 -16.17 -9.51 -14.89
N GLY E 104 -17.15 -9.29 -15.74
CA GLY E 104 -16.89 -9.13 -17.17
C GLY E 104 -17.05 -7.62 -17.36
N LYS E 105 -16.04 -6.97 -17.92
CA LYS E 105 -16.08 -5.50 -18.07
C LYS E 105 -15.92 -5.13 -19.53
N SER E 106 -16.65 -4.09 -19.95
CA SER E 106 -16.52 -3.65 -21.33
C SER E 106 -16.91 -2.15 -21.38
N PRO E 107 -16.17 -1.38 -22.20
CA PRO E 107 -16.54 0.05 -22.24
C PRO E 107 -17.85 0.29 -23.01
N ILE E 108 -18.46 1.44 -22.75
CA ILE E 108 -19.63 1.88 -23.52
C ILE E 108 -19.01 2.96 -24.41
N GLN E 109 -19.26 2.93 -25.70
CA GLN E 109 -18.69 3.91 -26.63
C GLN E 109 -19.76 4.59 -27.47
N ASP E 110 -19.62 5.88 -27.71
CA ASP E 110 -20.62 6.53 -28.55
C ASP E 110 -20.28 6.33 -30.04
N ALA E 111 -21.12 6.84 -30.94
CA ALA E 111 -20.88 6.61 -32.35
C ALA E 111 -19.55 7.14 -32.87
N THR E 112 -18.93 8.07 -32.14
CA THR E 112 -17.62 8.60 -32.58
C THR E 112 -16.44 7.69 -32.16
N GLY E 113 -16.72 6.67 -31.35
CA GLY E 113 -15.64 5.79 -30.88
C GLY E 113 -15.10 6.15 -29.49
N LYS E 114 -15.53 7.29 -28.99
CA LYS E 114 -15.08 7.78 -27.68
C LYS E 114 -15.66 6.92 -26.51
N VAL E 115 -14.86 6.58 -25.47
CA VAL E 115 -15.43 5.82 -24.33
C VAL E 115 -16.28 6.79 -23.48
N ILE E 116 -17.54 6.42 -23.21
CA ILE E 116 -18.43 7.25 -22.41
C ILE E 116 -18.88 6.56 -21.13
N GLY E 117 -18.37 5.36 -20.88
CA GLY E 117 -18.82 4.65 -19.69
C GLY E 117 -18.32 3.22 -19.67
N ILE E 118 -18.88 2.44 -18.74
CA ILE E 118 -18.45 1.05 -18.58
C ILE E 118 -19.61 0.19 -18.03
N VAL E 119 -19.66 -1.07 -18.45
CA VAL E 119 -20.61 -2.02 -17.92
C VAL E 119 -19.79 -3.13 -17.28
N SER E 120 -20.20 -3.49 -16.06
CA SER E 120 -19.56 -4.57 -15.35
C SER E 120 -20.66 -5.59 -14.96
N VAL E 121 -20.49 -6.84 -15.38
CA VAL E 121 -21.45 -7.90 -15.04
C VAL E 121 -20.70 -8.80 -14.08
N GLY E 122 -21.25 -9.01 -12.89
CA GLY E 122 -20.52 -9.79 -11.92
C GLY E 122 -21.23 -11.00 -11.32
N TYR E 123 -20.44 -12.01 -10.99
CA TYR E 123 -20.92 -13.24 -10.33
C TYR E 123 -20.11 -13.38 -9.03
N THR E 124 -20.79 -13.32 -7.88
N THR E 124 -20.79 -13.32 -7.89
CA THR E 124 -20.09 -13.48 -6.59
CA THR E 124 -20.10 -13.50 -6.63
C THR E 124 -19.75 -14.98 -6.41
C THR E 124 -19.72 -14.99 -6.55
N ILE E 125 -18.47 -15.27 -6.23
CA ILE E 125 -17.99 -16.63 -6.20
C ILE E 125 -18.62 -17.53 -5.14
N GLU E 126 -18.81 -17.01 -3.95
CA GLU E 126 -19.37 -17.83 -2.89
C GLU E 126 -20.78 -18.29 -3.27
N GLN E 127 -21.44 -17.55 -4.16
CA GLN E 127 -22.79 -17.87 -4.59
C GLN E 127 -22.96 -18.77 -5.84
N LEU E 128 -21.85 -19.19 -6.44
CA LEU E 128 -21.95 -20.08 -7.58
C LEU E 128 -22.56 -21.45 -7.21
N GLU E 129 -23.37 -22.01 -8.12
CA GLU E 129 -23.97 -23.35 -7.96
C GLU E 129 -22.89 -24.28 -8.55
N HIS E 130 -22.16 -24.98 -7.69
CA HIS E 130 -21.05 -25.79 -8.17
C HIS E 130 -21.43 -27.01 -8.98
N HIS E 131 -20.48 -27.49 -9.78
CA HIS E 131 -20.70 -28.65 -10.63
C HIS E 131 -19.97 -29.87 -10.03
N GLU F 1 -35.06 0.55 39.99
CA GLU F 1 -33.68 1.01 39.68
C GLU F 1 -33.29 0.89 38.19
N GLU F 2 -33.99 0.05 37.42
CA GLU F 2 -33.74 -0.08 35.97
C GLU F 2 -34.13 1.27 35.37
N ARG F 3 -33.22 1.86 34.62
CA ARG F 3 -33.50 3.17 34.04
C ARG F 3 -33.36 3.19 32.55
N LEU F 4 -34.05 4.14 31.92
CA LEU F 4 -33.87 4.33 30.47
C LEU F 4 -33.64 5.85 30.34
N HIS F 5 -32.35 6.22 30.49
CA HIS F 5 -31.91 7.64 30.41
C HIS F 5 -32.90 8.49 31.21
N TYR F 6 -32.95 8.21 32.49
CA TYR F 6 -33.91 8.83 33.36
C TYR F 6 -33.82 10.36 33.34
N GLN F 7 -32.60 10.89 33.52
CA GLN F 7 -32.45 12.35 33.53
C GLN F 7 -32.88 13.00 32.22
N VAL F 8 -32.58 12.36 31.12
CA VAL F 8 -32.95 12.90 29.80
C VAL F 8 -34.48 12.93 29.70
N GLY F 9 -35.12 11.83 30.11
CA GLY F 9 -36.57 11.79 30.04
C GLY F 9 -37.21 12.85 30.88
N GLN F 10 -36.69 13.08 32.09
CA GLN F 10 -37.24 14.11 32.96
C GLN F 10 -37.05 15.52 32.35
N ARG F 11 -35.90 15.76 31.71
N ARG F 11 -35.90 15.78 31.72
CA ARG F 11 -35.62 17.05 31.05
CA ARG F 11 -35.68 17.09 31.09
C ARG F 11 -36.66 17.24 29.93
C ARG F 11 -36.66 17.26 29.90
N ALA F 12 -36.87 16.19 29.13
CA ALA F 12 -37.80 16.27 28.02
C ALA F 12 -39.21 16.54 28.52
N LEU F 13 -39.62 15.82 29.57
CA LEU F 13 -40.97 15.98 30.11
C LEU F 13 -41.20 17.40 30.68
N ILE F 14 -40.25 17.90 31.45
N ILE F 14 -40.28 17.93 31.48
CA ILE F 14 -40.41 19.24 32.01
CA ILE F 14 -40.54 19.26 32.00
C ILE F 14 -40.56 20.27 30.88
C ILE F 14 -40.58 20.28 30.86
N GLN F 15 -39.72 20.16 29.86
CA GLN F 15 -39.76 21.09 28.75
C GLN F 15 -41.08 20.99 27.99
N ALA F 16 -41.57 19.78 27.77
CA ALA F 16 -42.84 19.64 27.06
C ALA F 16 -43.99 20.23 27.87
N MET F 17 -43.97 20.08 29.19
N MET F 17 -43.95 20.07 29.20
CA MET F 17 -45.04 20.64 30.01
CA MET F 17 -45.00 20.59 30.08
C MET F 17 -44.96 22.17 29.91
C MET F 17 -44.94 22.12 30.14
N GLN F 18 -43.75 22.69 30.04
CA GLN F 18 -43.57 24.14 30.00
C GLN F 18 -44.04 24.74 28.67
N ILE F 19 -43.61 24.14 27.56
CA ILE F 19 -43.98 24.65 26.24
C ILE F 19 -45.49 24.53 26.00
N SER F 20 -46.07 23.38 26.35
CA SER F 20 -47.50 23.20 26.10
C SER F 20 -48.41 24.14 26.90
N ALA F 21 -47.88 24.70 27.99
CA ALA F 21 -48.66 25.61 28.83
C ALA F 21 -48.48 27.08 28.44
N MET F 22 -47.64 27.37 27.46
CA MET F 22 -47.40 28.78 27.06
C MET F 22 -48.69 29.38 26.45
N PRO F 23 -49.20 30.47 27.03
CA PRO F 23 -50.44 31.07 26.49
C PRO F 23 -50.30 31.41 25.01
N GLU F 24 -49.12 31.87 24.58
CA GLU F 24 -48.95 32.20 23.16
C GLU F 24 -49.08 30.97 22.28
N LEU F 25 -48.65 29.82 22.79
CA LEU F 25 -48.79 28.62 21.97
C LEU F 25 -50.23 28.12 21.94
N VAL F 26 -50.91 28.18 23.08
CA VAL F 26 -52.31 27.79 23.17
C VAL F 26 -53.08 28.62 22.12
N GLU F 27 -52.84 29.94 22.08
CA GLU F 27 -53.57 30.78 21.11
C GLU F 27 -53.21 30.47 19.66
N ALA F 28 -51.91 30.30 19.36
CA ALA F 28 -51.48 30.02 18.01
C ALA F 28 -52.06 28.69 17.52
N VAL F 29 -52.21 27.74 18.45
CA VAL F 29 -52.77 26.45 18.04
C VAL F 29 -54.26 26.60 17.80
N GLN F 30 -54.91 27.37 18.69
CA GLN F 30 -56.36 27.60 18.56
C GLN F 30 -56.66 28.27 17.23
N LYS F 31 -55.71 29.09 16.77
CA LYS F 31 -55.85 29.81 15.49
C LYS F 31 -55.30 29.03 14.31
N ARG F 32 -54.63 27.91 14.58
CA ARG F 32 -54.04 27.11 13.51
C ARG F 32 -53.07 27.97 12.67
N ASP F 33 -52.37 28.87 13.37
CA ASP F 33 -51.42 29.82 12.77
C ASP F 33 -50.03 29.21 12.71
N LEU F 34 -49.77 28.45 11.64
CA LEU F 34 -48.51 27.77 11.47
C LEU F 34 -47.25 28.64 11.57
N ALA F 35 -47.28 29.82 10.95
CA ALA F 35 -46.13 30.70 11.01
C ALA F 35 -45.87 31.19 12.43
N ARG F 36 -46.95 31.45 13.17
N ARG F 36 -46.94 31.47 13.16
CA ARG F 36 -46.88 31.92 14.57
CA ARG F 36 -46.79 31.93 14.53
C ARG F 36 -46.34 30.82 15.48
C ARG F 36 -46.17 30.79 15.33
N ILE F 37 -46.72 29.58 15.18
CA ILE F 37 -46.21 28.43 15.94
C ILE F 37 -44.71 28.27 15.66
N LYS F 38 -44.34 28.35 14.39
CA LYS F 38 -42.94 28.22 14.00
C LYS F 38 -42.08 29.29 14.68
N ALA F 39 -42.62 30.52 14.74
CA ALA F 39 -41.90 31.64 15.34
C ALA F 39 -41.69 31.44 16.83
N LEU F 40 -42.63 30.76 17.47
CA LEU F 40 -42.54 30.51 18.91
C LEU F 40 -41.61 29.32 19.20
N ILE F 41 -41.76 28.25 18.42
CA ILE F 41 -40.98 27.05 18.67
C ILE F 41 -39.55 27.04 18.18
N ASP F 42 -39.28 27.63 17.01
CA ASP F 42 -37.89 27.64 16.52
C ASP F 42 -36.86 28.10 17.55
N PRO F 43 -37.10 29.22 18.24
CA PRO F 43 -36.11 29.69 19.22
C PRO F 43 -35.95 28.70 20.39
N MET F 44 -37.02 28.01 20.74
CA MET F 44 -36.91 27.07 21.85
C MET F 44 -36.19 25.82 21.45
N ARG F 45 -36.42 25.44 20.20
CA ARG F 45 -35.76 24.25 19.66
C ARG F 45 -34.26 24.57 19.59
N SER F 46 -33.95 25.82 19.24
CA SER F 46 -32.55 26.24 19.14
C SER F 46 -31.90 26.28 20.56
N PHE F 47 -32.59 26.88 21.51
CA PHE F 47 -32.05 27.02 22.86
C PHE F 47 -31.96 25.68 23.63
N SER F 48 -32.92 24.81 23.42
CA SER F 48 -32.90 23.51 24.11
C SER F 48 -31.82 22.62 23.52
N ASP F 49 -31.36 21.62 24.29
CA ASP F 49 -30.40 20.65 23.75
C ASP F 49 -31.20 19.45 23.19
N ALA F 50 -32.52 19.53 23.23
CA ALA F 50 -33.35 18.45 22.66
C ALA F 50 -33.07 18.31 21.16
N THR F 51 -33.22 17.10 20.65
CA THR F 51 -33.04 16.84 19.23
C THR F 51 -34.15 17.48 18.38
N TYR F 52 -35.38 17.44 18.87
CA TYR F 52 -36.50 17.98 18.12
C TYR F 52 -37.65 18.31 19.02
N ILE F 53 -38.59 19.09 18.48
CA ILE F 53 -39.84 19.42 19.17
C ILE F 53 -40.92 19.29 18.12
N THR F 54 -41.99 18.55 18.44
CA THR F 54 -43.11 18.36 17.52
C THR F 54 -44.34 18.95 18.18
N VAL F 55 -45.18 19.65 17.42
CA VAL F 55 -46.43 20.19 17.97
C VAL F 55 -47.57 19.62 17.10
N GLY F 56 -48.56 19.03 17.75
CA GLY F 56 -49.68 18.48 17.00
C GLY F 56 -51.01 19.09 17.43
N ASP F 57 -52.02 19.04 16.55
CA ASP F 57 -53.33 19.51 16.91
C ASP F 57 -54.10 18.43 17.68
N ALA F 58 -55.38 18.66 17.97
CA ALA F 58 -56.16 17.74 18.76
C ALA F 58 -56.29 16.35 18.16
N SER F 59 -56.14 16.26 16.84
N SER F 59 -56.14 16.22 16.85
CA SER F 59 -56.26 14.99 16.10
CA SER F 59 -56.28 14.91 16.23
C SER F 59 -54.91 14.35 15.85
C SER F 59 -54.92 14.29 15.96
N GLY F 60 -53.86 14.98 16.32
CA GLY F 60 -52.53 14.46 16.10
C GLY F 60 -51.93 14.93 14.79
N GLN F 61 -52.59 15.88 14.13
CA GLN F 61 -52.04 16.39 12.86
C GLN F 61 -50.89 17.36 13.20
N ARG F 62 -49.72 17.19 12.61
CA ARG F 62 -48.61 18.07 12.98
C ARG F 62 -48.78 19.51 12.53
N LEU F 63 -48.60 20.42 13.49
CA LEU F 63 -48.62 21.86 13.25
C LEU F 63 -47.18 22.36 13.15
N TYR F 64 -46.23 21.58 13.69
CA TYR F 64 -44.82 21.92 13.65
C TYR F 64 -43.97 20.66 13.76
N HIS F 65 -42.91 20.62 12.98
CA HIS F 65 -41.94 19.51 13.00
C HIS F 65 -40.63 20.08 12.48
N VAL F 66 -39.50 19.51 12.90
CA VAL F 66 -38.22 20.00 12.42
C VAL F 66 -38.08 19.82 10.92
N ASN F 67 -38.79 18.82 10.38
CA ASN F 67 -38.80 18.57 8.93
C ASN F 67 -40.13 19.17 8.45
N PRO F 68 -40.06 20.28 7.70
CA PRO F 68 -41.31 20.89 7.23
C PRO F 68 -42.26 19.97 6.47
N ASP F 69 -41.71 18.98 5.77
CA ASP F 69 -42.52 18.03 5.00
C ASP F 69 -43.48 17.22 5.87
N GLU F 70 -43.19 17.14 7.17
CA GLU F 70 -44.05 16.39 8.09
C GLU F 70 -45.22 17.20 8.62
N ILE F 71 -45.18 18.52 8.42
CA ILE F 71 -46.27 19.37 8.91
C ILE F 71 -47.48 19.12 8.05
N GLY F 72 -48.64 18.94 8.68
CA GLY F 72 -49.86 18.64 7.95
C GLY F 72 -50.11 17.14 7.87
N LYS F 73 -49.11 16.33 8.24
CA LYS F 73 -49.26 14.87 8.27
C LYS F 73 -49.55 14.45 9.72
N SER F 74 -50.15 13.27 9.88
CA SER F 74 -50.53 12.77 11.18
C SER F 74 -49.38 12.10 11.97
N MET F 75 -49.43 12.23 13.29
CA MET F 75 -48.43 11.59 14.17
C MET F 75 -49.00 10.16 14.27
N GLU F 76 -48.35 9.22 13.60
CA GLU F 76 -48.87 7.87 13.57
C GLU F 76 -48.10 6.89 14.42
N GLY F 77 -47.20 7.40 15.27
CA GLY F 77 -46.39 6.53 16.13
C GLY F 77 -47.16 5.71 17.14
N GLY F 78 -48.33 6.20 17.53
CA GLY F 78 -49.15 5.44 18.47
C GLY F 78 -48.88 5.70 19.92
N ASP F 79 -47.99 6.65 20.19
CA ASP F 79 -47.66 6.96 21.60
C ASP F 79 -48.12 8.33 22.02
N SER F 80 -49.12 8.86 21.32
CA SER F 80 -49.66 10.20 21.65
C SER F 80 -51.07 10.15 22.22
N ASP F 81 -51.70 8.97 22.20
CA ASP F 81 -53.08 8.87 22.67
C ASP F 81 -53.33 9.25 24.11
N GLU F 82 -52.39 8.91 25.01
CA GLU F 82 -52.68 9.22 26.39
C GLU F 82 -52.67 10.74 26.65
N ALA F 83 -51.91 11.48 25.86
CA ALA F 83 -51.91 12.94 26.00
C ALA F 83 -53.14 13.51 25.28
N LEU F 84 -53.37 13.06 24.04
CA LEU F 84 -54.47 13.62 23.25
C LEU F 84 -55.86 13.28 23.73
N ILE F 85 -56.03 12.06 24.24
CA ILE F 85 -57.32 11.63 24.74
C ILE F 85 -57.48 11.79 26.22
N ASN F 86 -56.44 11.44 26.97
CA ASN F 86 -56.57 11.46 28.41
C ASN F 86 -55.83 12.52 29.17
N ALA F 87 -55.29 13.47 28.41
CA ALA F 87 -54.58 14.63 28.97
C ALA F 87 -53.45 14.29 29.92
N LYS F 88 -52.80 13.15 29.66
CA LYS F 88 -51.67 12.77 30.49
C LYS F 88 -50.35 13.36 29.97
N SER F 89 -49.39 13.57 30.87
CA SER F 89 -48.03 14.03 30.50
C SER F 89 -47.12 12.88 30.91
N TYR F 90 -46.18 12.53 30.05
CA TYR F 90 -45.37 11.33 30.32
C TYR F 90 -44.12 11.24 29.44
N VAL F 91 -43.24 10.28 29.80
CA VAL F 91 -42.07 10.00 29.02
C VAL F 91 -42.37 8.75 28.17
N SER F 92 -42.05 8.81 26.90
CA SER F 92 -42.30 7.66 26.01
C SER F 92 -41.00 7.42 25.21
N VAL F 93 -40.85 6.22 24.63
CA VAL F 93 -39.67 5.95 23.79
C VAL F 93 -40.19 5.37 22.48
N ARG F 94 -39.67 5.90 21.37
CA ARG F 94 -40.09 5.36 20.08
C ARG F 94 -39.16 5.76 18.97
N LYS F 95 -39.09 4.90 17.96
CA LYS F 95 -38.30 5.18 16.76
C LYS F 95 -39.22 5.74 15.67
N GLY F 96 -39.28 7.08 15.64
CA GLY F 96 -40.05 7.76 14.62
C GLY F 96 -39.06 8.03 13.49
N SER F 97 -39.44 8.93 12.57
CA SER F 97 -38.59 9.28 11.42
C SER F 97 -37.19 9.76 11.82
N LEU F 98 -37.09 10.38 12.99
CA LEU F 98 -35.83 10.90 13.47
C LEU F 98 -34.95 9.95 14.27
N GLY F 99 -35.38 8.70 14.41
CA GLY F 99 -34.57 7.70 15.09
C GLY F 99 -35.12 7.39 16.47
N SER F 100 -34.67 6.29 17.06
CA SER F 100 -35.16 5.93 18.41
C SER F 100 -34.88 7.07 19.37
N SER F 101 -35.93 7.56 20.02
CA SER F 101 -35.76 8.75 20.87
C SER F 101 -36.65 8.70 22.08
N LEU F 102 -36.19 9.34 23.15
N LEU F 102 -36.20 9.36 23.14
CA LEU F 102 -36.96 9.45 24.40
CA LEU F 102 -37.04 9.49 24.31
C LEU F 102 -37.76 10.77 24.26
C LEU F 102 -37.86 10.71 23.96
N ARG F 103 -39.09 10.71 24.43
CA ARG F 103 -39.97 11.86 24.24
C ARG F 103 -40.64 12.26 25.54
N GLY F 104 -40.73 13.58 25.79
CA GLY F 104 -41.53 14.04 26.92
C GLY F 104 -42.78 14.57 26.18
N LYS F 105 -43.97 14.13 26.57
CA LYS F 105 -45.22 14.53 25.90
C LYS F 105 -46.15 15.18 26.92
N SER F 106 -46.87 16.21 26.48
CA SER F 106 -47.83 16.85 27.38
C SER F 106 -48.91 17.48 26.49
N PRO F 107 -50.17 17.45 26.94
CA PRO F 107 -51.22 18.06 26.08
C PRO F 107 -51.19 19.59 26.16
N ILE F 108 -51.73 20.20 25.10
CA ILE F 108 -51.97 21.68 25.07
C ILE F 108 -53.48 21.72 25.40
N GLN F 109 -53.91 22.63 26.28
CA GLN F 109 -55.32 22.63 26.71
C GLN F 109 -55.89 24.02 26.71
N ASP F 110 -57.19 24.13 26.41
CA ASP F 110 -57.82 25.46 26.53
C ASP F 110 -58.19 25.72 28.00
N ALA F 111 -58.83 26.83 28.31
CA ALA F 111 -59.12 27.16 29.70
C ALA F 111 -60.04 26.21 30.44
N THR F 112 -60.81 25.43 29.70
CA THR F 112 -61.73 24.50 30.33
C THR F 112 -61.04 23.20 30.63
N GLY F 113 -59.81 23.02 30.15
CA GLY F 113 -59.09 21.77 30.38
C GLY F 113 -59.17 20.87 29.17
N LYS F 114 -60.03 21.22 28.22
CA LYS F 114 -60.14 20.41 27.01
C LYS F 114 -58.80 20.35 26.25
N VAL F 115 -58.45 19.17 25.75
CA VAL F 115 -57.21 19.06 25.00
C VAL F 115 -57.35 19.60 23.56
N ILE F 116 -56.44 20.47 23.16
CA ILE F 116 -56.47 21.03 21.81
C ILE F 116 -55.21 20.71 21.02
N GLY F 117 -54.30 19.93 21.62
CA GLY F 117 -53.10 19.61 20.90
C GLY F 117 -52.11 18.91 21.79
N ILE F 118 -50.88 18.78 21.31
CA ILE F 118 -49.83 18.06 22.06
C ILE F 118 -48.45 18.60 21.70
N VAL F 119 -47.55 18.61 22.70
CA VAL F 119 -46.17 18.98 22.47
C VAL F 119 -45.35 17.72 22.81
N SER F 120 -44.41 17.41 21.93
CA SER F 120 -43.49 16.28 22.16
C SER F 120 -42.05 16.82 22.04
N VAL F 121 -41.24 16.68 23.10
CA VAL F 121 -39.85 17.14 23.07
C VAL F 121 -39.01 15.87 23.05
N GLY F 122 -38.18 15.68 22.02
CA GLY F 122 -37.46 14.42 21.90
C GLY F 122 -35.95 14.51 21.86
N TYR F 123 -35.33 13.46 22.37
CA TYR F 123 -33.87 13.34 22.40
C TYR F 123 -33.55 12.01 21.75
N THR F 124 -32.85 12.03 20.61
N THR F 124 -32.87 12.04 20.60
CA THR F 124 -32.49 10.79 19.94
CA THR F 124 -32.50 10.81 19.94
C THR F 124 -31.35 10.12 20.69
C THR F 124 -31.42 10.15 20.80
N ILE F 125 -31.59 8.86 21.08
CA ILE F 125 -30.65 8.17 21.93
C ILE F 125 -29.23 8.02 21.41
N GLU F 126 -29.13 7.72 20.14
CA GLU F 126 -27.81 7.50 19.57
C GLU F 126 -26.99 8.77 19.64
N GLN F 127 -27.66 9.92 19.63
CA GLN F 127 -27.01 11.20 19.68
C GLN F 127 -26.66 11.76 21.07
N LEU F 128 -27.06 11.07 22.15
CA LEU F 128 -26.71 11.54 23.49
C LEU F 128 -25.17 11.56 23.68
N GLU F 129 -24.64 12.56 24.40
CA GLU F 129 -23.19 12.56 24.68
C GLU F 129 -23.21 11.86 26.03
N HIS F 130 -22.62 10.69 26.07
CA HIS F 130 -22.62 9.89 27.27
C HIS F 130 -21.77 10.38 28.41
N HIS F 131 -22.09 9.87 29.60
CA HIS F 131 -21.36 10.21 30.81
C HIS F 131 -20.45 9.05 31.22
N GLU G 1 -12.79 -13.69 -28.09
CA GLU G 1 -11.73 -13.08 -28.97
C GLU G 1 -11.11 -11.81 -28.37
N GLU G 2 -11.71 -11.29 -27.31
CA GLU G 2 -11.23 -10.08 -26.63
C GLU G 2 -10.09 -10.44 -25.69
N ARG G 3 -8.99 -9.72 -25.82
CA ARG G 3 -7.82 -9.96 -24.98
C ARG G 3 -7.39 -8.74 -24.20
N LEU G 4 -6.74 -8.99 -23.07
CA LEU G 4 -6.16 -7.93 -22.25
C LEU G 4 -4.72 -8.47 -22.03
N HIS G 5 -3.85 -8.19 -23.00
CA HIS G 5 -2.45 -8.65 -22.95
C HIS G 5 -2.36 -10.13 -22.48
N TYR G 6 -3.00 -11.00 -23.23
CA TYR G 6 -3.05 -12.42 -22.94
C TYR G 6 -1.69 -13.06 -22.66
N GLN G 7 -0.73 -12.86 -23.56
CA GLN G 7 0.56 -13.50 -23.33
C GLN G 7 1.26 -13.02 -22.07
N VAL G 8 1.14 -11.72 -21.79
CA VAL G 8 1.77 -11.16 -20.60
C VAL G 8 1.14 -11.81 -19.35
N GLY G 9 -0.19 -11.89 -19.33
CA GLY G 9 -0.83 -12.51 -18.18
C GLY G 9 -0.41 -13.96 -17.98
N GLN G 10 -0.29 -14.73 -19.06
CA GLN G 10 0.11 -16.13 -18.93
C GLN G 10 1.53 -16.24 -18.38
N ARG G 11 2.39 -15.35 -18.83
CA ARG G 11 3.79 -15.31 -18.35
C ARG G 11 3.79 -15.03 -16.86
N ALA G 12 3.02 -14.02 -16.43
CA ALA G 12 2.94 -13.63 -15.02
C ALA G 12 2.44 -14.81 -14.19
N LEU G 13 1.39 -15.45 -14.67
CA LEU G 13 0.82 -16.58 -13.94
C LEU G 13 1.80 -17.74 -13.78
N ILE G 14 2.45 -18.15 -14.87
CA ILE G 14 3.43 -19.24 -14.82
C ILE G 14 4.53 -18.91 -13.82
N GLN G 15 5.02 -17.66 -13.84
CA GLN G 15 6.07 -17.26 -12.92
C GLN G 15 5.60 -17.26 -11.46
N ALA G 16 4.37 -16.81 -11.21
CA ALA G 16 3.86 -16.75 -9.83
C ALA G 16 3.67 -18.18 -9.31
N MET G 17 3.21 -19.07 -10.16
CA MET G 17 3.03 -20.45 -9.72
C MET G 17 4.39 -21.09 -9.40
N GLN G 18 5.41 -20.85 -10.21
N GLN G 18 5.38 -20.82 -10.24
CA GLN G 18 6.69 -21.47 -9.89
CA GLN G 18 6.71 -21.37 -10.06
C GLN G 18 7.30 -20.88 -8.65
C GLN G 18 7.39 -20.86 -8.78
N ILE G 19 7.29 -19.56 -8.53
CA ILE G 19 7.90 -18.94 -7.36
C ILE G 19 7.18 -19.39 -6.08
N SER G 20 5.85 -19.42 -6.12
CA SER G 20 5.09 -19.78 -4.92
C SER G 20 5.34 -21.22 -4.48
N ALA G 21 5.79 -22.08 -5.40
CA ALA G 21 6.06 -23.48 -5.09
C ALA G 21 7.50 -23.77 -4.65
N MET G 22 8.36 -22.77 -4.64
CA MET G 22 9.77 -22.99 -4.23
C MET G 22 9.87 -23.41 -2.75
N PRO G 23 10.42 -24.60 -2.47
CA PRO G 23 10.53 -25.04 -1.07
C PRO G 23 11.19 -24.01 -0.16
N GLU G 24 12.22 -23.34 -0.67
CA GLU G 24 12.91 -22.33 0.14
C GLU G 24 12.00 -21.15 0.48
N LEU G 25 11.11 -20.77 -0.44
CA LEU G 25 10.22 -19.66 -0.14
C LEU G 25 9.16 -20.11 0.86
N VAL G 26 8.67 -21.34 0.72
CA VAL G 26 7.69 -21.88 1.64
C VAL G 26 8.29 -21.81 3.05
N GLU G 27 9.53 -22.28 3.19
CA GLU G 27 10.17 -22.25 4.51
C GLU G 27 10.39 -20.83 5.04
N ALA G 28 10.89 -19.95 4.19
CA ALA G 28 11.13 -18.57 4.61
C ALA G 28 9.83 -17.88 5.05
N VAL G 29 8.73 -18.18 4.37
CA VAL G 29 7.46 -17.57 4.74
C VAL G 29 6.98 -18.14 6.09
N GLN G 30 7.17 -19.43 6.32
CA GLN G 30 6.78 -20.01 7.59
C GLN G 30 7.54 -19.32 8.73
N LYS G 31 8.82 -19.06 8.51
CA LYS G 31 9.65 -18.41 9.54
C LYS G 31 9.53 -16.90 9.54
N ARG G 32 8.76 -16.35 8.61
CA ARG G 32 8.58 -14.92 8.47
C ARG G 32 9.94 -14.26 8.46
N ASP G 33 10.88 -14.91 7.79
CA ASP G 33 12.25 -14.43 7.66
C ASP G 33 12.34 -13.43 6.50
N LEU G 34 12.05 -12.17 6.78
CA LEU G 34 12.05 -11.15 5.73
C LEU G 34 13.32 -11.03 4.92
N ALA G 35 14.48 -11.15 5.58
CA ALA G 35 15.72 -11.02 4.85
C ALA G 35 15.92 -12.19 3.89
N ARG G 36 15.52 -13.38 4.30
CA ARG G 36 15.66 -14.58 3.49
C ARG G 36 14.70 -14.48 2.29
N ILE G 37 13.50 -13.96 2.53
CA ILE G 37 12.55 -13.80 1.42
C ILE G 37 13.15 -12.81 0.42
N LYS G 38 13.69 -11.70 0.92
CA LYS G 38 14.30 -10.71 0.03
C LYS G 38 15.44 -11.33 -0.79
N ALA G 39 16.27 -12.12 -0.13
CA ALA G 39 17.42 -12.75 -0.79
C ALA G 39 16.97 -13.70 -1.89
N LEU G 40 15.81 -14.32 -1.68
CA LEU G 40 15.28 -15.26 -2.66
C LEU G 40 14.57 -14.55 -3.80
N ILE G 41 13.81 -13.51 -3.47
CA ILE G 41 13.05 -12.82 -4.50
C ILE G 41 13.81 -11.80 -5.34
N ASP G 42 14.72 -11.04 -4.73
CA ASP G 42 15.46 -10.04 -5.49
C ASP G 42 16.04 -10.59 -6.81
N PRO G 43 16.64 -11.80 -6.81
CA PRO G 43 17.21 -12.33 -8.06
C PRO G 43 16.17 -12.78 -9.09
N MET G 44 15.00 -13.19 -8.61
N MET G 44 15.00 -13.20 -8.63
CA MET G 44 13.93 -13.61 -9.50
CA MET G 44 13.98 -13.62 -9.57
C MET G 44 13.37 -12.36 -10.17
C MET G 44 13.37 -12.36 -10.18
N ARG G 45 13.32 -11.29 -9.40
CA ARG G 45 12.80 -10.03 -9.87
C ARG G 45 13.79 -9.58 -10.95
N SER G 46 15.09 -9.68 -10.66
N SER G 46 15.08 -9.69 -10.66
CA SER G 46 16.11 -9.29 -11.62
CA SER G 46 16.13 -9.30 -11.60
C SER G 46 16.02 -10.07 -12.93
C SER G 46 16.04 -10.07 -12.92
N PHE G 47 15.95 -11.39 -12.83
CA PHE G 47 15.88 -12.27 -14.01
C PHE G 47 14.61 -12.09 -14.82
N SER G 48 13.55 -11.74 -14.14
CA SER G 48 12.28 -11.61 -14.81
C SER G 48 12.13 -10.25 -15.49
N ASP G 49 11.32 -10.20 -16.54
CA ASP G 49 11.02 -8.89 -17.15
C ASP G 49 9.77 -8.30 -16.48
N ALA G 50 9.24 -8.97 -15.46
CA ALA G 50 8.09 -8.42 -14.74
C ALA G 50 8.43 -7.07 -14.07
N THR G 51 7.42 -6.24 -13.87
CA THR G 51 7.61 -4.94 -13.23
C THR G 51 7.87 -5.11 -11.74
N TYR G 52 7.15 -6.04 -11.10
CA TYR G 52 7.31 -6.23 -9.68
C TYR G 52 6.89 -7.62 -9.26
N ILE G 53 7.27 -7.98 -8.04
CA ILE G 53 6.85 -9.23 -7.43
C ILE G 53 6.50 -8.88 -6.00
N THR G 54 5.31 -9.27 -5.56
CA THR G 54 4.88 -9.03 -4.18
C THR G 54 4.69 -10.40 -3.51
N VAL G 55 5.10 -10.53 -2.24
CA VAL G 55 4.89 -11.78 -1.50
C VAL G 55 4.09 -11.38 -0.25
N GLY G 56 2.98 -12.07 0.01
CA GLY G 56 2.17 -11.77 1.17
C GLY G 56 2.02 -12.99 2.06
N ASP G 57 1.71 -12.78 3.34
CA ASP G 57 1.48 -13.92 4.24
C ASP G 57 0.03 -14.37 4.12
N ALA G 58 -0.39 -15.32 4.97
CA ALA G 58 -1.73 -15.87 4.88
C ALA G 58 -2.87 -14.85 5.02
N SER G 59 -2.59 -13.71 5.68
N SER G 59 -2.59 -13.71 5.68
CA SER G 59 -3.60 -12.68 5.88
CA SER G 59 -3.61 -12.69 5.87
C SER G 59 -3.47 -11.52 4.90
C SER G 59 -3.45 -11.51 4.91
N GLY G 60 -2.53 -11.64 3.97
CA GLY G 60 -2.34 -10.58 3.00
C GLY G 60 -1.38 -9.50 3.42
N GLN G 61 -0.64 -9.73 4.51
CA GLN G 61 0.34 -8.72 4.94
C GLN G 61 1.59 -8.89 4.10
N ARG G 62 2.09 -7.82 3.48
CA ARG G 62 3.27 -7.98 2.65
C ARG G 62 4.55 -8.36 3.40
N LEU G 63 5.20 -9.42 2.90
CA LEU G 63 6.47 -9.91 3.42
C LEU G 63 7.56 -9.40 2.47
N TYR G 64 7.16 -9.00 1.26
CA TYR G 64 8.09 -8.46 0.28
C TYR G 64 7.35 -7.60 -0.71
N HIS G 65 7.97 -6.50 -1.10
CA HIS G 65 7.42 -5.58 -2.09
C HIS G 65 8.62 -4.81 -2.64
N VAL G 66 8.50 -4.30 -3.87
CA VAL G 66 9.63 -3.56 -4.45
C VAL G 66 9.88 -2.25 -3.70
N ASN G 67 8.84 -1.69 -3.07
CA ASN G 67 8.98 -0.49 -2.26
C ASN G 67 9.01 -1.01 -0.82
N PRO G 68 10.18 -0.91 -0.17
CA PRO G 68 10.33 -1.40 1.21
C PRO G 68 9.29 -0.89 2.18
N ASP G 69 8.79 0.32 1.95
CA ASP G 69 7.82 0.88 2.87
C ASP G 69 6.49 0.13 2.86
N GLU G 70 6.19 -0.54 1.76
CA GLU G 70 4.94 -1.29 1.65
C GLU G 70 4.98 -2.59 2.46
N ILE G 71 6.16 -3.03 2.85
CA ILE G 71 6.31 -4.26 3.63
C ILE G 71 5.71 -4.11 5.05
N GLY G 72 4.98 -5.11 5.51
CA GLY G 72 4.35 -5.03 6.82
C GLY G 72 2.96 -4.42 6.73
N LYS G 73 2.62 -3.90 5.54
CA LYS G 73 1.30 -3.34 5.32
C LYS G 73 0.47 -4.37 4.56
N SER G 74 -0.84 -4.25 4.70
CA SER G 74 -1.81 -5.13 4.09
C SER G 74 -2.07 -4.90 2.59
N MET G 75 -2.23 -6.00 1.85
CA MET G 75 -2.58 -5.94 0.41
C MET G 75 -4.09 -5.67 0.43
N GLU G 76 -4.49 -4.42 0.18
CA GLU G 76 -5.91 -4.08 0.24
C GLU G 76 -6.62 -3.96 -1.11
N GLY G 77 -5.95 -4.41 -2.17
CA GLY G 77 -6.52 -4.32 -3.50
C GLY G 77 -7.83 -5.09 -3.70
N GLY G 78 -8.03 -6.16 -2.93
CA GLY G 78 -9.27 -6.91 -3.05
C GLY G 78 -9.22 -8.03 -4.08
N ASP G 79 -8.10 -8.21 -4.76
CA ASP G 79 -8.01 -9.25 -5.78
C ASP G 79 -7.10 -10.41 -5.35
N SER G 80 -6.93 -10.59 -4.03
CA SER G 80 -6.07 -11.66 -3.53
C SER G 80 -6.86 -12.75 -2.80
N ASP G 81 -8.15 -12.51 -2.60
CA ASP G 81 -8.95 -13.49 -1.84
C ASP G 81 -9.05 -14.88 -2.44
N GLU G 82 -9.15 -14.97 -3.75
CA GLU G 82 -9.30 -16.29 -4.32
C GLU G 82 -8.07 -17.16 -4.15
N ALA G 83 -6.91 -16.52 -4.10
CA ALA G 83 -5.68 -17.26 -3.83
C ALA G 83 -5.55 -17.54 -2.30
N LEU G 84 -5.73 -16.50 -1.48
CA LEU G 84 -5.55 -16.69 -0.03
C LEU G 84 -6.60 -17.57 0.65
N ILE G 85 -7.85 -17.48 0.19
CA ILE G 85 -8.92 -18.25 0.80
C ILE G 85 -9.21 -19.54 0.06
N ASN G 86 -9.26 -19.46 -1.27
CA ASN G 86 -9.59 -20.61 -2.08
C ASN G 86 -8.48 -21.34 -2.84
N ALA G 87 -7.24 -20.91 -2.58
CA ALA G 87 -6.05 -21.54 -3.15
C ALA G 87 -6.05 -21.60 -4.68
N LYS G 88 -6.66 -20.60 -5.29
CA LYS G 88 -6.74 -20.51 -6.76
C LYS G 88 -5.52 -19.73 -7.32
N SER G 89 -5.12 -20.05 -8.54
CA SER G 89 -4.04 -19.33 -9.24
C SER G 89 -4.73 -18.70 -10.47
N TYR G 90 -4.46 -17.43 -10.72
CA TYR G 90 -5.17 -16.73 -11.79
C TYR G 90 -4.51 -15.43 -12.20
N VAL G 91 -5.03 -14.86 -13.29
CA VAL G 91 -4.58 -13.56 -13.79
C VAL G 91 -5.61 -12.50 -13.34
N SER G 92 -5.12 -11.39 -12.78
CA SER G 92 -5.99 -10.31 -12.33
C SER G 92 -5.48 -8.99 -12.92
N VAL G 93 -6.33 -7.97 -12.97
CA VAL G 93 -5.85 -6.66 -13.40
C VAL G 93 -6.28 -5.65 -12.35
N ARG G 94 -5.34 -4.81 -11.91
CA ARG G 94 -5.69 -3.77 -10.97
C ARG G 94 -4.66 -2.66 -10.92
N LYS G 95 -5.16 -1.49 -10.57
CA LYS G 95 -4.29 -0.34 -10.38
C LYS G 95 -3.94 -0.22 -8.90
N GLY G 96 -2.80 -0.79 -8.53
CA GLY G 96 -2.32 -0.67 -7.17
C GLY G 96 -1.36 0.54 -7.15
N SER G 97 -0.56 0.65 -6.08
CA SER G 97 0.40 1.74 -5.94
C SER G 97 1.33 1.90 -7.15
N LEU G 98 1.65 0.79 -7.81
CA LEU G 98 2.57 0.80 -8.95
C LEU G 98 1.94 1.04 -10.30
N GLY G 99 0.63 1.31 -10.33
CA GLY G 99 -0.04 1.59 -11.59
C GLY G 99 -0.88 0.41 -12.08
N SER G 100 -1.78 0.69 -13.01
CA SER G 100 -2.60 -0.38 -13.58
C SER G 100 -1.68 -1.50 -14.09
N SER G 101 -1.91 -2.71 -13.60
CA SER G 101 -1.04 -3.81 -13.98
C SER G 101 -1.74 -5.16 -14.05
N LEU G 102 -1.21 -6.06 -14.87
N LEU G 102 -1.21 -6.05 -14.87
CA LEU G 102 -1.72 -7.43 -15.00
CA LEU G 102 -1.74 -7.40 -14.91
C LEU G 102 -0.90 -8.29 -14.02
C LEU G 102 -0.93 -8.11 -13.84
N ARG G 103 -1.58 -8.98 -13.11
CA ARG G 103 -0.93 -9.78 -12.08
C ARG G 103 -1.19 -11.26 -12.27
N GLY G 104 -0.16 -12.07 -12.05
CA GLY G 104 -0.33 -13.52 -11.99
C GLY G 104 -0.30 -13.77 -10.49
N LYS G 105 -1.30 -14.45 -9.94
CA LYS G 105 -1.31 -14.70 -8.50
C LYS G 105 -1.40 -16.19 -8.23
N SER G 106 -0.71 -16.66 -7.19
CA SER G 106 -0.78 -18.08 -6.83
C SER G 106 -0.51 -18.19 -5.33
N PRO G 107 -1.20 -19.12 -4.65
CA PRO G 107 -0.96 -19.25 -3.19
C PRO G 107 0.36 -19.96 -2.91
N ILE G 108 0.91 -19.69 -1.72
CA ILE G 108 2.10 -20.37 -1.22
C ILE G 108 1.45 -21.34 -0.21
N GLN G 109 1.80 -22.61 -0.30
CA GLN G 109 1.18 -23.63 0.55
C GLN G 109 2.20 -24.46 1.27
N ASP G 110 1.86 -24.90 2.48
CA ASP G 110 2.80 -25.76 3.17
C ASP G 110 2.54 -27.21 2.79
N ALA G 111 3.27 -28.12 3.41
CA ALA G 111 3.16 -29.53 3.08
C ALA G 111 1.79 -30.17 3.23
N THR G 112 0.92 -29.59 4.03
CA THR G 112 -0.41 -30.16 4.21
C THR G 112 -1.38 -29.59 3.18
N GLY G 113 -0.93 -28.55 2.47
CA GLY G 113 -1.78 -27.92 1.48
C GLY G 113 -2.41 -26.62 1.97
N LYS G 114 -2.20 -26.31 3.25
CA LYS G 114 -2.76 -25.11 3.84
C LYS G 114 -2.12 -23.88 3.18
N VAL G 115 -2.94 -22.91 2.82
CA VAL G 115 -2.39 -21.69 2.25
C VAL G 115 -1.69 -20.89 3.35
N ILE G 116 -0.42 -20.55 3.13
CA ILE G 116 0.34 -19.76 4.08
C ILE G 116 0.79 -18.41 3.53
N GLY G 117 0.38 -18.10 2.29
CA GLY G 117 0.77 -16.83 1.72
C GLY G 117 0.37 -16.74 0.26
N ILE G 118 0.93 -15.77 -0.44
CA ILE G 118 0.58 -15.53 -1.84
C ILE G 118 1.76 -14.85 -2.56
N VAL G 119 1.91 -15.17 -3.85
CA VAL G 119 2.91 -14.52 -4.69
C VAL G 119 2.13 -13.82 -5.82
N SER G 120 2.48 -12.57 -6.10
CA SER G 120 1.85 -11.82 -7.19
C SER G 120 3.00 -11.29 -8.07
N VAL G 121 2.97 -11.68 -9.35
CA VAL G 121 3.99 -11.24 -10.31
C VAL G 121 3.24 -10.25 -11.23
N GLY G 122 3.69 -9.00 -11.25
CA GLY G 122 2.96 -7.97 -11.98
C GLY G 122 3.71 -7.28 -13.11
N TYR G 123 2.95 -6.93 -14.14
CA TYR G 123 3.49 -6.20 -15.29
C TYR G 123 2.60 -4.95 -15.42
N THR G 124 3.20 -3.77 -15.26
N THR G 124 3.18 -3.76 -15.24
CA THR G 124 2.43 -2.55 -15.41
CA THR G 124 2.38 -2.56 -15.38
C THR G 124 2.17 -2.33 -16.90
C THR G 124 2.16 -2.35 -16.88
N ILE G 125 0.90 -2.13 -17.26
CA ILE G 125 0.55 -2.02 -18.67
C ILE G 125 1.19 -0.89 -19.45
N GLU G 126 1.40 0.25 -18.82
CA GLU G 126 1.97 1.34 -19.56
C GLU G 126 3.43 1.07 -19.85
N GLN G 127 4.04 0.16 -19.10
CA GLN G 127 5.45 -0.15 -19.28
C GLN G 127 5.71 -1.33 -20.24
N LEU G 128 4.64 -1.82 -20.88
CA LEU G 128 4.83 -2.90 -21.82
C LEU G 128 5.54 -2.41 -23.09
N GLU G 129 6.42 -3.23 -23.64
CA GLU G 129 7.12 -2.95 -24.90
C GLU G 129 6.18 -3.50 -25.99
N HIS G 130 5.43 -2.63 -26.68
CA HIS G 130 4.44 -3.09 -27.64
C HIS G 130 4.96 -3.79 -28.88
N HIS G 131 4.12 -4.62 -29.48
CA HIS G 131 4.45 -5.36 -30.69
C HIS G 131 3.78 -4.74 -31.94
N GLU H 1 26.81 -24.89 17.27
CA GLU H 1 25.48 -25.56 17.32
C GLU H 1 25.36 -26.45 18.55
N GLU H 2 26.39 -26.45 19.38
CA GLU H 2 26.40 -27.27 20.58
C GLU H 2 25.83 -26.47 21.72
N ARG H 3 24.85 -27.03 22.40
CA ARG H 3 24.24 -26.32 23.52
C ARG H 3 24.33 -27.12 24.79
N LEU H 4 24.32 -26.42 25.93
CA LEU H 4 24.25 -27.09 27.24
C LEU H 4 23.08 -26.39 27.93
N HIS H 5 21.87 -26.93 27.67
CA HIS H 5 20.60 -26.39 28.21
C HIS H 5 20.61 -24.85 28.12
N TYR H 6 20.74 -24.37 26.89
CA TYR H 6 20.86 -22.95 26.63
C TYR H 6 19.78 -22.11 27.28
N GLN H 7 18.51 -22.49 27.07
CA GLN H 7 17.45 -21.68 27.65
C GLN H 7 17.46 -21.64 29.18
N VAL H 8 17.82 -22.75 29.80
CA VAL H 8 17.87 -22.82 31.26
C VAL H 8 18.97 -21.87 31.77
N GLY H 9 20.13 -21.92 31.12
CA GLY H 9 21.23 -21.05 31.54
C GLY H 9 20.83 -19.58 31.41
N GLN H 10 20.14 -19.22 30.33
CA GLN H 10 19.77 -17.81 30.16
C GLN H 10 18.78 -17.38 31.23
N ARG H 11 17.83 -18.27 31.58
N ARG H 11 17.83 -18.27 31.58
CA ARG H 11 16.87 -17.94 32.64
CA ARG H 11 16.87 -17.94 32.64
C ARG H 11 17.64 -17.75 33.96
C ARG H 11 17.62 -17.75 33.96
N ALA H 12 18.58 -18.64 34.24
CA ALA H 12 19.35 -18.56 35.51
C ALA H 12 20.14 -17.23 35.54
N LEU H 13 20.76 -16.88 34.42
CA LEU H 13 21.57 -15.66 34.37
C LEU H 13 20.70 -14.44 34.55
N ILE H 14 19.55 -14.38 33.85
CA ILE H 14 18.68 -13.21 33.98
C ILE H 14 18.25 -13.04 35.44
N GLN H 15 17.88 -14.14 36.08
CA GLN H 15 17.44 -14.08 37.46
C GLN H 15 18.56 -13.66 38.41
N ALA H 16 19.78 -14.15 38.18
CA ALA H 16 20.89 -13.79 39.07
C ALA H 16 21.18 -12.32 38.92
N MET H 17 21.13 -11.81 37.70
CA MET H 17 21.38 -10.37 37.49
C MET H 17 20.31 -9.52 38.19
N GLN H 18 19.04 -9.89 38.05
N GLN H 18 19.05 -9.91 38.06
CA GLN H 18 18.02 -9.09 38.71
CA GLN H 18 17.94 -9.18 38.68
C GLN H 18 18.19 -9.13 40.23
C GLN H 18 17.98 -9.19 40.21
N ILE H 19 18.33 -10.33 40.78
CA ILE H 19 18.44 -10.45 42.23
C ILE H 19 19.66 -9.69 42.79
N SER H 20 20.81 -9.81 42.12
CA SER H 20 22.01 -9.15 42.59
C SER H 20 21.92 -7.62 42.55
N ALA H 21 21.03 -7.09 41.72
CA ALA H 21 20.87 -5.64 41.60
C ALA H 21 19.84 -5.04 42.55
N MET H 22 19.21 -5.86 43.36
CA MET H 22 18.18 -5.37 44.27
C MET H 22 18.75 -4.47 45.36
N PRO H 23 18.29 -3.21 45.39
CA PRO H 23 18.80 -2.31 46.42
C PRO H 23 18.69 -2.89 47.81
N GLU H 24 17.59 -3.56 48.10
CA GLU H 24 17.43 -4.13 49.42
C GLU H 24 18.47 -5.21 49.70
N LEU H 25 18.84 -6.00 48.67
CA LEU H 25 19.84 -7.06 48.89
C LEU H 25 21.22 -6.44 49.05
N VAL H 26 21.51 -5.40 48.28
CA VAL H 26 22.78 -4.73 48.37
C VAL H 26 22.93 -4.25 49.83
N GLU H 27 21.90 -3.62 50.36
CA GLU H 27 21.97 -3.13 51.74
C GLU H 27 22.12 -4.26 52.76
N ALA H 28 21.30 -5.29 52.64
CA ALA H 28 21.38 -6.41 53.56
C ALA H 28 22.75 -7.04 53.55
N VAL H 29 23.39 -7.08 52.38
CA VAL H 29 24.72 -7.68 52.30
C VAL H 29 25.77 -6.78 52.96
N GLN H 30 25.67 -5.46 52.77
CA GLN H 30 26.64 -4.55 53.40
C GLN H 30 26.56 -4.63 54.92
N LYS H 31 25.35 -4.79 55.43
CA LYS H 31 25.12 -4.89 56.87
C LYS H 31 25.36 -6.32 57.33
N ARG H 32 25.51 -7.23 56.37
CA ARG H 32 25.73 -8.64 56.66
C ARG H 32 24.60 -9.14 57.57
N ASP H 33 23.39 -8.73 57.22
CA ASP H 33 22.21 -9.10 57.98
C ASP H 33 21.61 -10.39 57.41
N LEU H 34 22.02 -11.53 57.96
CA LEU H 34 21.55 -12.84 57.48
C LEU H 34 20.06 -13.07 57.47
N ALA H 35 19.37 -12.62 58.50
CA ALA H 35 17.93 -12.82 58.56
C ALA H 35 17.25 -12.00 57.47
N ARG H 36 17.79 -10.81 57.22
CA ARG H 36 17.26 -9.88 56.22
C ARG H 36 17.45 -10.51 54.81
N ILE H 37 18.62 -11.11 54.59
CA ILE H 37 18.90 -11.75 53.30
C ILE H 37 17.96 -12.95 53.12
N LYS H 38 17.76 -13.74 54.16
CA LYS H 38 16.87 -14.90 54.07
C LYS H 38 15.44 -14.46 53.75
N ALA H 39 14.98 -13.39 54.40
CA ALA H 39 13.64 -12.88 54.18
C ALA H 39 13.44 -12.41 52.73
N LEU H 40 14.51 -11.91 52.14
CA LEU H 40 14.44 -11.42 50.76
C LEU H 40 14.54 -12.54 49.75
N ILE H 41 15.43 -13.49 50.00
CA ILE H 41 15.67 -14.58 49.07
C ILE H 41 14.67 -15.73 49.11
N ASP H 42 14.22 -16.12 50.30
CA ASP H 42 13.26 -17.22 50.40
C ASP H 42 12.07 -17.05 49.42
N PRO H 43 11.45 -15.83 49.35
CA PRO H 43 10.30 -15.56 48.46
C PRO H 43 10.62 -15.70 46.96
N MET H 44 11.82 -15.25 46.59
N MET H 44 11.82 -15.25 46.59
CA MET H 44 12.27 -15.34 45.20
CA MET H 44 12.25 -15.34 45.20
C MET H 44 12.64 -16.78 44.88
C MET H 44 12.63 -16.77 44.87
N ARG H 45 13.15 -17.50 45.86
CA ARG H 45 13.52 -18.90 45.67
C ARG H 45 12.17 -19.62 45.47
N SER H 46 11.17 -19.17 46.23
CA SER H 46 9.84 -19.76 46.13
C SER H 46 9.21 -19.55 44.75
N PHE H 47 9.25 -18.30 44.29
CA PHE H 47 8.66 -17.94 42.99
C PHE H 47 9.42 -18.50 41.80
N SER H 48 10.72 -18.69 41.95
CA SER H 48 11.48 -19.20 40.82
C SER H 48 11.36 -20.71 40.66
N ASP H 49 11.55 -21.22 39.43
CA ASP H 49 11.57 -22.67 39.25
C ASP H 49 13.01 -23.18 39.41
N ALA H 50 13.94 -22.28 39.75
CA ALA H 50 15.33 -22.70 39.97
C ALA H 50 15.43 -23.69 41.14
N THR H 51 16.45 -24.55 41.10
CA THR H 51 16.67 -25.53 42.16
C THR H 51 17.16 -24.83 43.44
N TYR H 52 18.04 -23.85 43.29
CA TYR H 52 18.59 -23.16 44.46
C TYR H 52 19.08 -21.77 44.11
N ILE H 53 19.33 -20.99 45.16
CA ILE H 53 19.92 -19.67 45.01
C ILE H 53 20.90 -19.59 46.14
N THR H 54 22.12 -19.17 45.83
CA THR H 54 23.18 -19.00 46.82
C THR H 54 23.60 -17.52 46.79
N VAL H 55 23.85 -16.93 47.97
CA VAL H 55 24.33 -15.55 48.02
C VAL H 55 25.64 -15.61 48.80
N GLY H 56 26.69 -15.01 48.25
CA GLY H 56 27.98 -14.99 48.94
C GLY H 56 28.46 -13.57 49.15
N ASP H 57 29.37 -13.39 50.11
CA ASP H 57 29.92 -12.05 50.33
C ASP H 57 31.12 -11.84 49.41
N ALA H 58 31.84 -10.74 49.59
CA ALA H 58 32.95 -10.41 48.69
C ALA H 58 34.06 -11.48 48.64
N SER H 59 34.19 -12.27 49.69
CA SER H 59 35.22 -13.31 49.74
C SER H 59 34.66 -14.70 49.43
N GLY H 60 33.40 -14.76 49.03
CA GLY H 60 32.83 -16.06 48.71
C GLY H 60 32.25 -16.82 49.89
N GLN H 61 32.22 -16.19 51.06
CA GLN H 61 31.61 -16.88 52.20
C GLN H 61 30.10 -16.82 52.02
N ARG H 62 29.41 -17.93 52.16
CA ARG H 62 27.97 -17.92 51.96
C ARG H 62 27.18 -17.15 53.01
N LEU H 63 26.29 -16.27 52.55
CA LEU H 63 25.40 -15.47 53.41
C LEU H 63 24.02 -16.12 53.35
N TYR H 64 23.82 -16.95 52.33
CA TYR H 64 22.55 -17.66 52.14
C TYR H 64 22.76 -18.90 51.29
N HIS H 65 22.10 -19.98 51.66
CA HIS H 65 22.16 -21.24 50.93
C HIS H 65 20.88 -22.00 51.29
N VAL H 66 20.42 -22.88 50.41
CA VAL H 66 19.22 -23.63 50.72
C VAL H 66 19.43 -24.58 51.90
N ASN H 67 20.67 -25.04 52.11
CA ASN H 67 21.00 -25.88 53.25
C ASN H 67 21.64 -24.92 54.25
N PRO H 68 20.99 -24.71 55.41
CA PRO H 68 21.50 -23.81 56.45
C PRO H 68 22.93 -24.08 56.90
N ASP H 69 23.33 -25.34 56.90
CA ASP H 69 24.67 -25.66 57.34
C ASP H 69 25.77 -25.07 56.44
N GLU H 70 25.46 -24.83 55.17
CA GLU H 70 26.44 -24.26 54.24
C GLU H 70 26.69 -22.77 54.44
N ILE H 71 25.85 -22.09 55.20
CA ILE H 71 26.03 -20.66 55.41
C ILE H 71 27.23 -20.43 56.33
N GLY H 72 28.02 -19.40 56.04
CA GLY H 72 29.20 -19.16 56.86
C GLY H 72 30.39 -19.95 56.33
N LYS H 73 30.15 -20.86 55.41
CA LYS H 73 31.23 -21.64 54.79
C LYS H 73 31.54 -21.04 53.41
N SER H 74 32.76 -21.27 52.94
CA SER H 74 33.25 -20.73 51.67
C SER H 74 32.76 -21.48 50.42
N MET H 75 32.48 -20.71 49.36
CA MET H 75 32.09 -21.27 48.07
C MET H 75 33.47 -21.68 47.50
N GLU H 76 33.76 -22.99 47.49
CA GLU H 76 35.02 -23.54 47.06
C GLU H 76 35.00 -24.16 45.65
N GLY H 77 33.89 -23.96 44.95
CA GLY H 77 33.77 -24.55 43.63
C GLY H 77 34.76 -24.06 42.58
N GLY H 78 35.27 -22.83 42.75
CA GLY H 78 36.25 -22.30 41.82
C GLY H 78 35.64 -21.60 40.61
N ASP H 79 34.32 -21.50 40.53
CA ASP H 79 33.68 -20.87 39.38
C ASP H 79 33.02 -19.55 39.75
N SER H 80 33.49 -18.94 40.84
CA SER H 80 32.93 -17.67 41.27
C SER H 80 33.91 -16.49 41.12
N ASP H 81 35.15 -16.79 40.78
CA ASP H 81 36.18 -15.73 40.69
C ASP H 81 35.88 -14.66 39.66
N GLU H 82 35.35 -15.03 38.52
CA GLU H 82 35.12 -13.98 37.55
C GLU H 82 34.06 -12.96 37.97
N ALA H 83 33.09 -13.38 38.79
CA ALA H 83 32.09 -12.45 39.29
C ALA H 83 32.69 -11.65 40.49
N LEU H 84 33.32 -12.37 41.42
CA LEU H 84 33.87 -11.72 42.63
C LEU H 84 35.04 -10.79 42.38
N ILE H 85 35.92 -11.17 41.48
CA ILE H 85 37.11 -10.38 41.17
C ILE H 85 36.93 -9.44 39.99
N ASN H 86 36.32 -9.95 38.91
CA ASN H 86 36.17 -9.16 37.70
C ASN H 86 34.79 -8.60 37.35
N ALA H 87 33.84 -8.79 38.27
CA ALA H 87 32.48 -8.27 38.16
C ALA H 87 31.72 -8.74 36.90
N LYS H 88 32.03 -9.96 36.48
CA LYS H 88 31.40 -10.55 35.29
C LYS H 88 30.12 -11.31 35.68
N SER H 89 29.16 -11.37 34.75
CA SER H 89 27.93 -12.12 34.94
C SER H 89 27.98 -13.20 33.85
N TYR H 90 27.71 -14.44 34.23
CA TYR H 90 27.86 -15.53 33.26
C TYR H 90 27.13 -16.80 33.68
N VAL H 91 27.11 -17.76 32.75
CA VAL H 91 26.55 -19.08 32.99
C VAL H 91 27.73 -20.04 33.24
N SER H 92 27.60 -20.84 34.29
N SER H 92 27.63 -20.87 34.26
CA SER H 92 28.64 -21.81 34.65
CA SER H 92 28.68 -21.84 34.48
C SER H 92 28.01 -23.17 34.93
C SER H 92 28.01 -23.15 34.81
N VAL H 93 28.79 -24.22 34.76
CA VAL H 93 28.25 -25.54 35.09
C VAL H 93 29.19 -26.19 36.09
N ARG H 94 28.64 -26.78 37.14
CA ARG H 94 29.50 -27.47 38.09
C ARG H 94 28.67 -28.34 39.01
N LYS H 95 29.33 -29.37 39.49
CA LYS H 95 28.72 -30.25 40.45
C LYS H 95 29.15 -29.85 41.86
N GLY H 96 28.31 -29.06 42.51
CA GLY H 96 28.51 -28.66 43.90
C GLY H 96 27.78 -29.67 44.77
N SER H 97 27.58 -29.33 46.04
CA SER H 97 26.89 -30.23 46.99
C SER H 97 25.49 -30.66 46.50
N LEU H 98 24.84 -29.79 45.73
CA LEU H 98 23.48 -30.08 45.25
C LEU H 98 23.40 -30.84 43.93
N GLY H 99 24.55 -31.24 43.41
CA GLY H 99 24.59 -32.00 42.16
C GLY H 99 24.98 -31.17 40.95
N SER H 100 25.35 -31.84 39.86
CA SER H 100 25.71 -31.11 38.62
C SER H 100 24.58 -30.13 38.26
N SER H 101 24.94 -28.86 38.12
CA SER H 101 23.93 -27.85 37.89
C SER H 101 24.44 -26.71 37.04
N LEU H 102 23.53 -26.05 36.34
N LEU H 102 23.54 -26.07 36.32
CA LEU H 102 23.83 -24.89 35.51
CA LEU H 102 23.90 -24.89 35.57
C LEU H 102 23.53 -23.67 36.38
C LEU H 102 23.64 -23.77 36.54
N ARG H 103 24.53 -22.80 36.56
CA ARG H 103 24.40 -21.62 37.42
C ARG H 103 24.45 -20.34 36.63
N GLY H 104 23.61 -19.37 37.01
CA GLY H 104 23.71 -18.04 36.45
C GLY H 104 24.36 -17.31 37.61
N LYS H 105 25.47 -16.61 37.35
CA LYS H 105 26.18 -15.88 38.43
C LYS H 105 26.31 -14.43 38.10
N SER H 106 26.17 -13.57 39.11
CA SER H 106 26.31 -12.12 38.87
C SER H 106 26.81 -11.49 40.18
N PRO H 107 27.66 -10.47 40.06
CA PRO H 107 28.15 -9.83 41.30
C PRO H 107 27.11 -8.91 41.90
N ILE H 108 27.23 -8.69 43.22
CA ILE H 108 26.40 -7.72 43.94
C ILE H 108 27.42 -6.58 44.11
N GLN H 109 26.99 -5.35 43.77
CA GLN H 109 27.91 -4.20 43.85
C GLN H 109 27.34 -3.03 44.63
N ASP H 110 28.23 -2.27 45.26
CA ASP H 110 27.79 -1.09 45.98
C ASP H 110 27.69 0.06 44.97
N ALA H 111 27.26 1.22 45.46
CA ALA H 111 27.09 2.39 44.59
C ALA H 111 28.32 2.79 43.75
N THR H 112 29.52 2.43 44.18
CA THR H 112 30.72 2.78 43.42
C THR H 112 31.09 1.74 42.38
N GLY H 113 30.35 0.63 42.35
CA GLY H 113 30.66 -0.44 41.39
C GLY H 113 31.51 -1.52 42.02
N LYS H 114 31.98 -1.27 43.24
CA LYS H 114 32.81 -2.23 43.93
C LYS H 114 32.01 -3.50 44.20
N VAL H 115 32.62 -4.63 43.94
CA VAL H 115 31.94 -5.89 44.19
C VAL H 115 31.88 -6.18 45.70
N ILE H 116 30.68 -6.43 46.21
CA ILE H 116 30.50 -6.75 47.62
C ILE H 116 29.93 -8.15 47.83
N GLY H 117 29.71 -8.90 46.74
CA GLY H 117 29.17 -10.21 46.91
C GLY H 117 28.81 -10.84 45.57
N ILE H 118 28.05 -11.93 45.64
CA ILE H 118 27.68 -12.66 44.43
C ILE H 118 26.35 -13.38 44.62
N VAL H 119 25.59 -13.50 43.54
CA VAL H 119 24.35 -14.27 43.55
C VAL H 119 24.53 -15.39 42.52
N SER H 120 24.15 -16.60 42.89
CA SER H 120 24.22 -17.76 42.01
C SER H 120 22.84 -18.43 41.99
N VAL H 121 22.23 -18.52 40.81
CA VAL H 121 20.89 -19.13 40.67
C VAL H 121 21.16 -20.41 39.92
N GLY H 122 20.80 -21.55 40.51
CA GLY H 122 21.15 -22.82 39.89
C GLY H 122 20.00 -23.75 39.59
N TYR H 123 20.18 -24.51 38.51
CA TYR H 123 19.22 -25.53 38.09
C TYR H 123 19.99 -26.85 37.99
N THR H 124 19.60 -27.85 38.79
N THR H 124 19.61 -27.83 38.81
CA THR H 124 20.28 -29.13 38.74
CA THR H 124 20.31 -29.13 38.74
C THR H 124 19.82 -29.85 37.47
C THR H 124 19.84 -29.83 37.47
N ILE H 125 20.79 -30.30 36.68
CA ILE H 125 20.44 -30.90 35.41
C ILE H 125 19.56 -32.14 35.52
N GLU H 126 19.79 -32.92 36.57
CA GLU H 126 19.02 -34.13 36.79
C GLU H 126 17.55 -33.78 37.06
N GLN H 127 17.27 -32.62 37.63
CA GLN H 127 15.90 -32.25 37.91
C GLN H 127 15.18 -31.54 36.78
N LEU H 128 15.82 -31.35 35.63
CA LEU H 128 15.10 -30.67 34.56
C LEU H 128 13.94 -31.53 34.01
N GLU H 129 12.80 -30.92 33.69
CA GLU H 129 11.66 -31.64 33.09
C GLU H 129 11.93 -31.51 31.59
N HIS H 130 12.34 -32.60 30.96
CA HIS H 130 12.70 -32.52 29.56
C HIS H 130 11.61 -32.23 28.55
N HIS H 131 12.02 -31.74 27.38
CA HIS H 131 11.10 -31.38 26.32
C HIS H 131 11.16 -32.44 25.22
N GLU I 1 -43.09 13.56 -26.20
CA GLU I 1 -42.18 13.52 -27.38
C GLU I 1 -42.17 14.85 -28.16
N GLU I 2 -43.34 15.36 -28.52
CA GLU I 2 -43.43 16.64 -29.25
C GLU I 2 -43.04 17.78 -28.30
N ARG I 3 -42.14 18.65 -28.75
CA ARG I 3 -41.71 19.75 -27.88
C ARG I 3 -41.84 21.11 -28.54
N LEU I 4 -42.01 22.14 -27.71
CA LEU I 4 -42.02 23.52 -28.20
C LEU I 4 -41.05 24.24 -27.26
N HIS I 5 -39.78 24.21 -27.67
CA HIS I 5 -38.68 24.81 -26.88
C HIS I 5 -38.88 24.51 -25.41
N TYR I 6 -38.86 23.21 -25.09
CA TYR I 6 -39.09 22.75 -23.74
C TYR I 6 -38.17 23.42 -22.71
N GLN I 7 -36.87 23.40 -22.97
CA GLN I 7 -35.95 23.96 -21.96
C GLN I 7 -36.17 25.46 -21.75
N VAL I 8 -36.42 26.17 -22.84
CA VAL I 8 -36.66 27.61 -22.74
C VAL I 8 -37.92 27.85 -21.91
N GLY I 9 -38.98 27.09 -22.18
CA GLY I 9 -40.20 27.26 -21.40
C GLY I 9 -39.98 27.01 -19.91
N GLN I 10 -39.21 25.98 -19.57
CA GLN I 10 -38.97 25.67 -18.16
C GLN I 10 -38.15 26.79 -17.52
N ARG I 11 -37.18 27.32 -18.26
CA ARG I 11 -36.39 28.45 -17.74
C ARG I 11 -37.27 29.69 -17.52
N ALA I 12 -38.20 29.95 -18.44
CA ALA I 12 -39.08 31.11 -18.31
C ALA I 12 -39.99 30.93 -17.10
N LEU I 13 -40.49 29.71 -16.92
CA LEU I 13 -41.41 29.44 -15.81
C LEU I 13 -40.74 29.55 -14.46
N ILE I 14 -39.56 28.95 -14.33
CA ILE I 14 -38.87 29.04 -13.05
C ILE I 14 -38.60 30.52 -12.72
N GLN I 15 -38.11 31.30 -13.69
CA GLN I 15 -37.84 32.72 -13.43
C GLN I 15 -39.12 33.48 -13.05
N ALA I 16 -40.23 33.19 -13.71
CA ALA I 16 -41.47 33.90 -13.38
C ALA I 16 -41.94 33.53 -11.96
N MET I 17 -41.80 32.27 -11.57
CA MET I 17 -42.22 31.90 -10.22
C MET I 17 -41.32 32.60 -9.21
N GLN I 18 -40.02 32.64 -9.47
CA GLN I 18 -39.10 33.30 -8.54
C GLN I 18 -39.36 34.80 -8.40
N ILE I 19 -39.53 35.47 -9.53
CA ILE I 19 -39.75 36.91 -9.50
C ILE I 19 -41.08 37.25 -8.83
N SER I 20 -42.14 36.52 -9.16
CA SER I 20 -43.45 36.80 -8.57
C SER I 20 -43.50 36.57 -7.07
N ALA I 21 -42.56 35.80 -6.52
CA ALA I 21 -42.54 35.52 -5.09
C ALA I 21 -41.65 36.48 -4.29
N MET I 22 -40.98 37.39 -4.97
CA MET I 22 -40.09 38.33 -4.25
C MET I 22 -40.90 39.26 -3.34
N PRO I 23 -40.64 39.23 -2.01
CA PRO I 23 -41.38 40.12 -1.10
C PRO I 23 -41.38 41.59 -1.52
N GLU I 24 -40.25 42.08 -2.02
CA GLU I 24 -40.19 43.49 -2.46
C GLU I 24 -41.12 43.75 -3.64
N LEU I 25 -41.32 42.75 -4.51
CA LEU I 25 -42.20 42.98 -5.64
C LEU I 25 -43.65 42.93 -5.16
N VAL I 26 -43.95 42.02 -4.25
CA VAL I 26 -45.29 41.90 -3.71
C VAL I 26 -45.69 43.25 -3.11
N GLU I 27 -44.78 43.83 -2.33
CA GLU I 27 -45.06 45.13 -1.69
C GLU I 27 -45.20 46.25 -2.71
N ALA I 28 -44.28 46.31 -3.67
CA ALA I 28 -44.34 47.35 -4.68
C ALA I 28 -45.64 47.28 -5.48
N VAL I 29 -46.13 46.07 -5.72
CA VAL I 29 -47.37 45.91 -6.48
C VAL I 29 -48.55 46.33 -5.64
N GLN I 30 -48.55 45.94 -4.36
CA GLN I 30 -49.64 46.32 -3.46
C GLN I 30 -49.76 47.84 -3.45
N LYS I 31 -48.62 48.52 -3.43
CA LYS I 31 -48.56 49.98 -3.40
C LYS I 31 -48.60 50.63 -4.78
N ARG I 32 -48.64 49.79 -5.82
CA ARG I 32 -48.68 50.28 -7.18
C ARG I 32 -47.59 51.30 -7.42
N ASP I 33 -46.42 51.02 -6.86
CA ASP I 33 -45.26 51.90 -7.01
C ASP I 33 -44.51 51.57 -8.29
N LEU I 34 -44.93 52.21 -9.38
CA LEU I 34 -44.30 51.96 -10.67
C LEU I 34 -42.80 52.12 -10.71
N ALA I 35 -42.28 53.19 -10.08
CA ALA I 35 -40.83 53.39 -10.09
C ALA I 35 -40.09 52.30 -9.33
N ARG I 36 -40.65 51.84 -8.22
CA ARG I 36 -40.02 50.80 -7.44
C ARG I 36 -40.03 49.48 -8.25
N ILE I 37 -41.17 49.20 -8.89
CA ILE I 37 -41.28 47.99 -9.70
C ILE I 37 -40.21 48.04 -10.79
N LYS I 38 -40.07 49.18 -11.45
CA LYS I 38 -39.06 49.32 -12.50
C LYS I 38 -37.65 49.10 -11.93
N ALA I 39 -37.40 49.64 -10.75
CA ALA I 39 -36.09 49.51 -10.10
C ALA I 39 -35.75 48.05 -9.77
N LEU I 40 -36.79 47.28 -9.47
CA LEU I 40 -36.61 45.87 -9.11
C LEU I 40 -36.47 45.00 -10.35
N ILE I 41 -37.29 45.26 -11.37
CA ILE I 41 -37.30 44.44 -12.58
C ILE I 41 -36.19 44.72 -13.58
N ASP I 42 -35.84 45.99 -13.77
CA ASP I 42 -34.78 46.29 -14.75
C ASP I 42 -33.50 45.44 -14.61
N PRO I 43 -32.93 45.28 -13.39
CA PRO I 43 -31.70 44.49 -13.17
C PRO I 43 -31.83 43.01 -13.46
N MET I 44 -33.01 42.47 -13.21
CA MET I 44 -33.25 41.04 -13.45
C MET I 44 -33.41 40.77 -14.92
N ARG I 45 -34.04 41.68 -15.63
CA ARG I 45 -34.22 41.56 -17.07
C ARG I 45 -32.81 41.61 -17.65
N SER I 46 -31.99 42.47 -17.07
CA SER I 46 -30.60 42.65 -17.48
C SER I 46 -29.77 41.37 -17.28
N PHE I 47 -29.97 40.73 -16.15
CA PHE I 47 -29.24 39.50 -15.75
C PHE I 47 -29.78 38.26 -16.47
N SER I 48 -31.06 38.32 -16.81
CA SER I 48 -31.69 37.20 -17.49
C SER I 48 -31.41 37.24 -19.00
N ASP I 49 -31.50 36.08 -19.65
CA ASP I 49 -31.35 36.07 -21.10
C ASP I 49 -32.75 36.14 -21.73
N ALA I 50 -33.79 36.31 -20.89
CA ALA I 50 -35.13 36.44 -21.42
C ALA I 50 -35.25 37.67 -22.32
N THR I 51 -36.17 37.63 -23.26
CA THR I 51 -36.40 38.77 -24.15
C THR I 51 -37.08 39.90 -23.40
N TYR I 52 -38.04 39.56 -22.57
CA TYR I 52 -38.78 40.59 -21.81
C TYR I 52 -39.37 40.04 -20.54
N ILE I 53 -39.85 40.94 -19.69
CA ILE I 53 -40.54 40.57 -18.44
C ILE I 53 -41.66 41.60 -18.37
N THR I 54 -42.89 41.10 -18.15
CA THR I 54 -44.06 41.97 -18.00
C THR I 54 -44.62 41.74 -16.60
N VAL I 55 -45.03 42.82 -15.92
CA VAL I 55 -45.67 42.67 -14.61
C VAL I 55 -47.04 43.31 -14.73
N GLY I 56 -48.08 42.58 -14.33
CA GLY I 56 -49.42 43.13 -14.39
C GLY I 56 -50.10 43.13 -13.03
N ASP I 57 -51.13 43.97 -12.85
CA ASP I 57 -51.85 43.98 -11.58
C ASP I 57 -52.93 42.90 -11.59
N ALA I 58 -53.78 42.87 -10.56
CA ALA I 58 -54.80 41.85 -10.46
C ALA I 58 -55.78 41.79 -11.63
N SER I 59 -55.93 42.89 -12.35
CA SER I 59 -56.88 42.93 -13.47
C SER I 59 -56.18 42.84 -14.81
N GLY I 60 -54.87 42.63 -14.77
CA GLY I 60 -54.13 42.50 -16.00
C GLY I 60 -53.61 43.82 -16.55
N GLN I 61 -53.71 44.92 -15.78
CA GLN I 61 -53.19 46.19 -16.31
C GLN I 61 -51.69 46.18 -16.04
N ARG I 62 -50.90 46.51 -17.05
CA ARG I 62 -49.44 46.49 -16.94
C ARG I 62 -48.80 47.52 -16.02
N LEU I 63 -48.06 47.03 -15.02
CA LEU I 63 -47.33 47.87 -14.08
C LEU I 63 -45.89 48.01 -14.59
N TYR I 64 -45.48 47.10 -15.49
CA TYR I 64 -44.16 47.13 -16.08
C TYR I 64 -44.13 46.42 -17.41
N HIS I 65 -43.41 46.99 -18.37
CA HIS I 65 -43.26 46.39 -19.69
C HIS I 65 -41.98 46.99 -20.24
N VAL I 66 -41.31 46.26 -21.12
CA VAL I 66 -40.08 46.78 -21.71
C VAL I 66 -40.30 48.04 -22.55
N ASN I 67 -41.50 48.20 -23.13
N ASN I 67 -41.49 48.20 -23.14
CA ASN I 67 -41.86 49.39 -23.90
CA ASN I 67 -41.83 49.40 -23.91
C ASN I 67 -42.73 50.20 -22.94
C ASN I 67 -42.73 50.20 -22.96
N PRO I 68 -42.21 51.32 -22.42
CA PRO I 68 -42.97 52.17 -21.50
C PRO I 68 -44.38 52.49 -21.94
N ASP I 69 -44.59 52.64 -23.24
CA ASP I 69 -45.92 52.98 -23.73
C ASP I 69 -46.97 51.91 -23.44
N GLU I 70 -46.53 50.72 -23.05
CA GLU I 70 -47.48 49.65 -22.76
C GLU I 70 -47.90 49.62 -21.30
N ILE I 71 -47.20 50.37 -20.44
CA ILE I 71 -47.56 50.42 -19.01
C ILE I 71 -48.89 51.18 -18.85
N GLY I 72 -49.79 50.66 -18.02
CA GLY I 72 -51.09 51.31 -17.83
C GLY I 72 -52.14 50.76 -18.79
N LYS I 73 -51.69 49.98 -19.77
CA LYS I 73 -52.60 49.36 -20.71
C LYS I 73 -52.83 47.91 -20.29
N SER I 74 -53.92 47.34 -20.79
CA SER I 74 -54.29 45.98 -20.39
C SER I 74 -53.62 44.88 -21.21
N MET I 75 -53.31 43.79 -20.51
CA MET I 75 -52.73 42.59 -21.15
C MET I 75 -53.96 41.93 -21.79
N GLU I 76 -54.08 42.07 -23.10
CA GLU I 76 -55.25 41.53 -23.78
C GLU I 76 -55.04 40.25 -24.58
N GLY I 77 -53.88 39.64 -24.38
CA GLY I 77 -53.56 38.42 -25.12
C GLY I 77 -54.46 37.24 -24.82
N GLY I 78 -55.10 37.23 -23.65
CA GLY I 78 -55.99 36.14 -23.33
C GLY I 78 -55.37 34.92 -22.71
N ASP I 79 -54.05 34.97 -22.45
CA ASP I 79 -53.39 33.81 -21.84
C ASP I 79 -52.91 34.10 -20.42
N SER I 80 -53.55 35.08 -19.77
CA SER I 80 -53.19 35.40 -18.39
C SER I 80 -54.27 35.00 -17.37
N ASP I 81 -55.42 34.56 -17.85
CA ASP I 81 -56.50 34.22 -16.94
C ASP I 81 -56.23 33.14 -15.92
N GLU I 82 -55.55 32.07 -16.32
CA GLU I 82 -55.33 31.01 -15.36
C GLU I 82 -54.45 31.44 -14.20
N ALA I 83 -53.56 32.40 -14.44
CA ALA I 83 -52.73 32.90 -13.35
C ALA I 83 -53.54 33.92 -12.53
N LEU I 84 -54.15 34.88 -13.22
CA LEU I 84 -54.91 35.95 -12.51
C LEU I 84 -56.14 35.48 -11.76
N ILE I 85 -56.85 34.52 -12.33
CA ILE I 85 -58.06 34.01 -11.71
C ILE I 85 -57.86 32.74 -10.89
N ASN I 86 -57.09 31.79 -11.45
CA ASN I 86 -56.89 30.53 -10.77
C ASN I 86 -55.54 30.28 -10.10
N ALA I 87 -54.72 31.31 -10.06
CA ALA I 87 -53.41 31.24 -9.41
C ALA I 87 -52.49 30.13 -9.92
N LYS I 88 -52.64 29.78 -11.19
CA LYS I 88 -51.79 28.75 -11.78
C LYS I 88 -50.48 29.36 -12.36
N SER I 89 -49.43 28.55 -12.41
CA SER I 89 -48.13 28.96 -13.01
C SER I 89 -47.96 28.01 -14.19
N TYR I 90 -47.56 28.54 -15.36
CA TYR I 90 -47.49 27.67 -16.54
C TYR I 90 -46.70 28.31 -17.67
N VAL I 91 -46.48 27.50 -18.70
CA VAL I 91 -45.83 27.95 -19.90
C VAL I 91 -46.93 28.19 -20.94
N SER I 92 -46.85 29.34 -21.61
N SER I 92 -46.85 29.32 -21.65
CA SER I 92 -47.82 29.73 -22.64
CA SER I 92 -47.82 29.60 -22.70
C SER I 92 -47.06 30.23 -23.88
C SER I 92 -47.05 30.14 -23.89
N VAL I 93 -47.69 30.14 -25.05
CA VAL I 93 -47.05 30.65 -26.28
C VAL I 93 -48.02 31.64 -26.92
N ARG I 94 -47.52 32.81 -27.30
CA ARG I 94 -48.41 33.74 -27.99
C ARG I 94 -47.63 34.82 -28.66
N LYS I 95 -48.21 35.32 -29.75
CA LYS I 95 -47.63 36.44 -30.47
C LYS I 95 -48.26 37.75 -29.96
N GLY I 96 -47.58 38.38 -29.00
CA GLY I 96 -48.00 39.69 -28.50
C GLY I 96 -47.25 40.73 -29.34
N SER I 97 -47.21 41.96 -28.83
CA SER I 97 -46.54 43.07 -29.52
C SER I 97 -45.07 42.79 -29.81
N LEU I 98 -44.44 41.96 -28.98
CA LEU I 98 -43.02 41.68 -29.14
C LEU I 98 -42.70 40.47 -30.02
N GLY I 99 -43.72 39.87 -30.62
CA GLY I 99 -43.46 38.72 -31.49
C GLY I 99 -43.83 37.39 -30.83
N SER I 100 -43.96 36.34 -31.64
CA SER I 100 -44.31 35.02 -31.10
C SER I 100 -43.29 34.63 -30.04
N SER I 101 -43.77 34.41 -28.83
CA SER I 101 -42.86 34.10 -27.72
C SER I 101 -43.36 33.06 -26.75
N LEU I 102 -42.44 32.37 -26.12
CA LEU I 102 -42.81 31.41 -25.07
C LEU I 102 -42.80 32.25 -23.79
N ARG I 103 -43.84 32.11 -22.97
CA ARG I 103 -43.94 32.84 -21.70
C ARG I 103 -44.01 31.91 -20.53
N GLY I 104 -43.35 32.29 -19.44
CA GLY I 104 -43.50 31.55 -18.19
C GLY I 104 -44.36 32.55 -17.39
N LYS I 105 -45.52 32.11 -16.88
CA LYS I 105 -46.40 33.02 -16.13
C LYS I 105 -46.65 32.51 -14.73
N SER I 106 -46.71 33.42 -13.75
CA SER I 106 -46.98 32.99 -12.37
C SER I 106 -47.66 34.15 -11.66
N PRO I 107 -48.65 33.86 -10.81
CA PRO I 107 -49.33 34.98 -10.10
C PRO I 107 -48.46 35.57 -9.02
N ILE I 108 -48.74 36.85 -8.71
CA ILE I 108 -48.09 37.54 -7.59
C ILE I 108 -49.21 37.41 -6.52
N GLN I 109 -48.87 36.93 -5.33
CA GLN I 109 -49.89 36.77 -4.28
C GLN I 109 -49.53 37.49 -3.00
N ASP I 110 -50.54 37.99 -2.28
CA ASP I 110 -50.26 38.64 -0.99
C ASP I 110 -50.14 37.54 0.07
N ALA I 111 -49.93 37.94 1.32
CA ALA I 111 -49.76 36.98 2.42
C ALA I 111 -50.90 35.98 2.60
N THR I 112 -52.12 36.36 2.21
CA THR I 112 -53.24 35.44 2.36
C THR I 112 -53.33 34.47 1.19
N GLY I 113 -52.56 34.75 0.13
CA GLY I 113 -52.58 33.90 -1.04
C GLY I 113 -53.44 34.50 -2.12
N LYS I 114 -54.06 35.63 -1.82
CA LYS I 114 -54.92 36.29 -2.78
C LYS I 114 -54.06 36.77 -3.97
N VAL I 115 -54.55 36.55 -5.19
CA VAL I 115 -53.77 36.98 -6.35
C VAL I 115 -53.86 38.47 -6.49
N ILE I 116 -52.71 39.15 -6.53
CA ILE I 116 -52.66 40.60 -6.69
C ILE I 116 -51.97 41.03 -7.97
N GLY I 117 -51.55 40.06 -8.80
CA GLY I 117 -50.91 40.45 -10.04
C GLY I 117 -50.33 39.25 -10.75
N ILE I 118 -49.47 39.53 -11.72
CA ILE I 118 -48.87 38.44 -12.55
C ILE I 118 -47.51 38.85 -13.07
N VAL I 119 -46.62 37.87 -13.22
CA VAL I 119 -45.30 38.09 -13.81
C VAL I 119 -45.26 37.18 -15.04
N SER I 120 -44.81 37.74 -16.14
CA SER I 120 -44.65 36.98 -17.40
C SER I 120 -43.21 37.18 -17.88
N VAL I 121 -42.46 36.08 -18.01
CA VAL I 121 -41.07 36.14 -18.49
C VAL I 121 -41.12 35.52 -19.86
N GLY I 122 -40.74 36.29 -20.88
CA GLY I 122 -40.86 35.79 -22.23
C GLY I 122 -39.61 35.69 -23.07
N TYR I 123 -39.59 34.70 -23.98
CA TYR I 123 -38.49 34.50 -24.89
C TYR I 123 -39.07 34.52 -26.29
N THR I 124 -38.72 35.51 -27.08
N THR I 124 -38.71 35.51 -27.08
CA THR I 124 -39.24 35.57 -28.46
CA THR I 124 -39.23 35.53 -28.44
C THR I 124 -38.55 34.49 -29.30
C THR I 124 -38.55 34.38 -29.19
N ILE I 125 -39.34 33.60 -29.89
CA ILE I 125 -38.81 32.43 -30.62
C ILE I 125 -37.85 32.71 -31.76
N GLU I 126 -38.14 33.71 -32.56
CA GLU I 126 -37.26 33.99 -33.68
C GLU I 126 -35.92 34.44 -33.14
N GLN I 127 -35.92 35.01 -31.94
CA GLN I 127 -34.68 35.47 -31.34
C GLN I 127 -33.82 34.44 -30.58
N LEU I 128 -34.23 33.16 -30.51
CA LEU I 128 -33.46 32.11 -29.83
C LEU I 128 -32.15 31.83 -30.57
N GLU I 129 -31.07 31.63 -29.83
CA GLU I 129 -29.78 31.27 -30.41
C GLU I 129 -29.92 29.73 -30.43
N HIS I 130 -30.11 29.12 -31.61
CA HIS I 130 -30.35 27.66 -31.76
C HIS I 130 -29.18 26.74 -31.44
N HIS I 131 -29.49 25.47 -31.19
CA HIS I 131 -28.49 24.46 -30.89
C HIS I 131 -28.32 23.49 -32.07
N GLU J 1 15.83 -0.45 -39.66
CA GLU J 1 14.42 -0.90 -39.47
C GLU J 1 14.21 -2.39 -39.78
N GLU J 2 15.29 -3.12 -40.07
CA GLU J 2 15.20 -4.57 -40.34
C GLU J 2 15.43 -5.27 -38.98
N ARG J 3 14.47 -6.10 -38.60
CA ARG J 3 14.56 -6.80 -37.32
C ARG J 3 14.51 -8.30 -37.50
N LEU J 4 15.12 -9.00 -36.56
CA LEU J 4 15.06 -10.44 -36.51
C LEU J 4 14.69 -10.71 -35.05
N HIS J 5 13.38 -10.66 -34.82
CA HIS J 5 12.78 -10.86 -33.46
C HIS J 5 13.60 -10.12 -32.44
N TYR J 6 13.67 -8.81 -32.63
CA TYR J 6 14.46 -7.96 -31.81
C TYR J 6 14.20 -8.13 -30.30
N GLN J 7 12.93 -8.08 -29.87
CA GLN J 7 12.65 -8.22 -28.43
C GLN J 7 13.08 -9.58 -27.87
N VAL J 8 12.88 -10.63 -28.66
CA VAL J 8 13.24 -11.97 -28.23
C VAL J 8 14.75 -12.01 -28.04
N GLY J 9 15.50 -11.46 -29.00
CA GLY J 9 16.94 -11.47 -28.88
C GLY J 9 17.43 -10.74 -27.65
N GLN J 10 16.83 -9.57 -27.36
CA GLN J 10 17.24 -8.80 -26.20
C GLN J 10 16.92 -9.53 -24.90
N ARG J 11 15.76 -10.18 -24.87
CA ARG J 11 15.40 -10.97 -23.68
C ARG J 11 16.43 -12.11 -23.51
N ALA J 12 16.78 -12.80 -24.61
CA ALA J 12 17.74 -13.89 -24.53
C ALA J 12 19.08 -13.39 -24.01
N LEU J 13 19.53 -12.25 -24.55
CA LEU J 13 20.81 -11.69 -24.17
C LEU J 13 20.86 -11.29 -22.70
N ILE J 14 19.83 -10.59 -22.23
CA ILE J 14 19.78 -10.17 -20.83
C ILE J 14 19.84 -11.41 -19.92
N GLN J 15 19.06 -12.44 -20.24
CA GLN J 15 19.06 -13.65 -19.42
C GLN J 15 20.42 -14.36 -19.43
N ALA J 16 21.09 -14.39 -20.58
CA ALA J 16 22.39 -15.05 -20.65
C ALA J 16 23.42 -14.28 -19.82
N MET J 17 23.35 -12.96 -19.86
CA MET J 17 24.31 -12.15 -19.13
C MET J 17 24.08 -12.34 -17.62
N GLN J 18 22.82 -12.34 -17.21
CA GLN J 18 22.50 -12.52 -15.79
C GLN J 18 22.91 -13.94 -15.29
N ILE J 19 22.61 -15.00 -16.06
CA ILE J 19 22.94 -16.35 -15.64
C ILE J 19 24.45 -16.55 -15.60
N SER J 20 25.15 -16.07 -16.63
CA SER J 20 26.61 -16.27 -16.68
C SER J 20 27.35 -15.57 -15.53
N ALA J 21 26.72 -14.55 -14.94
CA ALA J 21 27.34 -13.79 -13.84
C ALA J 21 27.02 -14.33 -12.45
N MET J 22 26.18 -15.34 -12.37
CA MET J 22 25.83 -15.92 -11.06
C MET J 22 27.06 -16.53 -10.39
N PRO J 23 27.42 -16.05 -9.18
CA PRO J 23 28.58 -16.59 -8.47
C PRO J 23 28.50 -18.11 -8.29
N GLU J 24 27.30 -18.61 -8.07
CA GLU J 24 27.11 -20.03 -7.89
C GLU J 24 27.47 -20.80 -9.16
N LEU J 25 27.12 -20.24 -10.33
CA LEU J 25 27.43 -20.92 -11.57
C LEU J 25 28.93 -20.84 -11.88
N VAL J 26 29.54 -19.69 -11.57
CA VAL J 26 30.96 -19.51 -11.80
C VAL J 26 31.70 -20.62 -11.02
N GLU J 27 31.31 -20.80 -9.75
CA GLU J 27 31.95 -21.83 -8.93
C GLU J 27 31.73 -23.25 -9.44
N ALA J 28 30.47 -23.57 -9.77
CA ALA J 28 30.15 -24.89 -10.26
C ALA J 28 30.91 -25.21 -11.55
N VAL J 29 31.12 -24.19 -12.40
CA VAL J 29 31.86 -24.41 -13.63
C VAL J 29 33.34 -24.63 -13.33
N GLN J 30 33.88 -23.83 -12.41
CA GLN J 30 35.29 -23.98 -12.04
C GLN J 30 35.51 -25.40 -11.47
N LYS J 31 34.53 -25.90 -10.73
CA LYS J 31 34.65 -27.23 -10.14
C LYS J 31 34.20 -28.35 -11.10
N ARG J 32 33.58 -27.95 -12.21
CA ARG J 32 33.07 -28.90 -13.19
C ARG J 32 32.06 -29.84 -12.55
N ASP J 33 31.24 -29.30 -11.67
CA ASP J 33 30.23 -30.08 -10.96
C ASP J 33 28.97 -30.12 -11.82
N LEU J 34 28.87 -31.12 -12.69
CA LEU J 34 27.71 -31.25 -13.56
C LEU J 34 26.38 -31.27 -12.83
N ALA J 35 26.29 -32.01 -11.72
CA ALA J 35 25.05 -32.08 -10.98
C ALA J 35 24.63 -30.72 -10.41
N ARG J 36 25.59 -29.95 -9.92
CA ARG J 36 25.31 -28.64 -9.35
C ARG J 36 24.87 -27.68 -10.45
N ILE J 37 25.54 -27.76 -11.60
CA ILE J 37 25.16 -26.92 -12.73
C ILE J 37 23.72 -27.25 -13.10
N LYS J 38 23.39 -28.53 -13.20
CA LYS J 38 22.03 -28.95 -13.53
C LYS J 38 21.02 -28.42 -12.50
N ALA J 39 21.39 -28.50 -11.22
CA ALA J 39 20.52 -28.04 -10.14
C ALA J 39 20.26 -26.54 -10.21
N LEU J 40 21.26 -25.81 -10.72
CA LEU J 40 21.15 -24.35 -10.83
C LEU J 40 20.39 -23.92 -12.08
N ILE J 41 20.66 -24.61 -13.19
CA ILE J 41 20.02 -24.25 -14.46
C ILE J 41 18.61 -24.75 -14.66
N ASP J 42 18.31 -25.98 -14.22
CA ASP J 42 16.96 -26.50 -14.42
C ASP J 42 15.83 -25.54 -14.00
N PRO J 43 15.96 -24.84 -12.83
CA PRO J 43 14.87 -23.92 -12.44
C PRO J 43 14.77 -22.61 -13.21
N MET J 44 15.89 -22.16 -13.76
N MET J 44 15.90 -22.13 -13.71
CA MET J 44 15.92 -20.93 -14.56
CA MET J 44 15.91 -20.89 -14.48
C MET J 44 15.38 -21.28 -15.94
C MET J 44 15.37 -21.19 -15.86
N ARG J 45 15.70 -22.49 -16.39
N ARG J 45 15.68 -22.38 -16.36
CA ARG J 45 15.23 -23.00 -17.67
CA ARG J 45 15.19 -22.80 -17.66
C ARG J 45 13.71 -23.10 -17.62
C ARG J 45 13.67 -22.86 -17.53
N SER J 46 13.20 -23.45 -16.44
CA SER J 46 11.78 -23.58 -16.22
C SER J 46 11.07 -22.23 -16.05
N PHE J 47 11.68 -21.31 -15.32
CA PHE J 47 11.13 -19.99 -15.04
C PHE J 47 11.10 -19.15 -16.30
N SER J 48 12.05 -19.43 -17.15
CA SER J 48 12.17 -18.68 -18.40
C SER J 48 11.26 -19.21 -19.48
N ASP J 49 10.89 -18.35 -20.43
CA ASP J 49 10.09 -18.81 -21.54
C ASP J 49 11.04 -19.23 -22.68
N ALA J 50 12.33 -19.20 -22.43
CA ALA J 50 13.30 -19.62 -23.44
C ALA J 50 13.09 -21.10 -23.79
N THR J 51 13.45 -21.48 -25.00
CA THR J 51 13.35 -22.87 -25.44
C THR J 51 14.41 -23.75 -24.76
N TYR J 52 15.61 -23.21 -24.60
CA TYR J 52 16.71 -23.97 -24.01
C TYR J 52 17.77 -23.06 -23.43
N ILE J 53 18.65 -23.66 -22.64
CA ILE J 53 19.81 -22.97 -22.09
C ILE J 53 20.93 -23.98 -22.20
N THR J 54 22.06 -23.55 -22.75
CA THR J 54 23.23 -24.41 -22.89
C THR J 54 24.37 -23.76 -22.09
N VAL J 55 25.13 -24.58 -21.34
CA VAL J 55 26.28 -24.05 -20.60
C VAL J 55 27.48 -24.82 -21.11
N GLY J 56 28.53 -24.11 -21.49
CA GLY J 56 29.74 -24.76 -21.96
C GLY J 56 30.96 -24.33 -21.18
N ASP J 57 32.03 -25.13 -21.22
CA ASP J 57 33.25 -24.75 -20.53
C ASP J 57 34.12 -23.84 -21.42
N ALA J 58 35.35 -23.56 -21.00
CA ALA J 58 36.19 -22.65 -21.73
C ALA J 58 36.52 -23.09 -23.14
N SER J 59 36.42 -24.40 -23.41
CA SER J 59 36.76 -24.91 -24.73
C SER J 59 35.50 -25.22 -25.55
N GLY J 60 34.36 -24.88 -24.99
CA GLY J 60 33.14 -25.15 -25.71
C GLY J 60 32.51 -26.51 -25.45
N GLN J 61 33.09 -27.31 -24.54
CA GLN J 61 32.48 -28.62 -24.27
C GLN J 61 31.23 -28.39 -23.43
N ARG J 62 30.11 -29.00 -23.78
CA ARG J 62 28.91 -28.75 -23.01
C ARG J 62 28.93 -29.31 -21.56
N LEU J 63 28.57 -28.47 -20.59
CA LEU J 63 28.47 -28.87 -19.19
C LEU J 63 26.96 -29.05 -18.87
N TYR J 64 26.11 -28.50 -19.73
CA TYR J 64 24.67 -28.61 -19.56
C TYR J 64 23.98 -28.39 -20.91
N HIS J 65 22.94 -29.19 -21.15
CA HIS J 65 22.13 -29.06 -22.38
C HIS J 65 20.80 -29.69 -22.03
N VAL J 66 19.74 -29.27 -22.69
CA VAL J 66 18.43 -29.83 -22.41
C VAL J 66 18.34 -31.31 -22.78
N ASN J 67 19.17 -31.74 -23.72
N ASN J 67 19.14 -31.75 -23.74
CA ASN J 67 19.23 -33.14 -24.14
CA ASN J 67 19.17 -33.15 -24.12
C ASN J 67 20.48 -33.70 -23.48
C ASN J 67 20.45 -33.71 -23.49
N PRO J 68 20.33 -34.52 -22.42
CA PRO J 68 21.48 -35.09 -21.73
C PRO J 68 22.57 -35.66 -22.63
N ASP J 69 22.19 -36.28 -23.75
CA ASP J 69 23.18 -36.86 -24.66
C ASP J 69 24.19 -35.85 -25.25
N GLU J 70 23.89 -34.56 -25.16
CA GLU J 70 24.78 -33.54 -25.69
C GLU J 70 25.82 -33.07 -24.69
N ILE J 71 25.66 -33.43 -23.42
N ILE J 71 25.66 -33.45 -23.43
CA ILE J 71 26.64 -33.02 -22.42
CA ILE J 71 26.64 -33.05 -22.42
C ILE J 71 27.93 -33.79 -22.64
C ILE J 71 27.94 -33.81 -22.68
N GLY J 72 29.06 -33.11 -22.56
CA GLY J 72 30.35 -33.74 -22.79
C GLY J 72 30.77 -33.63 -24.24
N LYS J 73 29.86 -33.17 -25.10
CA LYS J 73 30.16 -32.99 -26.51
C LYS J 73 30.42 -31.50 -26.77
N SER J 74 31.15 -31.23 -27.86
CA SER J 74 31.53 -29.87 -28.22
C SER J 74 30.43 -29.06 -28.90
N MET J 75 30.43 -27.76 -28.62
CA MET J 75 29.49 -26.81 -29.24
C MET J 75 30.21 -26.56 -30.56
N GLU J 76 29.70 -27.14 -31.65
CA GLU J 76 30.36 -27.01 -32.94
C GLU J 76 29.70 -26.03 -33.92
N GLY J 77 28.74 -25.26 -33.43
CA GLY J 77 27.99 -24.34 -34.32
C GLY J 77 28.82 -23.22 -34.90
N GLY J 78 29.93 -22.87 -34.24
CA GLY J 78 30.80 -21.84 -34.76
C GLY J 78 30.43 -20.43 -34.38
N ASP J 79 29.40 -20.26 -33.53
CA ASP J 79 28.97 -18.92 -33.13
C ASP J 79 29.23 -18.67 -31.64
N SER J 80 30.16 -19.43 -31.07
CA SER J 80 30.53 -19.23 -29.67
C SER J 80 31.91 -18.60 -29.48
N ASP J 81 32.66 -18.42 -30.58
CA ASP J 81 34.02 -17.91 -30.44
C ASP J 81 34.14 -16.52 -29.85
N GLU J 82 33.24 -15.62 -30.20
CA GLU J 82 33.42 -14.27 -29.71
C GLU J 82 33.22 -14.19 -28.20
N ALA J 83 32.39 -15.08 -27.67
CA ALA J 83 32.22 -15.12 -26.22
C ALA J 83 33.42 -15.87 -25.58
N LEU J 84 33.75 -17.02 -26.12
CA LEU J 84 34.83 -17.84 -25.52
C LEU J 84 36.20 -17.23 -25.62
N ILE J 85 36.49 -16.60 -26.75
CA ILE J 85 37.81 -16.03 -26.97
C ILE J 85 37.88 -14.55 -26.63
N ASN J 86 36.87 -13.78 -27.03
CA ASN J 86 36.92 -12.35 -26.81
C ASN J 86 36.01 -11.78 -25.74
N ALA J 87 35.39 -12.67 -24.98
CA ALA J 87 34.52 -12.25 -23.86
C ALA J 87 33.40 -11.30 -24.24
N LYS J 88 32.87 -11.46 -25.47
CA LYS J 88 31.76 -10.62 -25.90
C LYS J 88 30.42 -11.27 -25.57
N SER J 89 29.39 -10.42 -25.42
CA SER J 89 28.01 -10.89 -25.17
C SER J 89 27.21 -10.38 -26.37
N TYR J 90 26.38 -11.25 -26.94
CA TYR J 90 25.69 -10.88 -28.18
C TYR J 90 24.52 -11.78 -28.51
N VAL J 91 23.77 -11.37 -29.53
CA VAL J 91 22.66 -12.16 -30.05
C VAL J 91 23.14 -12.80 -31.35
N SER J 92 22.94 -14.12 -31.44
N SER J 92 22.88 -14.09 -31.51
CA SER J 92 23.32 -14.92 -32.61
CA SER J 92 23.24 -14.76 -32.75
C SER J 92 22.13 -15.78 -33.10
C SER J 92 22.06 -15.60 -33.17
N VAL J 93 22.11 -16.14 -34.39
CA VAL J 93 21.04 -16.97 -34.92
C VAL J 93 21.67 -18.16 -35.57
N ARG J 94 21.19 -19.36 -35.26
CA ARG J 94 21.74 -20.52 -35.91
C ARG J 94 20.82 -21.71 -35.73
N LYS J 95 20.89 -22.60 -36.71
CA LYS J 95 20.14 -23.83 -36.64
C LYS J 95 21.04 -24.93 -36.05
N GLY J 96 20.90 -25.14 -34.74
CA GLY J 96 21.61 -26.20 -34.05
C GLY J 96 20.66 -27.42 -34.00
N SER J 97 21.00 -28.41 -33.18
CA SER J 97 20.17 -29.61 -33.05
C SER J 97 18.71 -29.30 -32.71
N LEU J 98 18.48 -28.22 -31.97
CA LEU J 98 17.13 -27.87 -31.57
C LEU J 98 16.31 -27.01 -32.57
N GLY J 99 16.88 -26.74 -33.74
CA GLY J 99 16.16 -25.95 -34.73
C GLY J 99 16.67 -24.51 -34.82
N SER J 100 16.33 -23.81 -35.90
CA SER J 100 16.77 -22.41 -36.07
C SER J 100 16.33 -21.62 -34.86
N SER J 101 17.31 -21.02 -34.17
CA SER J 101 17.01 -20.30 -32.95
C SER J 101 17.82 -19.04 -32.76
N LEU J 102 17.24 -18.11 -32.05
CA LEU J 102 17.94 -16.89 -31.68
C LEU J 102 18.59 -17.22 -30.34
N ARG J 103 19.86 -16.89 -30.20
CA ARG J 103 20.62 -17.13 -28.97
C ARG J 103 21.17 -15.86 -28.38
N GLY J 104 21.08 -15.77 -27.04
CA GLY J 104 21.72 -14.68 -26.35
C GLY J 104 22.95 -15.41 -25.76
N LYS J 105 24.15 -14.89 -26.01
CA LYS J 105 25.36 -15.58 -25.51
C LYS J 105 26.20 -14.65 -24.68
N SER J 106 26.80 -15.20 -23.59
CA SER J 106 27.62 -14.36 -22.71
C SER J 106 28.65 -15.28 -22.08
N PRO J 107 29.89 -14.78 -21.90
CA PRO J 107 30.94 -15.63 -21.29
C PRO J 107 30.73 -15.73 -19.77
N ILE J 108 31.24 -16.83 -19.21
CA ILE J 108 31.25 -17.02 -17.75
C ILE J 108 32.73 -16.65 -17.46
N GLN J 109 32.98 -15.78 -16.48
CA GLN J 109 34.34 -15.32 -16.18
C GLN J 109 34.68 -15.49 -14.72
N ASP J 110 35.96 -15.71 -14.43
CA ASP J 110 36.31 -15.84 -13.03
C ASP J 110 36.53 -14.43 -12.52
N ALA J 111 36.99 -14.31 -11.28
CA ALA J 111 37.16 -12.99 -10.70
C ALA J 111 38.11 -12.05 -11.40
N THR J 112 39.06 -12.59 -12.15
CA THR J 112 40.00 -11.72 -12.85
C THR J 112 39.52 -11.38 -14.26
N GLY J 113 38.32 -11.83 -14.60
CA GLY J 113 37.77 -11.60 -15.93
C GLY J 113 38.14 -12.67 -16.94
N LYS J 114 38.92 -13.68 -16.51
CA LYS J 114 39.29 -14.71 -17.46
C LYS J 114 38.07 -15.53 -17.87
N VAL J 115 37.92 -15.80 -19.16
CA VAL J 115 36.77 -16.59 -19.58
C VAL J 115 36.92 -18.07 -19.21
N ILE J 116 35.93 -18.59 -18.48
CA ILE J 116 35.95 -19.99 -18.09
C ILE J 116 34.78 -20.78 -18.67
N GLY J 117 33.95 -20.12 -19.46
CA GLY J 117 32.85 -20.83 -20.04
C GLY J 117 31.90 -19.89 -20.76
N ILE J 118 30.74 -20.41 -21.09
CA ILE J 118 29.72 -19.64 -21.86
C ILE J 118 28.30 -20.09 -21.54
N VAL J 119 27.37 -19.14 -21.54
CA VAL J 119 25.94 -19.45 -21.35
C VAL J 119 25.23 -19.01 -22.65
N SER J 120 24.38 -19.87 -23.18
CA SER J 120 23.60 -19.55 -24.37
C SER J 120 22.13 -19.81 -24.05
N VAL J 121 21.32 -18.77 -24.18
CA VAL J 121 19.88 -18.86 -23.90
C VAL J 121 19.23 -18.75 -25.28
N GLY J 122 18.51 -19.79 -25.66
CA GLY J 122 17.92 -19.82 -26.98
C GLY J 122 16.41 -19.90 -27.10
N TYR J 123 15.90 -19.30 -28.18
CA TYR J 123 14.47 -19.33 -28.48
C TYR J 123 14.34 -19.86 -29.91
N THR J 124 13.75 -21.04 -30.09
N THR J 124 13.70 -21.01 -30.06
CA THR J 124 13.58 -21.62 -31.44
CA THR J 124 13.50 -21.52 -31.39
C THR J 124 12.45 -20.87 -32.19
C THR J 124 12.49 -20.60 -32.07
N ILE J 125 12.80 -20.20 -33.29
CA ILE J 125 11.90 -19.34 -34.02
C ILE J 125 10.55 -19.93 -34.39
N GLU J 126 10.57 -21.18 -34.81
CA GLU J 126 9.32 -21.77 -35.27
C GLU J 126 8.38 -21.93 -34.08
N GLN J 127 8.94 -21.93 -32.88
CA GLN J 127 8.14 -22.04 -31.67
C GLN J 127 7.68 -20.75 -30.98
N LEU J 128 8.01 -19.57 -31.53
CA LEU J 128 7.58 -18.30 -30.97
C LEU J 128 6.04 -18.17 -31.05
N GLU J 129 5.44 -17.63 -29.99
CA GLU J 129 3.99 -17.36 -29.96
C GLU J 129 3.90 -15.93 -30.55
N HIS J 130 3.51 -15.80 -31.85
CA HIS J 130 3.47 -14.52 -32.59
C HIS J 130 2.53 -13.42 -32.10
N HIS J 131 2.81 -12.19 -32.51
CA HIS J 131 1.99 -11.04 -32.13
C HIS J 131 1.22 -10.53 -33.36
CAC FLC K . -21.64 -21.73 23.28
CA FLC K . -20.62 -22.86 22.94
CB FLC K . -19.33 -22.31 22.18
CBC FLC K . -19.61 -21.77 20.72
CG FLC K . -18.18 -23.42 22.19
CGC FLC K . -16.84 -23.08 21.53
OA1 FLC K . -22.18 -21.11 22.37
OA2 FLC K . -21.76 -21.49 24.48
OB1 FLC K . -20.27 -22.47 19.94
OB2 FLC K . -19.10 -20.68 20.39
OG1 FLC K . -16.55 -21.86 21.23
OG2 FLC K . -16.10 -24.01 21.31
OHB FLC K . -18.74 -21.20 22.88
NA NA L . -9.01 -34.11 15.69
MO1 MO7 M . -15.21 -34.09 41.59
O1 MO7 M . -14.36 -35.46 41.48
O2 MO7 M . -16.16 -32.22 41.43
O3 MO7 M . -16.51 -34.39 40.20
O4 MO7 M . -16.28 -34.38 43.00
O5 MO7 M . -14.08 -33.55 39.72
MO2 MO7 M . -17.44 -32.27 43.17
O6 MO7 M . -18.20 -30.82 43.16
O7 MO7 M . -18.45 -33.10 41.81
O8 MO7 M . -18.13 -33.09 44.58
MO3 MO7 M . -17.74 -32.54 40.03
O9 MO7 M . -16.41 -32.40 38.57
O10 MO7 M . -18.28 -30.90 39.99
O11 MO7 M . -18.99 -33.37 39.17
MO4 MO7 M . -15.47 -34.09 38.19
O12 MO7 M . -14.59 -35.75 38.63
O13 MO7 M . -16.84 -34.92 37.47
O14 MO7 M . -14.51 -33.52 36.82
MO5 MO7 M . -12.93 -35.31 39.47
O15 MO7 M . -11.97 -35.01 38.05
O16 MO7 M . -12.44 -36.90 39.93
O17 MO7 M . -13.86 -32.96 42.31
O18 MO7 M . -15.80 -31.67 43.91
O19 MO7 M . -11.95 -34.29 40.76
MO6 MO7 M . -14.71 -30.96 42.40
MO7 MO7 M . -12.45 -32.47 40.63
O20 MO7 M . -13.62 -30.97 40.78
O21 MO7 M . -15.49 -29.55 42.16
O22 MO7 M . -13.40 -30.53 43.49
O23 MO7 M . -11.29 -31.95 41.86
O24 MO7 M . -11.65 -32.03 39.14
OM1 OMO N . -18.59 -18.40 22.11
MO OMO N . -17.50 -19.90 21.75
OR1 OMO N . -16.36 -19.74 23.02
OM2 OMO N . -16.64 -19.31 20.36
CAC FLC O . 3.13 24.17 -17.54
CA FLC O . 2.24 23.86 -18.79
CB FLC O . 1.02 22.86 -18.52
CBC FLC O . 1.44 21.35 -18.18
CG FLC O . 0.00 22.95 -19.76
CGC FLC O . -1.26 22.11 -19.67
OA1 FLC O . 3.77 23.28 -17.01
OA2 FLC O . 3.09 25.32 -17.16
OB1 FLC O . 2.23 20.76 -18.91
OB2 FLC O . 0.89 20.84 -17.17
OG1 FLC O . -1.62 21.69 -18.54
OG2 FLC O . -1.87 21.93 -20.73
OHB FLC O . 0.25 23.37 -17.46
NA NA P . -7.31 16.74 -32.09
MO1 MO7 Q . -4.37 43.03 -28.54
O1 MO7 Q . -5.16 42.95 -30.01
O2 MO7 Q . -3.60 42.77 -26.61
O3 MO7 Q . -2.90 41.92 -28.81
O4 MO7 Q . -3.56 44.67 -28.55
O5 MO7 Q . -5.35 41.03 -28.31
MO2 MO7 Q . -2.51 44.64 -26.34
O6 MO7 Q . -1.82 44.51 -24.79
O7 MO7 Q . -1.26 43.58 -27.19
O8 MO7 Q . -1.96 46.24 -26.94
MO3 MO7 Q . -1.79 41.62 -26.97
O9 MO7 Q . -2.91 39.97 -27.18
O10 MO7 Q . -1.39 41.40 -25.32
O11 MO7 Q . -0.53 41.03 -27.70
MO4 MO7 Q . -3.67 39.73 -28.93
O12 MO7 Q . -4.55 40.27 -30.55
O13 MO7 Q . -2.24 39.26 -29.71
O14 MO7 Q . -4.48 38.14 -28.59
MO5 MO7 Q . -6.29 40.85 -30.19
O15 MO7 Q . -7.10 39.25 -30.13
O16 MO7 Q . -6.76 41.39 -31.79
O17 MO7 Q . -5.84 43.50 -27.50
O18 MO7 Q . -4.25 45.13 -25.89
O19 MO7 Q . -7.50 41.88 -29.18
MO6 MO7 Q . -5.21 43.41 -25.41
MO7 MO7 Q . -7.12 41.61 -27.29
O20 MO7 Q . -6.10 41.66 -25.72
O21 MO7 Q . -4.47 43.07 -23.96
O22 MO7 Q . -6.60 44.24 -25.06
O23 MO7 Q . -8.47 42.57 -26.72
O24 MO7 Q . -7.77 39.90 -27.07
OM1 OMO R . -0.14 22.23 -14.76
MO OMO R . -0.94 22.00 -16.44
OR1 OMO R . -2.18 23.06 -16.30
OM2 OMO R . -1.64 20.36 -16.21
CAC FLC S . 44.59 -15.54 -1.80
CA FLC S . 45.68 -15.67 -0.76
CB FLC S . 47.12 -15.24 -1.28
CBC FLC S . 47.71 -16.20 -2.39
CG FLC S . 48.13 -15.16 -0.01
CGC FLC S . 49.57 -14.70 -0.32
OA1 FLC S . 44.58 -16.24 -2.79
OA2 FLC S . 43.80 -14.59 -1.62
OB1 FLC S . 47.70 -17.43 -2.15
OB2 FLC S . 48.24 -15.66 -3.41
OG1 FLC S . 49.82 -14.18 -1.44
OG2 FLC S . 50.40 -14.85 0.53
OHB FLC S . 47.14 -13.91 -1.92
NA NA T . 60.36 -19.21 8.67
MO1 MO7 U . 40.24 -4.38 17.79
O1 MO7 U . 41.06 -4.53 19.17
O2 MO7 U . 39.45 -4.21 15.94
O3 MO7 U . 39.96 -6.21 17.16
O4 MO7 U . 38.61 -4.07 18.42
O5 MO7 U . 42.22 -4.82 16.90
MO2 MO7 U . 37.37 -3.72 16.32
O6 MO7 U . 36.69 -3.69 14.91
O7 MO7 U . 37.40 -5.66 16.33
O8 MO7 U . 35.97 -3.43 17.39
MO3 MO7 U . 39.00 -6.24 15.30
O9 MO7 U . 40.91 -6.47 14.96
O10 MO7 U . 38.46 -5.95 13.76
O11 MO7 U . 38.63 -7.94 15.56
MO4 MO7 U . 42.00 -6.92 16.42
O12 MO7 U . 42.61 -6.85 18.19
O13 MO7 U . 41.37 -8.59 16.65
O14 MO7 U . 43.54 -7.14 15.57
MO5 MO7 U . 43.40 -5.11 18.54
O15 MO7 U . 44.92 -5.44 17.89
O16 MO7 U . 43.71 -5.25 20.25
O17 MO7 U . 40.65 -2.53 17.28
O18 MO7 U . 38.19 -1.98 16.35
O19 MO7 U . 43.39 -3.17 18.31
MO6 MO7 U . 39.91 -2.17 15.42
MO7 MO7 U . 42.87 -2.81 16.54
O20 MO7 U . 41.78 -2.76 15.10
O21 MO7 U . 39.32 -2.25 13.93
O22 MO7 U . 40.24 -0.42 15.70
O23 MO7 U . 43.02 -0.98 16.75
O24 MO7 U . 44.34 -3.19 15.72
OM1 OMO V . 47.51 -13.28 -4.58
MO OMO V . 48.60 -13.54 -3.23
OR1 OMO V . 48.76 -11.80 -2.67
OM2 OMO V . 50.04 -13.79 -4.08
CAC FLC W . 29.22 20.82 2.13
CA FLC W . 28.11 21.83 1.94
CB FLC W . 26.66 21.20 2.10
CBC FLC W . 26.27 20.18 0.96
CG FLC W . 25.58 22.37 2.19
CGC FLC W . 24.10 21.95 2.42
OA1 FLC W . 29.37 19.90 1.34
OA2 FLC W . 29.88 20.97 3.16
OB1 FLC W . 26.42 20.52 -0.24
OB2 FLC W . 25.76 19.09 1.32
OG1 FLC W . 23.82 20.76 2.74
OG2 FLC W . 23.28 22.84 2.29
OHB FLC W . 26.53 20.50 3.36
NA NA X . 13.48 31.01 -2.43
MO1 MO7 Y . 31.07 39.20 15.88
O1 MO7 Y . 30.15 40.51 15.81
O2 MO7 Y . 31.97 37.32 15.96
O3 MO7 Y . 31.52 38.85 14.02
O4 MO7 Y . 32.56 39.90 16.52
O5 MO7 Y . 29.23 38.14 15.08
MO2 MO7 Y . 33.94 37.80 16.74
O6 MO7 Y . 34.65 36.33 16.77
O7 MO7 Y . 34.11 38.05 14.85
O8 MO7 Y . 35.15 38.92 17.35
MO3 MO7 Y . 32.67 36.99 13.93
O9 MO7 Y . 30.85 36.50 13.40
O10 MO7 Y . 33.22 35.40 14.19
O11 MO7 Y . 33.31 37.38 12.39
MO4 MO7 Y . 29.69 38.03 12.99
O12 MO7 Y . 29.01 39.80 13.26
O13 MO7 Y . 30.52 38.50 11.48
O14 MO7 Y . 28.26 37.14 12.49
MO5 MO7 Y . 27.95 39.83 14.86
O15 MO7 Y . 26.50 39.13 14.24
O16 MO7 Y . 27.58 41.50 14.98
O17 MO7 Y . 30.39 38.42 17.53
O18 MO7 Y . 32.88 37.62 18.32
O19 MO7 Y . 27.79 39.35 16.74
MO6 MO7 Y . 31.29 36.56 17.84
MO7 MO7 Y . 28.33 37.58 16.96
O20 MO7 Y . 29.52 36.15 17.00
O21 MO7 Y . 31.97 35.12 17.73
O22 MO7 Y . 30.69 36.65 19.48
O23 MO7 Y . 27.95 37.60 18.77
O24 MO7 Y . 26.95 36.72 16.26
OM1 OMO Z . 26.27 17.63 3.69
MO OMO Z . 25.07 18.98 3.38
OR1 OMO Z . 24.65 19.37 5.05
OM2 OMO Z . 23.68 18.05 2.81
CAC FLC AA . -19.63 -4.17 -5.99
CA FLC AA . -19.52 -4.37 -7.51
CB FLC AA . -18.43 -3.43 -8.22
CBC FLC AA . -18.79 -1.86 -8.18
CG FLC AA . -18.19 -3.93 -9.71
CGC FLC AA . -17.07 -3.20 -10.49
OA1 FLC AA . -20.00 -3.08 -5.53
OA2 FLC AA . -19.29 -5.14 -5.34
OB1 FLC AA . -19.89 -1.50 -8.58
OB2 FLC AA . -17.87 -1.08 -7.77
OG1 FLC AA . -16.28 -2.44 -9.85
OG2 FLC AA . -17.03 -3.45 -11.65
OHB FLC AA . -17.19 -3.60 -7.57
NA NA BA . -18.23 -2.54 -25.15
MO1 MO7 CA . -16.24 -25.96 -12.54
O1 MO7 CA . -16.29 -26.41 -14.16
O2 MO7 CA . -16.03 -25.04 -10.72
O3 MO7 CA . -17.77 -24.86 -12.41
O4 MO7 CA . -16.75 -27.37 -11.56
O5 MO7 CA . -15.48 -24.08 -13.48
MO2 MO7 CA . -16.66 -26.62 -9.38
O6 MO7 CA . -16.58 -25.95 -7.83
O7 MO7 CA . -18.29 -25.77 -9.86
O8 MO7 CA . -17.25 -28.28 -9.04
MO3 MO7 CA . -17.88 -23.91 -10.49
O9 MO7 CA . -17.16 -22.56 -11.72
O10 MO7 CA . -17.43 -23.15 -9.00
O11 MO7 CA . -19.52 -23.48 -10.63
MO4 MO7 CA . -17.32 -22.94 -13.58
O12 MO7 CA . -17.29 -24.01 -15.14
O13 MO7 CA . -19.03 -22.65 -13.68
O14 MO7 CA . -16.67 -21.38 -14.23
MO5 MO7 CA . -15.53 -24.59 -15.50
O15 MO7 CA . -14.94 -23.12 -16.27
O16 MO7 CA . -15.83 -25.64 -16.84
O17 MO7 CA . -14.36 -26.13 -12.12
O18 MO7 CA . -14.81 -27.04 -9.64
O19 MO7 CA . -13.85 -25.28 -14.92
MO6 MO7 CA . -13.97 -25.34 -10.26
MO7 MO7 CA . -13.36 -24.39 -13.29
O20 MO7 CA . -13.51 -23.90 -11.47
O21 MO7 CA . -14.00 -24.50 -8.82
O22 MO7 CA . -12.41 -26.17 -10.35
O23 MO7 CA . -11.82 -25.25 -13.13
O24 MO7 CA . -12.87 -22.82 -13.92
OM1 OMO DA . -15.79 -1.71 -5.95
MO OMO DA . -15.83 -2.00 -7.74
OR1 OMO DA . -14.47 -3.05 -7.90
OM2 OMO DA . -15.30 -0.46 -8.37
CAC FLC EA . -40.14 11.97 14.62
CA FLC EA . -40.66 12.54 15.91
CB FLC EA . -42.13 12.08 16.30
CBC FLC EA . -43.22 12.68 15.36
CG FLC EA . -42.37 12.49 17.82
CGC FLC EA . -43.74 12.11 18.38
OA1 FLC EA . -40.63 12.30 13.56
OA2 FLC EA . -39.23 11.10 14.75
OB1 FLC EA . -43.18 13.92 15.11
OB2 FLC EA . -44.10 11.87 14.93
OG1 FLC EA . -44.44 11.26 17.77
OG2 FLC EA . -44.07 12.64 19.41
OHB FLC EA . -42.38 10.63 16.23
NA NA FA . -49.54 20.41 29.24
MO1 MO7 GA . -26.21 7.94 32.44
O1 MO7 GA . -26.33 8.61 33.93
O2 MO7 GA . -26.36 7.08 30.66
O3 MO7 GA . -26.42 9.35 31.14
O4 MO7 GA . -24.45 7.70 32.26
O5 MO7 GA . -28.43 8.18 32.46
MO2 MO7 GA . -24.29 6.58 30.14
O6 MO7 GA . -24.35 6.01 28.68
O7 MO7 GA . -24.51 8.40 29.52
O8 MO7 GA . -22.55 6.53 30.51
MO3 MO7 GA . -26.46 8.74 29.20
O9 MO7 GA . -28.31 9.02 29.70
O10 MO7 GA . -26.72 7.85 27.79
O11 MO7 GA . -26.20 10.35 28.60
MO4 MO7 GA . -28.62 9.98 31.29
O12 MO7 GA . -28.32 10.53 33.05
O13 MO7 GA . -28.12 11.60 30.63
O14 MO7 GA . -30.38 10.07 31.26
MO5 MO7 GA . -28.70 9.12 34.29
O15 MO7 GA . -30.40 9.37 34.38
O16 MO7 GA . -28.22 9.82 35.77
O17 MO7 GA . -26.66 6.08 32.81
O18 MO7 GA . -24.83 5.01 31.14
O19 MO7 GA . -28.65 7.22 34.76
MO6 MO7 GA . -26.82 5.02 31.11
MO7 MO7 GA . -28.96 6.23 33.20
O20 MO7 GA . -28.66 5.64 31.50
O21 MO7 GA . -27.02 4.60 29.57
O22 MO7 GA . -26.88 3.52 32.05
O23 MO7 GA . -28.80 4.63 34.06
O24 MO7 GA . -30.68 6.46 33.12
OM1 OMO HA . -43.80 9.12 14.47
MO OMO HA . -44.15 9.98 16.01
OR1 OMO HA . -43.98 8.61 17.25
OM2 OMO HA . -45.81 10.11 15.85
CAC FLC IA . 1.31 -2.56 -6.13
CA FLC IA . 1.26 -4.05 -6.41
CB FLC IA . 0.14 -4.89 -5.61
CBC FLC IA . 0.40 -4.94 -4.03
CG FLC IA . -0.02 -6.31 -6.25
CGC FLC IA . -1.08 -7.21 -5.60
OA1 FLC IA . 1.65 -2.14 -5.03
OA2 FLC IA . 0.97 -1.81 -7.09
OB1 FLC IA . 1.51 -5.32 -3.62
OB2 FLC IA . -0.58 -4.65 -3.30
OG1 FLC IA . -1.95 -6.69 -4.84
OG2 FLC IA . -0.99 -8.42 -5.88
OHB FLC IA . -1.14 -4.28 -5.76
NA NA JA . 1.07 -21.87 -5.83
MO1 MO7 KA . 0.03 -7.72 -28.49
O1 MO7 KA . 0.11 -9.22 -29.09
O2 MO7 KA . -0.27 -6.00 -27.51
O3 MO7 KA . 1.40 -7.45 -27.13
O4 MO7 KA . 0.70 -6.63 -29.79
O5 MO7 KA . -0.78 -8.80 -26.77
MO2 MO7 KA . 0.43 -4.51 -28.96
O6 MO7 KA . 0.13 -3.05 -28.21
O7 MO7 KA . 1.97 -4.95 -27.97
O8 MO7 KA . 1.22 -4.05 -30.50
MO3 MO7 KA . 1.43 -5.76 -26.21
O9 MO7 KA . 0.64 -7.12 -24.99
O10 MO7 KA . 0.91 -4.41 -25.51
O11 MO7 KA . 3.04 -5.97 -25.69
MO4 MO7 KA . 0.94 -8.92 -25.47
O12 MO7 KA . 0.99 -10.35 -26.50
O13 MO7 KA . 2.65 -9.04 -25.12
O14 MO7 KA . 0.15 -9.66 -24.00
MO5 MO7 KA . -0.66 -10.77 -27.39
O15 MO7 KA . -1.38 -11.66 -26.01
O16 MO7 KA . -0.28 -12.03 -28.39
O17 MO7 KA . -1.87 -7.38 -28.78
O18 MO7 KA . -1.33 -4.87 -29.56
O19 MO7 KA . -2.37 -10.16 -28.13
MO6 MO7 KA . -2.33 -5.58 -27.94
MO7 MO7 KA . -2.90 -8.66 -27.24
O20 MO7 KA . -2.87 -6.87 -26.58
O21 MO7 KA . -2.51 -4.22 -27.08
O22 MO7 KA . -3.82 -5.70 -28.92
O23 MO7 KA . -4.42 -8.57 -28.24
O24 MO7 KA . -3.46 -9.39 -25.69
OM1 OMO LA . -2.73 -2.94 -3.95
MO OMO LA . -2.54 -4.66 -4.36
OR1 OMO LA . -3.86 -4.81 -5.59
OM2 OMO LA . -3.15 -5.36 -2.89
CAC FLC MA . 25.75 -26.13 45.76
CA FLC MA . 25.55 -24.82 45.02
CB FLC MA . 26.89 -23.96 44.82
CBC FLC MA . 27.43 -23.33 46.20
CG FLC MA . 26.62 -22.87 43.70
CGC FLC MA . 27.81 -21.90 43.41
OA1 FLC MA . 26.03 -26.12 46.95
OA2 FLC MA . 25.70 -27.16 45.07
OB1 FLC MA . 26.64 -22.74 46.94
OB2 FLC MA . 28.64 -23.50 46.46
OG1 FLC MA . 28.94 -22.22 43.75
OG2 FLC MA . 27.49 -20.87 42.85
OHB FLC MA . 27.94 -24.77 44.27
NA NA NA . 24.96 -8.00 39.22
MO1 MO7 OA . 15.95 -28.83 25.06
O1 MO7 OA . 15.50 -27.53 24.17
O2 MO7 OA . 16.85 -30.17 26.35
O3 MO7 OA . 15.31 -28.40 26.81
O4 MO7 OA . 14.78 -30.11 24.55
O5 MO7 OA . 17.40 -27.28 25.75
MO2 MO7 OA . 15.70 -31.95 25.98
O6 MO7 OA . 16.26 -33.07 26.99
O7 MO7 OA . 14.70 -31.04 27.33
O8 MO7 OA . 14.34 -32.83 25.15
MO3 MO7 OA . 15.95 -29.76 28.27
O9 MO7 OA . 17.07 -28.14 28.45
O10 MO7 OA . 16.76 -30.82 29.20
O11 MO7 OA . 14.75 -29.28 29.38
MO4 MO7 OA . 16.46 -26.62 27.59
O12 MO7 OA . 15.67 -25.64 26.17
O13 MO7 OA . 15.11 -26.29 28.67
O14 MO7 OA . 17.76 -25.48 28.16
MO5 MO7 OA . 16.82 -25.64 24.62
O15 MO7 OA . 17.98 -24.39 25.11
O16 MO7 OA . 15.84 -24.81 23.49
O17 MO7 OA . 17.44 -29.38 24.02
O18 MO7 OA . 16.96 -32.01 24.55
O19 MO7 OA . 17.91 -26.62 23.38
MO6 MO7 OA . 18.51 -30.87 25.15
MO7 MO7 OA . 19.05 -27.76 24.41
O20 MO7 OA . 19.41 -29.17 25.56
O21 MO7 OA . 19.06 -31.83 26.30
O22 MO7 OA . 19.36 -31.23 23.68
O23 MO7 OA . 19.91 -28.42 23.00
O24 MO7 OA . 20.22 -26.58 25.09
OM1 OMO PA . 30.28 -25.62 45.50
MO OMO PA . 29.83 -24.08 44.67
OR1 OMO PA . 30.45 -24.52 43.05
OM2 OMO PA . 31.07 -22.96 45.32
CAC FLC QA . -45.71 41.52 -25.55
CA FLC QA . -45.61 40.66 -24.28
CB FLC QA . -46.98 40.23 -23.57
CBC FLC QA . -47.70 41.47 -22.87
CG FLC QA . -46.71 39.05 -22.54
CGC FLC QA . -47.93 38.55 -21.72
OA1 FLC QA . -46.10 42.68 -25.48
OA2 FLC QA . -45.39 40.94 -26.62
OB1 FLC QA . -47.04 42.16 -22.07
OB2 FLC QA . -48.90 41.64 -23.13
OG1 FLC QA . -49.08 38.83 -22.10
OG2 FLC QA . -47.66 37.92 -20.72
OHB FLC QA . -47.96 39.67 -24.50
NA NA RA . -46.12 33.04 -8.12
MO1 MO7 SA . -33.43 22.63 -29.20
O1 MO7 SA . -32.95 21.65 -28.02
O2 MO7 SA . -34.34 23.95 -30.47
O3 MO7 SA . -33.11 24.43 -28.52
O4 MO7 SA . -32.11 22.48 -30.38
O5 MO7 SA . -35.10 22.90 -27.77
MO2 MO7 SA . -33.00 24.05 -32.18
O6 MO7 SA . -33.66 25.11 -33.22
O7 MO7 SA . -32.28 25.33 -30.88
O8 MO7 SA . -31.53 23.52 -33.03
MO3 MO7 SA . -33.77 25.89 -29.70
O9 MO7 SA . -35.08 25.67 -28.25
O10 MO7 SA . -34.67 26.75 -30.79
O11 MO7 SA . -32.79 27.15 -28.95
MO4 MO7 SA . -34.51 24.70 -26.74
O12 MO7 SA . -33.67 23.31 -25.82
O13 MO7 SA . -33.33 25.94 -26.13
O14 MO7 SA . -35.98 24.92 -25.73
MO5 MO7 SA . -34.55 21.65 -26.21
O15 MO7 SA . -35.81 21.81 -25.04
O16 MO7 SA . -33.55 20.56 -25.43
O17 MO7 SA . -34.78 21.50 -30.02
O18 MO7 SA . -34.09 22.52 -32.58
O19 MO7 SA . -35.45 20.47 -27.41
MO6 MO7 SA . -35.76 22.70 -31.49
MO7 MO7 SA . -36.51 21.47 -28.57
O20 MO7 SA . -36.90 22.70 -29.88
O21 MO7 SA . -36.46 23.90 -32.29
O22 MO7 SA . -36.39 21.19 -32.15
O23 MO7 SA . -37.08 19.95 -29.39
O24 MO7 SA . -37.83 21.83 -27.44
OM1 OMO TA . -50.22 40.65 -25.48
MO OMO TA . -49.85 39.78 -24.01
OR1 OMO TA . -50.14 38.07 -24.67
OM2 OMO TA . -51.22 40.07 -23.04
CAC FLC UA . 21.20 -26.70 -29.96
CA FLC UA . 21.58 -25.47 -29.16
CB FLC UA . 23.09 -24.96 -29.37
CBC FLC UA . 24.15 -25.95 -28.74
CG FLC UA . 23.24 -23.50 -28.79
CGC FLC UA . 24.64 -22.85 -28.93
OA1 FLC UA . 21.72 -27.80 -29.74
OA2 FLC UA . 20.38 -26.50 -30.88
OB1 FLC UA . 24.04 -26.28 -27.54
OB2 FLC UA . 25.06 -26.30 -29.47
OG1 FLC UA . 25.47 -23.39 -29.72
OG2 FLC UA . 24.79 -21.85 -28.25
OHB FLC UA . 23.51 -24.89 -30.79
NA NA VA . 28.86 -12.77 -18.81
MO1 MO7 WA . 6.91 -9.21 -33.55
O1 MO7 WA . 6.91 -7.83 -32.80
O2 MO7 WA . 7.24 -10.93 -34.56
O3 MO7 WA . 7.11 -10.62 -32.23
O4 MO7 WA . 5.25 -9.46 -34.03
O5 MO7 WA . 9.06 -9.07 -33.07
MO2 MO7 WA . 5.30 -11.52 -35.31
O6 MO7 WA . 5.48 -12.93 -36.09
O7 MO7 WA . 5.39 -12.21 -33.46
O8 MO7 WA . 3.57 -11.25 -35.43
MO3 MO7 WA . 7.28 -12.46 -33.02
O9 MO7 WA . 9.08 -11.89 -32.48
O10 MO7 WA . 7.60 -13.73 -33.95
O11 MO7 WA . 6.85 -13.25 -31.46
MO4 MO7 WA . 9.19 -10.40 -31.38
O12 MO7 WA . 8.74 -8.74 -30.72
O13 MO7 WA . 8.58 -11.21 -29.86
O14 MO7 WA . 10.93 -10.39 -31.17
MO5 MO7 WA . 9.18 -7.36 -31.99
O15 MO7 WA . 10.85 -7.24 -31.56
O16 MO7 WA . 8.59 -5.99 -31.30
O17 MO7 WA . 7.62 -8.61 -35.30
O18 MO7 WA . 5.93 -10.31 -36.67
O19 MO7 WA . 9.27 -6.73 -33.83
MO6 MO7 WA . 7.90 -10.25 -36.51
MO7 MO7 WA . 9.78 -8.15 -34.89
O20 MO7 WA . 9.62 -9.78 -35.69
O21 MO7 WA . 8.22 -11.68 -37.11
O22 MO7 WA . 7.99 -9.09 -37.87
O23 MO7 WA . 9.77 -7.11 -36.40
O24 MO7 WA . 11.46 -8.21 -34.48
OM1 OMO XA . 25.06 -26.31 -32.23
MO OMO XA . 25.35 -24.96 -31.22
OR1 OMO XA . 25.24 -23.61 -32.50
OM2 OMO XA . 27.01 -25.09 -30.97
#